data_1GYV
# 
_entry.id   1GYV 
# 
_audit_conform.dict_name       mmcif_pdbx.dic 
_audit_conform.dict_version    5.382 
_audit_conform.dict_location   http://mmcif.pdb.org/dictionaries/ascii/mmcif_pdbx.dic 
# 
loop_
_database_2.database_id 
_database_2.database_code 
_database_2.pdbx_database_accession 
_database_2.pdbx_DOI 
PDB   1GYV         pdb_00001gyv 10.2210/pdb1gyv/pdb 
PDBE  EBI-9792     ?            ?                   
WWPDB D_1290009792 ?            ?                   
# 
loop_
_pdbx_database_related.db_name 
_pdbx_database_related.db_id 
_pdbx_database_related.content_type 
_pdbx_database_related.details 
PDB 1GYU unspecified 'GAMMA-ADAPTIN APPENDAGE DOMAIN FROM CLATHRIN ADAPTOR AP1'               
PDB 1GYW unspecified 'GAMMA-ADAPTIN APPENDAGE DOMAIN FROM CLATHRIN ADAPTOR AP1, A753D MUTANT' 
# 
_pdbx_database_status.status_code                     REL 
_pdbx_database_status.entry_id                        1GYV 
_pdbx_database_status.deposit_site                    PDBE 
_pdbx_database_status.process_site                    PDBE 
_pdbx_database_status.SG_entry                        . 
_pdbx_database_status.recvd_initial_deposition_date   2002-04-30 
_pdbx_database_status.pdb_format_compatible           Y 
_pdbx_database_status.status_code_sf                  REL 
_pdbx_database_status.status_code_mr                  ? 
_pdbx_database_status.status_code_cs                  ? 
_pdbx_database_status.methods_development_category    ? 
_pdbx_database_status.status_code_nmr_data            ? 
# 
loop_
_audit_author.name 
_audit_author.pdbx_ordinal 
_audit_author.identifier_ORCID 
'Evans, P.R.'   1 ? 
'Owen, D.J.'    2 ? 
'McMahon, H.M.' 3 ? 
'Kent, H.M.'    4 ? 
# 
_citation.id                        primary 
_citation.title                     'Gamma-adaptin appendage domain: structure and binding site for Eps15 and gamma-synergin.' 
_citation.journal_abbrev            Structure 
_citation.journal_volume            10 
_citation.page_first                1139 
_citation.page_last                 1148 
_citation.year                      2002 
_citation.journal_id_ASTM           STRUE6 
_citation.country                   UK 
_citation.journal_id_ISSN           0969-2126 
_citation.journal_id_CSD            2005 
_citation.book_publisher            ? 
_citation.pdbx_database_id_PubMed   12176391 
_citation.pdbx_database_id_DOI      '10.1016/s0969-2126(02)00801-8' 
# 
loop_
_citation_author.citation_id 
_citation_author.name 
_citation_author.ordinal 
_citation_author.identifier_ORCID 
primary 'Kent, H.M.'    1 ? 
primary 'McMahon, H.T.' 2 ? 
primary 'Evans, P.R.'   3 ? 
primary 'Benmerah, A.'  4 ? 
primary 'Owen, D.J.'    5 ? 
# 
_cell.entry_id           1GYV 
_cell.length_a           33.720 
_cell.length_b           54.820 
_cell.length_c           67.480 
_cell.angle_alpha        90.00 
_cell.angle_beta         90.00 
_cell.angle_gamma        90.00 
_cell.Z_PDB              4 
_cell.pdbx_unique_axis   ? 
# 
_symmetry.entry_id                         1GYV 
_symmetry.space_group_name_H-M             'P 21 21 21' 
_symmetry.pdbx_full_space_group_name_H-M   ? 
_symmetry.cell_setting                     ? 
_symmetry.Int_Tables_number                19 
# 
loop_
_entity.id 
_entity.type 
_entity.src_method 
_entity.pdbx_description 
_entity.formula_weight 
_entity.pdbx_number_of_molecules 
_entity.pdbx_ec 
_entity.pdbx_mutation 
_entity.pdbx_fragment 
_entity.details 
1 polymer man 'ADAPTER-RELATED PROTEIN COMPLEX 1 GAMMA 1 SUBUNIT' 13433.230 1   ? YES 'APPENDAGE DOMAIN, RESIDUES 703-821' ? 
2 water   nat water                                               18.015    191 ? ?   ?                                    ? 
# 
_entity_name_com.entity_id   1 
_entity_name_com.name        
'GAMMA-ADAPTIN, GOLGI ADAPTOR HA1/AP1 ADAPTIN GAMMA SUBUNIT, CLATHRIN ASSEMBLY PROTEIN COMPLEX 1 GAMMA LARGE CHAIN' 
# 
_entity_poly.entity_id                      1 
_entity_poly.type                           'polypeptide(L)' 
_entity_poly.nstd_linkage                   no 
_entity_poly.nstd_monomer                   no 
_entity_poly.pdbx_seq_one_letter_code       
;MIPSITAYSKNGLKIEFTFERSNTNPSVTVITIQASNSTELDMTDFVFQAAVPKTFQLQELSPSSSVVPAFNTGTITQVI
KVLNPQKQQLRMRIKLTYNHKGSAMQDLAEVNNFPPQSWQ
;
_entity_poly.pdbx_seq_one_letter_code_can   
;MIPSITAYSKNGLKIEFTFERSNTNPSVTVITIQASNSTELDMTDFVFQAAVPKTFQLQELSPSSSVVPAFNTGTITQVI
KVLNPQKQQLRMRIKLTYNHKGSAMQDLAEVNNFPPQSWQ
;
_entity_poly.pdbx_strand_id                 A 
_entity_poly.pdbx_target_identifier         ? 
# 
loop_
_entity_poly_seq.entity_id 
_entity_poly_seq.num 
_entity_poly_seq.mon_id 
_entity_poly_seq.hetero 
1 1   MET n 
1 2   ILE n 
1 3   PRO n 
1 4   SER n 
1 5   ILE n 
1 6   THR n 
1 7   ALA n 
1 8   TYR n 
1 9   SER n 
1 10  LYS n 
1 11  ASN n 
1 12  GLY n 
1 13  LEU n 
1 14  LYS n 
1 15  ILE n 
1 16  GLU n 
1 17  PHE n 
1 18  THR n 
1 19  PHE n 
1 20  GLU n 
1 21  ARG n 
1 22  SER n 
1 23  ASN n 
1 24  THR n 
1 25  ASN n 
1 26  PRO n 
1 27  SER n 
1 28  VAL n 
1 29  THR n 
1 30  VAL n 
1 31  ILE n 
1 32  THR n 
1 33  ILE n 
1 34  GLN n 
1 35  ALA n 
1 36  SER n 
1 37  ASN n 
1 38  SER n 
1 39  THR n 
1 40  GLU n 
1 41  LEU n 
1 42  ASP n 
1 43  MET n 
1 44  THR n 
1 45  ASP n 
1 46  PHE n 
1 47  VAL n 
1 48  PHE n 
1 49  GLN n 
1 50  ALA n 
1 51  ALA n 
1 52  VAL n 
1 53  PRO n 
1 54  LYS n 
1 55  THR n 
1 56  PHE n 
1 57  GLN n 
1 58  LEU n 
1 59  GLN n 
1 60  GLU n 
1 61  LEU n 
1 62  SER n 
1 63  PRO n 
1 64  SER n 
1 65  SER n 
1 66  SER n 
1 67  VAL n 
1 68  VAL n 
1 69  PRO n 
1 70  ALA n 
1 71  PHE n 
1 72  ASN n 
1 73  THR n 
1 74  GLY n 
1 75  THR n 
1 76  ILE n 
1 77  THR n 
1 78  GLN n 
1 79  VAL n 
1 80  ILE n 
1 81  LYS n 
1 82  VAL n 
1 83  LEU n 
1 84  ASN n 
1 85  PRO n 
1 86  GLN n 
1 87  LYS n 
1 88  GLN n 
1 89  GLN n 
1 90  LEU n 
1 91  ARG n 
1 92  MET n 
1 93  ARG n 
1 94  ILE n 
1 95  LYS n 
1 96  LEU n 
1 97  THR n 
1 98  TYR n 
1 99  ASN n 
1 100 HIS n 
1 101 LYS n 
1 102 GLY n 
1 103 SER n 
1 104 ALA n 
1 105 MET n 
1 106 GLN n 
1 107 ASP n 
1 108 LEU n 
1 109 ALA n 
1 110 GLU n 
1 111 VAL n 
1 112 ASN n 
1 113 ASN n 
1 114 PHE n 
1 115 PRO n 
1 116 PRO n 
1 117 GLN n 
1 118 SER n 
1 119 TRP n 
1 120 GLN n 
# 
_entity_src_gen.entity_id                          1 
_entity_src_gen.pdbx_src_id                        1 
_entity_src_gen.pdbx_alt_source_flag               sample 
_entity_src_gen.pdbx_seq_type                      ? 
_entity_src_gen.pdbx_beg_seq_num                   ? 
_entity_src_gen.pdbx_end_seq_num                   ? 
_entity_src_gen.gene_src_common_name               MOUSE 
_entity_src_gen.gene_src_genus                     ? 
_entity_src_gen.pdbx_gene_src_gene                 ? 
_entity_src_gen.gene_src_species                   ? 
_entity_src_gen.gene_src_strain                    ? 
_entity_src_gen.gene_src_tissue                    ? 
_entity_src_gen.gene_src_tissue_fraction           ? 
_entity_src_gen.gene_src_details                   ? 
_entity_src_gen.pdbx_gene_src_fragment             ? 
_entity_src_gen.pdbx_gene_src_scientific_name      'MUS MUSCULUS' 
_entity_src_gen.pdbx_gene_src_ncbi_taxonomy_id     10090 
_entity_src_gen.pdbx_gene_src_variant              ? 
_entity_src_gen.pdbx_gene_src_cell_line            ? 
_entity_src_gen.pdbx_gene_src_atcc                 ? 
_entity_src_gen.pdbx_gene_src_organ                ? 
_entity_src_gen.pdbx_gene_src_organelle            ? 
_entity_src_gen.pdbx_gene_src_cell                 ? 
_entity_src_gen.pdbx_gene_src_cellular_location    ? 
_entity_src_gen.host_org_common_name               ? 
_entity_src_gen.pdbx_host_org_scientific_name      'Escherichia coli DH5[alpha]' 
_entity_src_gen.pdbx_host_org_ncbi_taxonomy_id     668369 
_entity_src_gen.host_org_genus                     ? 
_entity_src_gen.pdbx_host_org_gene                 ? 
_entity_src_gen.pdbx_host_org_organ                ? 
_entity_src_gen.host_org_species                   ? 
_entity_src_gen.pdbx_host_org_tissue               ? 
_entity_src_gen.pdbx_host_org_tissue_fraction      ? 
_entity_src_gen.pdbx_host_org_strain               ? 
_entity_src_gen.pdbx_host_org_variant              ? 
_entity_src_gen.pdbx_host_org_cell_line            ? 
_entity_src_gen.pdbx_host_org_atcc                 ? 
_entity_src_gen.pdbx_host_org_culture_collection   ? 
_entity_src_gen.pdbx_host_org_cell                 ? 
_entity_src_gen.pdbx_host_org_organelle            ? 
_entity_src_gen.pdbx_host_org_cellular_location    ? 
_entity_src_gen.pdbx_host_org_vector_type          PLASMID 
_entity_src_gen.pdbx_host_org_vector               ? 
_entity_src_gen.host_org_details                   ? 
_entity_src_gen.expression_system_id               ? 
_entity_src_gen.plasmid_name                       'PGEX 4T2' 
_entity_src_gen.plasmid_details                    ? 
_entity_src_gen.pdbx_description                   ? 
# 
loop_
_struct_ref.id 
_struct_ref.db_name 
_struct_ref.db_code 
_struct_ref.entity_id 
_struct_ref.pdbx_seq_one_letter_code 
_struct_ref.pdbx_align_begin 
_struct_ref.pdbx_db_accession 
_struct_ref.pdbx_db_isoform 
1 PDB 1GYV       1 ? ? 1GYV   ? 
2 UNP A1G1_MOUSE 1 ? ? P22892 ? 
# 
loop_
_struct_ref_seq.align_id 
_struct_ref_seq.ref_id 
_struct_ref_seq.pdbx_PDB_id_code 
_struct_ref_seq.pdbx_strand_id 
_struct_ref_seq.seq_align_beg 
_struct_ref_seq.pdbx_seq_align_beg_ins_code 
_struct_ref_seq.seq_align_end 
_struct_ref_seq.pdbx_seq_align_end_ins_code 
_struct_ref_seq.pdbx_db_accession 
_struct_ref_seq.db_align_beg 
_struct_ref_seq.pdbx_db_align_beg_ins_code 
_struct_ref_seq.db_align_end 
_struct_ref_seq.pdbx_db_align_end_ins_code 
_struct_ref_seq.pdbx_auth_seq_align_beg 
_struct_ref_seq.pdbx_auth_seq_align_end 
1 1 1GYV A 1 ? 1   ? 1GYV   703 ? 703 ? 703 703 
2 2 1GYV A 2 ? 120 ? P22892 703 ? 821 ? 704 822 
# 
_struct_ref_seq_dif.align_id                     1 
_struct_ref_seq_dif.pdbx_pdb_id_code             1GYV 
_struct_ref_seq_dif.mon_id                       GLU 
_struct_ref_seq_dif.pdbx_pdb_strand_id           A 
_struct_ref_seq_dif.seq_num                      60 
_struct_ref_seq_dif.pdbx_pdb_ins_code            ? 
_struct_ref_seq_dif.pdbx_seq_db_name             UNP 
_struct_ref_seq_dif.pdbx_seq_db_accession_code   P22892 
_struct_ref_seq_dif.db_mon_id                    LEU 
_struct_ref_seq_dif.pdbx_seq_db_seq_num          761 
_struct_ref_seq_dif.details                      'engineered mutation' 
_struct_ref_seq_dif.pdbx_auth_seq_num            762 
_struct_ref_seq_dif.pdbx_ordinal                 1 
# 
loop_
_chem_comp.id 
_chem_comp.type 
_chem_comp.mon_nstd_flag 
_chem_comp.name 
_chem_comp.pdbx_synonyms 
_chem_comp.formula 
_chem_comp.formula_weight 
ALA 'L-peptide linking' y ALANINE         ? 'C3 H7 N O2'     89.093  
ARG 'L-peptide linking' y ARGININE        ? 'C6 H15 N4 O2 1' 175.209 
ASN 'L-peptide linking' y ASPARAGINE      ? 'C4 H8 N2 O3'    132.118 
ASP 'L-peptide linking' y 'ASPARTIC ACID' ? 'C4 H7 N O4'     133.103 
GLN 'L-peptide linking' y GLUTAMINE       ? 'C5 H10 N2 O3'   146.144 
GLU 'L-peptide linking' y 'GLUTAMIC ACID' ? 'C5 H9 N O4'     147.129 
GLY 'peptide linking'   y GLYCINE         ? 'C2 H5 N O2'     75.067  
HIS 'L-peptide linking' y HISTIDINE       ? 'C6 H10 N3 O2 1' 156.162 
HOH non-polymer         . WATER           ? 'H2 O'           18.015  
ILE 'L-peptide linking' y ISOLEUCINE      ? 'C6 H13 N O2'    131.173 
LEU 'L-peptide linking' y LEUCINE         ? 'C6 H13 N O2'    131.173 
LYS 'L-peptide linking' y LYSINE          ? 'C6 H15 N2 O2 1' 147.195 
MET 'L-peptide linking' y METHIONINE      ? 'C5 H11 N O2 S'  149.211 
PHE 'L-peptide linking' y PHENYLALANINE   ? 'C9 H11 N O2'    165.189 
PRO 'L-peptide linking' y PROLINE         ? 'C5 H9 N O2'     115.130 
SER 'L-peptide linking' y SERINE          ? 'C3 H7 N O3'     105.093 
THR 'L-peptide linking' y THREONINE       ? 'C4 H9 N O3'     119.119 
TRP 'L-peptide linking' y TRYPTOPHAN      ? 'C11 H12 N2 O2'  204.225 
TYR 'L-peptide linking' y TYROSINE        ? 'C9 H11 N O3'    181.189 
VAL 'L-peptide linking' y VALINE          ? 'C5 H11 N O2'    117.146 
# 
_exptl.entry_id          1GYV 
_exptl.method            'X-RAY DIFFRACTION' 
_exptl.crystals_number   1 
# 
_exptl_crystal.id                    1 
_exptl_crystal.density_meas          ? 
_exptl_crystal.density_Matthews      2.32 
_exptl_crystal.density_percent_sol   47.02 
_exptl_crystal.description           ? 
# 
_exptl_crystal_grow.crystal_id      1 
_exptl_crystal_grow.method          ? 
_exptl_crystal_grow.temp            ? 
_exptl_crystal_grow.temp_details    ? 
_exptl_crystal_grow.pH              7.40 
_exptl_crystal_grow.pdbx_pH_range   ? 
_exptl_crystal_grow.pdbx_details    '50MM HEPES PH7.4,0.9M NA/K TARTRATE 20% W/V GLYCEROL, pH 7.40' 
# 
_diffrn.id                     1 
_diffrn.ambient_temp           100.0 
_diffrn.ambient_temp_details   ? 
_diffrn.crystal_id             1 
# 
_diffrn_detector.diffrn_id              1 
_diffrn_detector.detector               'IMAGE PLATE' 
_diffrn_detector.type                   MARRESEARCH 
_diffrn_detector.pdbx_collection_date   2000-06-15 
_diffrn_detector.details                OSMIC 
# 
_diffrn_radiation.diffrn_id                        1 
_diffrn_radiation.wavelength_id                    1 
_diffrn_radiation.pdbx_monochromatic_or_laue_m_l   M 
_diffrn_radiation.monochromator                    ? 
_diffrn_radiation.pdbx_diffrn_protocol             'SINGLE WAVELENGTH' 
_diffrn_radiation.pdbx_scattering_type             x-ray 
# 
_diffrn_radiation_wavelength.id           1 
_diffrn_radiation_wavelength.wavelength   1.54182 
_diffrn_radiation_wavelength.wt           1.0 
# 
_diffrn_source.diffrn_id                   1 
_diffrn_source.source                      'ROTATING ANODE' 
_diffrn_source.type                        'RIGAKU RU200' 
_diffrn_source.pdbx_synchrotron_site       ? 
_diffrn_source.pdbx_synchrotron_beamline   ? 
_diffrn_source.pdbx_wavelength             1.54182 
_diffrn_source.pdbx_wavelength_list        ? 
# 
_reflns.pdbx_diffrn_id               1 
_reflns.pdbx_ordinal                 1 
_reflns.entry_id                     1GYV 
_reflns.observed_criterion_sigma_I   6.000 
_reflns.observed_criterion_sigma_F   ? 
_reflns.d_resolution_low             18.700 
_reflns.d_resolution_high            1.700 
_reflns.number_obs                   14209 
_reflns.number_all                   ? 
_reflns.percent_possible_obs         99.6 
_reflns.pdbx_Rmerge_I_obs            0.06200 
_reflns.pdbx_Rsym_value              ? 
_reflns.pdbx_netI_over_sigmaI        22.0000 
_reflns.B_iso_Wilson_estimate        ? 
_reflns.pdbx_redundancy              6.400 
# 
_reflns_shell.pdbx_diffrn_id         1 
_reflns_shell.pdbx_ordinal           1 
_reflns_shell.d_res_high             1.70 
_reflns_shell.d_res_low              1.80 
_reflns_shell.percent_possible_all   97.9 
_reflns_shell.Rmerge_I_obs           0.27900 
_reflns_shell.pdbx_Rsym_value        ? 
_reflns_shell.meanI_over_sigI_obs    6.000 
_reflns_shell.pdbx_redundancy        6.10 
# 
_refine.pdbx_refine_id                           'X-RAY DIFFRACTION' 
_refine.entry_id                                 1GYV 
_refine.pdbx_diffrn_id                           1 
_refine.pdbx_TLS_residual_ADP_flag               ? 
_refine.ls_number_reflns_obs                     12740 
_refine.ls_number_reflns_all                     ? 
_refine.pdbx_ls_sigma_I                          ? 
_refine.pdbx_ls_sigma_F                          ? 
_refine.pdbx_data_cutoff_high_absF               ? 
_refine.pdbx_data_cutoff_low_absF                ? 
_refine.pdbx_data_cutoff_high_rms_absF           ? 
_refine.ls_d_res_low                             42.64 
_refine.ls_d_res_high                            1.71 
_refine.ls_percent_reflns_obs                    99.8 
_refine.ls_R_factor_obs                          0.182 
_refine.ls_R_factor_all                          ? 
_refine.ls_R_factor_R_work                       0.178 
_refine.ls_R_factor_R_free                       0.225 
_refine.ls_R_factor_R_free_error                 ? 
_refine.ls_R_factor_R_free_error_details         ? 
_refine.ls_percent_reflns_R_free                 10.000 
_refine.ls_number_reflns_R_free                  1408 
_refine.ls_number_parameters                     ? 
_refine.ls_number_restraints                     ? 
_refine.occupancy_min                            ? 
_refine.occupancy_max                            ? 
_refine.correlation_coeff_Fo_to_Fc               0.957 
_refine.correlation_coeff_Fo_to_Fc_free          0.933 
_refine.B_iso_mean                               15.94 
_refine.aniso_B[1][1]                            -0.25000 
_refine.aniso_B[2][2]                            0.09000 
_refine.aniso_B[3][3]                            0.16000 
_refine.aniso_B[1][2]                            0.00000 
_refine.aniso_B[1][3]                            0.00000 
_refine.aniso_B[2][3]                            0.00000 
_refine.solvent_model_details                    'BABINET MODEL WITH MASK' 
_refine.solvent_model_param_ksol                 ? 
_refine.solvent_model_param_bsol                 ? 
_refine.pdbx_solvent_vdw_probe_radii             1.40 
_refine.pdbx_solvent_ion_probe_radii             0.80 
_refine.pdbx_solvent_shrinkage_radii             0.80 
_refine.pdbx_ls_cross_valid_method               THROUGHOUT 
_refine.details                                  'HYDROGENS HAVE BEEN ADDED IN THE RIDING POSITIONS' 
_refine.pdbx_starting_model                      1GYU 
_refine.pdbx_method_to_determine_struct          'MOLECULAR REPLACEMENT' 
_refine.pdbx_isotropic_thermal_model             ? 
_refine.pdbx_stereochemistry_target_values       'MAXIMUM LIKELIHOOD' 
_refine.pdbx_stereochem_target_val_spec_case     ? 
_refine.pdbx_R_Free_selection_details            RANDOM 
_refine.pdbx_overall_ESU_R                       0.116 
_refine.pdbx_overall_ESU_R_Free                  0.118 
_refine.overall_SU_ML                            0.101 
_refine.pdbx_overall_phase_error                 ? 
_refine.overall_SU_B                             3.005 
_refine.overall_SU_R_Cruickshank_DPI             ? 
_refine.pdbx_overall_SU_R_free_Cruickshank_DPI   ? 
_refine.pdbx_overall_SU_R_Blow_DPI               ? 
_refine.pdbx_overall_SU_R_free_Blow_DPI          ? 
# 
_refine_hist.pdbx_refine_id                   'X-RAY DIFFRACTION' 
_refine_hist.cycle_id                         LAST 
_refine_hist.pdbx_number_atoms_protein        935 
_refine_hist.pdbx_number_atoms_nucleic_acid   0 
_refine_hist.pdbx_number_atoms_ligand         0 
_refine_hist.number_atoms_solvent             191 
_refine_hist.number_atoms_total               1126 
_refine_hist.d_res_high                       1.71 
_refine_hist.d_res_low                        42.64 
# 
loop_
_refine_ls_restr.type 
_refine_ls_restr.dev_ideal 
_refine_ls_restr.dev_ideal_target 
_refine_ls_restr.weight 
_refine_ls_restr.number 
_refine_ls_restr.pdbx_refine_id 
_refine_ls_restr.pdbx_restraint_function 
r_bond_refined_d             0.021 0.022 ? 954  'X-RAY DIFFRACTION' ? 
r_bond_other_d               0.001 0.020 ? 852  'X-RAY DIFFRACTION' ? 
r_angle_refined_deg          ?     ?     ? ?    'X-RAY DIFFRACTION' ? 
r_angle_other_deg            1.850 1.937 ? 1299 'X-RAY DIFFRACTION' ? 
r_dihedral_angle_1_deg       ?     ?     ? ?    'X-RAY DIFFRACTION' ? 
r_dihedral_angle_2_deg       ?     ?     ? ?    'X-RAY DIFFRACTION' ? 
r_dihedral_angle_3_deg       0.868 3.000 ? 1997 'X-RAY DIFFRACTION' ? 
r_dihedral_angle_4_deg       ?     ?     ? ?    'X-RAY DIFFRACTION' ? 
r_chiral_restr               0.118 0.200 ? 154  'X-RAY DIFFRACTION' ? 
r_gen_planes_refined         0.009 0.020 ? 1049 'X-RAY DIFFRACTION' ? 
r_gen_planes_other           0.003 0.020 ? 173  'X-RAY DIFFRACTION' ? 
r_nbd_refined                0.228 0.300 ? 135  'X-RAY DIFFRACTION' ? 
r_nbd_other                  0.217 0.300 ? 849  'X-RAY DIFFRACTION' ? 
r_nbtor_refined              ?     ?     ? ?    'X-RAY DIFFRACTION' ? 
r_nbtor_other                ?     ?     ? ?    'X-RAY DIFFRACTION' ? 
r_xyhbond_nbd_refined        0.393 0.500 ? 159  'X-RAY DIFFRACTION' ? 
r_xyhbond_nbd_other          ?     ?     ? ?    'X-RAY DIFFRACTION' ? 
r_metal_ion_refined          ?     ?     ? ?    'X-RAY DIFFRACTION' ? 
r_metal_ion_other            ?     ?     ? ?    'X-RAY DIFFRACTION' ? 
r_symmetry_vdw_refined       0.016 0.300 ? 2    'X-RAY DIFFRACTION' ? 
r_symmetry_vdw_other         0.165 0.300 ? 17   'X-RAY DIFFRACTION' ? 
r_symmetry_hbond_refined     0.434 0.500 ? 13   'X-RAY DIFFRACTION' ? 
r_symmetry_hbond_other       ?     ?     ? ?    'X-RAY DIFFRACTION' ? 
r_symmetry_metal_ion_refined ?     ?     ? ?    'X-RAY DIFFRACTION' ? 
r_symmetry_metal_ion_other   ?     ?     ? ?    'X-RAY DIFFRACTION' ? 
r_mcbond_it                  1.327 1.500 ? 605  'X-RAY DIFFRACTION' ? 
r_mcbond_other               ?     ?     ? ?    'X-RAY DIFFRACTION' ? 
r_mcangle_it                 2.282 2.000 ? 994  'X-RAY DIFFRACTION' ? 
r_mcangle_other              ?     ?     ? ?    'X-RAY DIFFRACTION' ? 
r_scbond_it                  3.113 3.000 ? 349  'X-RAY DIFFRACTION' ? 
r_scbond_other               ?     ?     ? ?    'X-RAY DIFFRACTION' ? 
r_scangle_it                 5.158 4.500 ? 305  'X-RAY DIFFRACTION' ? 
r_scangle_other              ?     ?     ? ?    'X-RAY DIFFRACTION' ? 
r_long_range_B_refined       ?     ?     ? ?    'X-RAY DIFFRACTION' ? 
r_long_range_B_other         ?     ?     ? ?    'X-RAY DIFFRACTION' ? 
r_rigid_bond_restr           ?     ?     ? ?    'X-RAY DIFFRACTION' ? 
r_sphericity_free            ?     ?     ? ?    'X-RAY DIFFRACTION' ? 
r_sphericity_bonded          ?     ?     ? ?    'X-RAY DIFFRACTION' ? 
# 
_refine_ls_shell.pdbx_refine_id                   'X-RAY DIFFRACTION' 
_refine_ls_shell.pdbx_total_number_of_bins_used   20 
_refine_ls_shell.d_res_high                       1.71 
_refine_ls_shell.d_res_low                        1.75 
_refine_ls_shell.number_reflns_R_work             881 
_refine_ls_shell.R_factor_R_work                  0.2400 
_refine_ls_shell.percent_reflns_obs               ? 
_refine_ls_shell.R_factor_R_free                  0.3120 
_refine_ls_shell.R_factor_R_free_error            ? 
_refine_ls_shell.percent_reflns_R_free            ? 
_refine_ls_shell.number_reflns_R_free             109 
_refine_ls_shell.number_reflns_all                ? 
_refine_ls_shell.R_factor_all                     ? 
# 
_struct.entry_id                  1GYV 
_struct.title                     'Gamma-adaptin appendage domain from clathrin adaptor AP1, L762E mutant' 
_struct.pdbx_model_details        ? 
_struct.pdbx_CASP_flag            ? 
_struct.pdbx_model_type_details   ? 
# 
_struct_keywords.entry_id        1GYV 
_struct_keywords.pdbx_keywords   ENDOCYTOSIS 
_struct_keywords.text            'ENDOCYTOSIS, ADAPTOR, CLATHRIN, GOLGI, ADAPTIN' 
# 
loop_
_struct_asym.id 
_struct_asym.pdbx_blank_PDB_chainid_flag 
_struct_asym.pdbx_modified 
_struct_asym.entity_id 
_struct_asym.details 
A N N 1 ? 
B N N 2 ? 
# 
loop_
_struct_conf.conf_type_id 
_struct_conf.id 
_struct_conf.pdbx_PDB_helix_id 
_struct_conf.beg_label_comp_id 
_struct_conf.beg_label_asym_id 
_struct_conf.beg_label_seq_id 
_struct_conf.pdbx_beg_PDB_ins_code 
_struct_conf.end_label_comp_id 
_struct_conf.end_label_asym_id 
_struct_conf.end_label_seq_id 
_struct_conf.pdbx_end_PDB_ins_code 
_struct_conf.beg_auth_comp_id 
_struct_conf.beg_auth_asym_id 
_struct_conf.beg_auth_seq_id 
_struct_conf.end_auth_comp_id 
_struct_conf.end_auth_asym_id 
_struct_conf.end_auth_seq_id 
_struct_conf.pdbx_PDB_helix_class 
_struct_conf.details 
_struct_conf.pdbx_PDB_helix_length 
HELX_P HELX_P1 1 PRO A 69  ? THR A 73  ? PRO A 771 THR A 775 5 ? 5 
HELX_P HELX_P2 2 PRO A 115 ? TRP A 119 ? PRO A 817 TRP A 821 5 ? 5 
# 
_struct_conf_type.id          HELX_P 
_struct_conf_type.criteria    ? 
_struct_conf_type.reference   ? 
# 
loop_
_struct_sheet.id 
_struct_sheet.type 
_struct_sheet.number_strands 
_struct_sheet.details 
AA ? 5 ? 
AB ? 3 ? 
# 
loop_
_struct_sheet_order.sheet_id 
_struct_sheet_order.range_id_1 
_struct_sheet_order.range_id_2 
_struct_sheet_order.offset 
_struct_sheet_order.sense 
AA 1 2 ? anti-parallel 
AA 2 3 ? anti-parallel 
AA 3 4 ? anti-parallel 
AA 4 5 ? anti-parallel 
AB 1 2 ? anti-parallel 
AB 2 3 ? anti-parallel 
# 
loop_
_struct_sheet_range.sheet_id 
_struct_sheet_range.id 
_struct_sheet_range.beg_label_comp_id 
_struct_sheet_range.beg_label_asym_id 
_struct_sheet_range.beg_label_seq_id 
_struct_sheet_range.pdbx_beg_PDB_ins_code 
_struct_sheet_range.end_label_comp_id 
_struct_sheet_range.end_label_asym_id 
_struct_sheet_range.end_label_seq_id 
_struct_sheet_range.pdbx_end_PDB_ins_code 
_struct_sheet_range.beg_auth_comp_id 
_struct_sheet_range.beg_auth_asym_id 
_struct_sheet_range.beg_auth_seq_id 
_struct_sheet_range.end_auth_comp_id 
_struct_sheet_range.end_auth_asym_id 
_struct_sheet_range.end_auth_seq_id 
AA 1 ILE A 5   ? LYS A 10  ? ILE A 707 LYS A 712 
AA 2 LEU A 13  ? ARG A 21  ? LEU A 715 ARG A 723 
AA 3 VAL A 28  ? ASN A 37  ? VAL A 730 ASN A 739 
AA 4 ILE A 76  ? LEU A 83  ? ILE A 778 LEU A 785 
AA 5 GLN A 57  ? GLU A 60  ? GLN A 759 GLU A 762 
AB 1 THR A 44  ? ALA A 51  ? THR A 746 ALA A 753 
AB 2 MET A 92  ? HIS A 100 ? MET A 794 HIS A 802 
AB 3 SER A 103 ? VAL A 111 ? SER A 805 VAL A 813 
# 
loop_
_pdbx_struct_sheet_hbond.sheet_id 
_pdbx_struct_sheet_hbond.range_id_1 
_pdbx_struct_sheet_hbond.range_id_2 
_pdbx_struct_sheet_hbond.range_1_label_atom_id 
_pdbx_struct_sheet_hbond.range_1_label_comp_id 
_pdbx_struct_sheet_hbond.range_1_label_asym_id 
_pdbx_struct_sheet_hbond.range_1_label_seq_id 
_pdbx_struct_sheet_hbond.range_1_PDB_ins_code 
_pdbx_struct_sheet_hbond.range_1_auth_atom_id 
_pdbx_struct_sheet_hbond.range_1_auth_comp_id 
_pdbx_struct_sheet_hbond.range_1_auth_asym_id 
_pdbx_struct_sheet_hbond.range_1_auth_seq_id 
_pdbx_struct_sheet_hbond.range_2_label_atom_id 
_pdbx_struct_sheet_hbond.range_2_label_comp_id 
_pdbx_struct_sheet_hbond.range_2_label_asym_id 
_pdbx_struct_sheet_hbond.range_2_label_seq_id 
_pdbx_struct_sheet_hbond.range_2_PDB_ins_code 
_pdbx_struct_sheet_hbond.range_2_auth_atom_id 
_pdbx_struct_sheet_hbond.range_2_auth_comp_id 
_pdbx_struct_sheet_hbond.range_2_auth_asym_id 
_pdbx_struct_sheet_hbond.range_2_auth_seq_id 
AA 1 2 N LYS A 10  ? N LYS A 712 O LEU A 13  ? O LEU A 715 
AA 2 3 N GLU A 20  ? N GLU A 722 O VAL A 30  ? O VAL A 732 
AA 3 4 N ALA A 35  ? N ALA A 737 O ILE A 76  ? O ILE A 778 
AA 4 5 N LEU A 83  ? N LEU A 785 O GLN A 57  ? O GLN A 759 
AB 1 2 N ALA A 51  ? N ALA A 753 O ARG A 93  ? O ARG A 795 
AB 2 3 N HIS A 100 ? N HIS A 802 O SER A 103 ? O SER A 805 
# 
_atom_sites.entry_id                    1GYV 
_atom_sites.fract_transf_matrix[1][1]   -0.00345220 
_atom_sites.fract_transf_matrix[1][2]   -0.01431861 
_atom_sites.fract_transf_matrix[1][3]   0.02573981 
_atom_sites.fract_transf_matrix[2][1]   -0.01329573 
_atom_sites.fract_transf_matrix[2][2]   -0.01007052 
_atom_sites.fract_transf_matrix[2][3]   -0.00738527 
_atom_sites.fract_transf_matrix[3][1]   0.00999777 
_atom_sites.fract_transf_matrix[3][2]   -0.01007351 
_atom_sites.fract_transf_matrix[3][3]   -0.00426283 
_atom_sites.fract_transf_vector[1]      0.081219 
_atom_sites.fract_transf_vector[2]      0.021324 
_atom_sites.fract_transf_vector[3]      -0.043014 
# 
loop_
_atom_type.symbol 
C 
N 
O 
S 
# 
loop_
_atom_site.group_PDB 
_atom_site.id 
_atom_site.type_symbol 
_atom_site.label_atom_id 
_atom_site.label_alt_id 
_atom_site.label_comp_id 
_atom_site.label_asym_id 
_atom_site.label_entity_id 
_atom_site.label_seq_id 
_atom_site.pdbx_PDB_ins_code 
_atom_site.Cartn_x 
_atom_site.Cartn_y 
_atom_site.Cartn_z 
_atom_site.occupancy 
_atom_site.B_iso_or_equiv 
_atom_site.pdbx_formal_charge 
_atom_site.auth_seq_id 
_atom_site.auth_comp_id 
_atom_site.auth_asym_id 
_atom_site.auth_atom_id 
_atom_site.pdbx_PDB_model_num 
ATOM   1    N N   . MET A 1 1   ? 12.720  15.041  1.188   1.00 42.02 ? 703  MET A N   1 
ATOM   2    C CA  . MET A 1 1   ? 11.510  14.121  1.317   1.00 41.53 ? 703  MET A CA  1 
ATOM   3    C C   . MET A 1 1   ? 10.811  13.694  0.047   1.00 39.55 ? 703  MET A C   1 
ATOM   4    O O   . MET A 1 1   ? 10.730  14.438  -0.918  1.00 40.73 ? 703  MET A O   1 
ATOM   5    C CB  . MET A 1 1   ? 10.388  14.780  2.091   1.00 42.55 ? 703  MET A CB  1 
ATOM   6    C CG  . MET A 1 1   ? 10.472  14.666  3.556   1.00 45.69 ? 703  MET A CG  1 
ATOM   7    S SD  . MET A 1 1   ? 8.797   14.558  4.233   1.00 53.00 ? 703  MET A SD  1 
ATOM   8    C CE  . MET A 1 1   ? 9.191   15.122  5.980   1.00 51.53 ? 703  MET A CE  1 
ATOM   9    N N   . ILE A 1 2   ? 10.309  12.463  0.082   1.00 35.78 ? 704  ILE A N   1 
ATOM   10   C CA  . ILE A 1 2   ? 9.390   11.952  -0.898  1.00 32.59 ? 704  ILE A CA  1 
ATOM   11   C C   . ILE A 1 2   ? 7.976   12.193  -0.318  1.00 30.10 ? 704  ILE A C   1 
ATOM   12   O O   . ILE A 1 2   ? 7.639   11.802  0.816   1.00 29.82 ? 704  ILE A O   1 
ATOM   13   C CB  . ILE A 1 2   ? 9.692   10.484  -1.112  1.00 33.00 ? 704  ILE A CB  1 
ATOM   14   C CG1 . ILE A 1 2   ? 11.227  10.282  -1.246  1.00 33.22 ? 704  ILE A CG1 1 
ATOM   15   C CG2 . ILE A 1 2   ? 8.956   9.945   -2.321  1.00 31.78 ? 704  ILE A CG2 1 
ATOM   16   C CD1 . ILE A 1 2   ? 11.657  8.859   -1.540  1.00 35.41 ? 704  ILE A CD1 1 
ATOM   17   N N   . PRO A 1 3   ? 7.152   12.906  -1.052  1.00 26.58 ? 705  PRO A N   1 
ATOM   18   C CA  . PRO A 1 3   ? 5.817   13.223  -0.559  1.00 24.73 ? 705  PRO A CA  1 
ATOM   19   C C   . PRO A 1 3   ? 4.952   11.989  -0.487  1.00 22.29 ? 705  PRO A C   1 
ATOM   20   O O   . PRO A 1 3   ? 5.113   11.138  -1.315  1.00 21.13 ? 705  PRO A O   1 
ATOM   21   C CB  . PRO A 1 3   ? 5.259   14.148  -1.625  1.00 25.85 ? 705  PRO A CB  1 
ATOM   22   C CG  . PRO A 1 3   ? 6.066   13.934  -2.806  1.00 27.63 ? 705  PRO A CG  1 
ATOM   23   C CD  . PRO A 1 3   ? 7.399   13.428  -2.394  1.00 27.04 ? 705  PRO A CD  1 
ATOM   24   N N   . SER A 1 4   ? 4.063   11.917  0.477   1.00 21.46 ? 706  SER A N   1 
ATOM   25   C CA  . SER A 1 4   ? 3.183   10.774  0.566   1.00 19.07 ? 706  SER A CA  1 
ATOM   26   C C   . SER A 1 4   ? 2.041   10.908  -0.409  1.00 17.64 ? 706  SER A C   1 
ATOM   27   O O   . SER A 1 4   ? 1.743   12.026  -0.945  1.00 17.21 ? 706  SER A O   1 
ATOM   28   C CB  . SER A 1 4   ? 2.678   10.655  1.982   1.00 20.52 ? 706  SER A CB  1 
ATOM   29   O OG  . SER A 1 4   ? 3.780   10.430  2.872   1.00 25.42 ? 706  SER A OG  1 
ATOM   30   N N   . ILE A 1 5   ? 1.391   9.767   -0.690  1.00 15.55 ? 707  ILE A N   1 
ATOM   31   C CA  . ILE A 1 5   ? 0.240   9.742   -1.565  1.00 15.60 ? 707  ILE A CA  1 
ATOM   32   C C   . ILE A 1 5   ? -0.902  8.921   -0.992  1.00 15.56 ? 707  ILE A C   1 
ATOM   33   O O   . ILE A 1 5   ? -0.721  8.052   -0.103  1.00 16.52 ? 707  ILE A O   1 
ATOM   34   C CB  . ILE A 1 5   ? 0.553   9.246   -2.957  1.00 15.45 ? 707  ILE A CB  1 
ATOM   35   C CG1 . ILE A 1 5   ? 1.000   7.749   -2.957  1.00 14.85 ? 707  ILE A CG1 1 
ATOM   36   C CG2 . ILE A 1 5   ? 1.511   10.210  -3.663  1.00 16.41 ? 707  ILE A CG2 1 
ATOM   37   C CD1 . ILE A 1 5   ? 1.010   7.141   -4.316  1.00 16.98 ? 707  ILE A CD1 1 
ATOM   38   N N   . THR A 1 6   ? -2.102  9.269   -1.444  1.00 15.20 ? 708  THR A N   1 
ATOM   39   C CA  . THR A 1 6   ? -3.251  8.401   -1.214  1.00 15.03 ? 708  THR A CA  1 
ATOM   40   C C   . THR A 1 6   ? -3.282  7.456   -2.381  1.00 15.42 ? 708  THR A C   1 
ATOM   41   O O   . THR A 1 6   ? -3.453  7.859   -3.540  1.00 14.48 ? 708  THR A O   1 
ATOM   42   C CB  . THR A 1 6   ? -4.548  9.209   -1.152  1.00 14.39 ? 708  THR A CB  1 
ATOM   43   O OG1 . THR A 1 6   ? -4.519  10.003  0.030   1.00 16.81 ? 708  THR A OG1 1 
ATOM   44   C CG2 . THR A 1 6   ? -5.754  8.332   -0.965  1.00 16.32 ? 708  THR A CG2 1 
ATOM   45   N N   . ALA A 1 7   ? -3.089  6.151   -2.127  1.00 13.95 ? 709  ALA A N   1 
ATOM   46   C CA  . ALA A 1 7   ? -3.097  5.165   -3.212  1.00 13.81 ? 709  ALA A CA  1 
ATOM   47   C C   . ALA A 1 7   ? -4.479  4.679   -3.565  1.00 13.25 ? 709  ALA A C   1 
ATOM   48   O O   . ALA A 1 7   ? -4.710  4.237   -4.694  1.00 16.00 ? 709  ALA A O   1 
ATOM   49   C CB  . ALA A 1 7   ? -2.223  3.953   -2.806  1.00 14.67 ? 709  ALA A CB  1 
ATOM   50   N N   . TYR A 1 8   ? -5.390  4.714   -2.600  1.00 12.62 ? 710  TYR A N   1 
ATOM   51   C CA  . TYR A 1 8   ? -6.736  4.181   -2.740  1.00 12.56 ? 710  TYR A CA  1 
ATOM   52   C C   . TYR A 1 8   ? -7.668  4.790   -1.737  1.00 13.01 ? 710  TYR A C   1 
ATOM   53   O O   . TYR A 1 8   ? -7.285  4.950   -0.576  1.00 12.72 ? 710  TYR A O   1 
ATOM   54   C CB  . TYR A 1 8   ? -6.697  2.670   -2.482  1.00 12.98 ? 710  TYR A CB  1 
ATOM   55   C CG  . TYR A 1 8   ? -8.006  1.920   -2.666  1.00 12.56 ? 710  TYR A CG  1 
ATOM   56   C CD1 . TYR A 1 8   ? -8.330  1.339   -3.884  1.00 14.26 ? 710  TYR A CD1 1 
ATOM   57   C CD2 . TYR A 1 8   ? -8.885  1.737   -1.622  1.00 9.76  ? 710  TYR A CD2 1 
ATOM   58   C CE1 . TYR A 1 8   ? -9.512  0.604   -4.052  1.00 12.07 ? 710  TYR A CE1 1 
ATOM   59   C CE2 . TYR A 1 8   ? -10.036 1.059   -1.775  1.00 9.77  ? 710  TYR A CE2 1 
ATOM   60   C CZ  . TYR A 1 8   ? -10.380 0.479   -2.984  1.00 12.50 ? 710  TYR A CZ  1 
ATOM   61   O OH  . TYR A 1 8   ? -11.518 -0.265  -3.041  1.00 12.73 ? 710  TYR A OH  1 
ATOM   62   N N   . SER A 1 9   ? -8.876  5.114   -2.175  1.00 13.96 ? 711  SER A N   1 
ATOM   63   C CA  . SER A 1 9   ? -9.875  5.601   -1.248  1.00 14.81 ? 711  SER A CA  1 
ATOM   64   C C   . SER A 1 9   ? -11.275 5.291   -1.784  1.00 16.03 ? 711  SER A C   1 
ATOM   65   O O   . SER A 1 9   ? -11.746 5.951   -2.726  1.00 17.33 ? 711  SER A O   1 
ATOM   66   C CB  . SER A 1 9   ? -9.635  7.092   -1.067  1.00 16.06 ? 711  SER A CB  1 
ATOM   67   O OG  . SER A 1 9   ? -10.502 7.624   -0.079  1.00 19.14 ? 711  SER A OG  1 
ATOM   68   N N   . LYS A 1 10  ? -11.926 4.266   -1.250  1.00 14.80 ? 712  LYS A N   1 
ATOM   69   C CA  . LYS A 1 10  ? -13.207 3.814   -1.768  1.00 14.78 ? 712  LYS A CA  1 
ATOM   70   C C   . LYS A 1 10  ? -13.863 2.980   -0.693  1.00 14.02 ? 712  LYS A C   1 
ATOM   71   O O   . LYS A 1 10  ? -13.191 2.239   0.002   1.00 12.14 ? 712  LYS A O   1 
ATOM   72   C CB  . LYS A 1 10  ? -12.983 2.924   -3.002  1.00 14.01 ? 712  LYS A CB  1 
ATOM   73   C CG  . LYS A 1 10  ? -14.212 2.476   -3.697  1.00 20.64 ? 712  LYS A CG  1 
ATOM   74   C CD  . LYS A 1 10  ? -13.809 1.866   -5.064  1.00 23.53 ? 712  LYS A CD  1 
ATOM   75   N N   . ASN A 1 11  ? -15.178 3.119   -0.559  1.00 15.28 ? 713  ASN A N   1 
ATOM   76   C CA  . ASN A 1 11  ? -15.955 2.238   0.311   1.00 16.45 ? 713  ASN A CA  1 
ATOM   77   C C   . ASN A 1 11  ? -15.553 2.364   1.764   1.00 16.14 ? 713  ASN A C   1 
ATOM   78   O O   . ASN A 1 11  ? -15.689 1.400   2.507   1.00 16.51 ? 713  ASN A O   1 
ATOM   79   C CB  . ASN A 1 11  ? -15.889 0.774   -0.175  1.00 16.89 ? 713  ASN A CB  1 
ATOM   80   C CG  . ASN A 1 11  ? -16.463 0.598   -1.566  1.00 21.94 ? 713  ASN A CG  1 
ATOM   81   O OD1 . ASN A 1 11  ? -17.507 1.229   -1.919  1.00 23.45 ? 713  ASN A OD1 1 
ATOM   82   N ND2 . ASN A 1 11  ? -15.796 -0.219  -2.391  1.00 22.37 ? 713  ASN A ND2 1 
ATOM   83   N N   . GLY A 1 12  ? -14.986 3.507   2.149   1.00 14.08 ? 714  GLY A N   1 
ATOM   84   C CA  . GLY A 1 12  ? -14.597 3.759   3.516   1.00 14.97 ? 714  GLY A CA  1 
ATOM   85   C C   . GLY A 1 12  ? -13.205 3.264   3.898   1.00 13.84 ? 714  GLY A C   1 
ATOM   86   O O   . GLY A 1 12  ? -12.714 3.524   4.986   1.00 13.88 ? 714  GLY A O   1 
ATOM   87   N N   . LEU A 1 13  ? -12.555 2.628   2.935   1.00 12.43 ? 715  LEU A N   1 
ATOM   88   C CA  . LEU A 1 13  ? -11.177 2.206   3.028   1.00 11.32 ? 715  LEU A CA  1 
ATOM   89   C C   . LEU A 1 13  ? -10.218 3.155   2.317   1.00 11.60 ? 715  LEU A C   1 
ATOM   90   O O   . LEU A 1 13  ? -10.375 3.472   1.138   1.00 11.84 ? 715  LEU A O   1 
ATOM   91   C CB  . LEU A 1 13  ? -11.038 0.824   2.405   1.00 11.92 ? 715  LEU A CB  1 
ATOM   92   C CG  . LEU A 1 13  ? -9.632  0.244   2.393   1.00 10.62 ? 715  LEU A CG  1 
ATOM   93   C CD1 . LEU A 1 13  ? -9.011  0.036   3.833   1.00 11.37 ? 715  LEU A CD1 1 
ATOM   94   C CD2 . LEU A 1 13  ? -9.671  -1.100  1.608   1.00 11.98 ? 715  LEU A CD2 1 
ATOM   95   N N   . LYS A 1 14  ? -9.243  3.618   3.079   1.00 11.71 ? 716  LYS A N   1 
ATOM   96   C CA  . LYS A 1 14  ? -8.207  4.487   2.541   1.00 12.32 ? 716  LYS A CA  1 
ATOM   97   C C   . LYS A 1 14  ? -6.875  3.786   2.720   1.00 13.10 ? 716  LYS A C   1 
ATOM   98   O O   . LYS A 1 14  ? -6.567  3.306   3.834   1.00 13.50 ? 716  LYS A O   1 
ATOM   99   C CB  . LYS A 1 14  ? -8.213  5.856   3.243   1.00 13.67 ? 716  LYS A CB  1 
ATOM   100  C CG  . LYS A 1 14  ? -7.185  6.863   2.704   1.00 17.84 ? 716  LYS A CG  1 
ATOM   101  C CD  . LYS A 1 14  ? -7.318  8.264   3.277   1.00 25.68 ? 716  LYS A CD  1 
ATOM   102  C CE  . LYS A 1 14  ? -6.019  9.078   3.049   1.00 30.13 ? 716  LYS A CE  1 
ATOM   103  N NZ  . LYS A 1 14  ? -6.062  10.467  3.651   1.00 34.99 ? 716  LYS A NZ  1 
ATOM   104  N N   . ILE A 1 15  ? -6.033  3.843   1.669   1.00 11.79 ? 717  ILE A N   1 
ATOM   105  C CA  . ILE A 1 15  ? -4.691  3.348   1.788   1.00 11.47 ? 717  ILE A CA  1 
ATOM   106  C C   . ILE A 1 15  ? -3.779  4.494   1.425   1.00 10.67 ? 717  ILE A C   1 
ATOM   107  O O   . ILE A 1 15  ? -3.889  5.017   0.298   1.00 10.63 ? 717  ILE A O   1 
ATOM   108  C CB  . ILE A 1 15  ? -4.458  2.233   0.784   1.00 12.65 ? 717  ILE A CB  1 
ATOM   109  C CG1 . ILE A 1 15  ? -5.542  1.138   0.869   1.00 18.47 ? 717  ILE A CG1 1 
ATOM   110  C CG2 . ILE A 1 15  ? -3.019  1.631   0.951   1.00 14.51 ? 717  ILE A CG2 1 
ATOM   111  C CD1 . ILE A 1 15  ? -5.505  0.324   2.093   1.00 20.65 ? 717  ILE A CD1 1 
ATOM   112  N N   . GLU A 1 16  ? -2.893  4.814   2.355   1.00 10.83 ? 718  GLU A N   1 
ATOM   113  C CA  . GLU A 1 16  ? -1.890  5.856   2.144   1.00 11.64 ? 718  GLU A CA  1 
ATOM   114  C C   . GLU A 1 16  ? -0.551  5.179   1.994   1.00 12.19 ? 718  GLU A C   1 
ATOM   115  O O   . GLU A 1 16  ? -0.269  4.157   2.622   1.00 12.80 ? 718  GLU A O   1 
ATOM   116  C CB  . GLU A 1 16  ? -1.888  6.823   3.343   1.00 13.43 ? 718  GLU A CB  1 
ATOM   117  N N   . PHE A 1 17  ? 0.277   5.737   1.109   1.00 11.49 ? 719  PHE A N   1 
ATOM   118  C CA  . PHE A 1 17  ? 1.670   5.235   0.979   1.00 11.78 ? 719  PHE A CA  1 
ATOM   119  C C   . PHE A 1 17  ? 2.608   6.375   1.454   1.00 13.48 ? 719  PHE A C   1 
ATOM   120  O O   . PHE A 1 17  ? 2.486   7.506   0.977   1.00 13.47 ? 719  PHE A O   1 
ATOM   121  C CB  . PHE A 1 17  ? 2.108   4.942   -0.463  1.00 11.97 ? 719  PHE A CB  1 
ATOM   122  C CG  . PHE A 1 17  ? 1.502   3.693   -1.110  1.00 12.62 ? 719  PHE A CG  1 
ATOM   123  C CD1 . PHE A 1 17  ? 0.733   2.778   -0.415  1.00 13.08 ? 719  PHE A CD1 1 
ATOM   124  C CD2 . PHE A 1 17  ? 1.743   3.446   -2.450  1.00 11.94 ? 719  PHE A CD2 1 
ATOM   125  C CE1 . PHE A 1 17  ? 0.240   1.653   -1.022  1.00 10.63 ? 719  PHE A CE1 1 
ATOM   126  C CE2 . PHE A 1 17  ? 1.271   2.319   -3.072  1.00 10.10 ? 719  PHE A CE2 1 
ATOM   127  C CZ  . PHE A 1 17  ? 0.474   1.423   -2.351  1.00 10.01 ? 719  PHE A CZ  1 
ATOM   128  N N   . THR A 1 18  ? 3.534   6.021   2.321   1.00 13.25 ? 720  THR A N   1 
ATOM   129  C CA  . THR A 1 18  ? 4.664   6.901   2.638   1.00 14.76 ? 720  THR A CA  1 
ATOM   130  C C   . THR A 1 18  ? 5.951   6.251   2.159   1.00 13.70 ? 720  THR A C   1 
ATOM   131  O O   . THR A 1 18  ? 6.057   5.021   2.071   1.00 15.53 ? 720  THR A O   1 
ATOM   132  C CB  . THR A 1 18  ? 4.730   7.250   4.100   1.00 15.47 ? 720  THR A CB  1 
ATOM   133  O OG1 . THR A 1 18  ? 4.984   6.117   4.907   1.00 13.79 ? 720  THR A OG1 1 
ATOM   134  C CG2 . THR A 1 18  ? 3.425   7.741   4.621   1.00 18.02 ? 720  THR A CG2 1 
ATOM   135  N N   . PHE A 1 19  ? 6.955   7.079   1.871   1.00 13.33 ? 721  PHE A N   1 
ATOM   136  C CA  . PHE A 1 19  ? 8.137   6.555   1.221   1.00 13.72 ? 721  PHE A CA  1 
ATOM   137  C C   . PHE A 1 19  ? 9.451   6.967   1.835   1.00 16.95 ? 721  PHE A C   1 
ATOM   138  O O   . PHE A 1 19  ? 9.604   8.128   2.230   1.00 17.28 ? 721  PHE A O   1 
ATOM   139  C CB  . PHE A 1 19  ? 8.225   7.091   -0.208  1.00 14.88 ? 721  PHE A CB  1 
ATOM   140  C CG  . PHE A 1 19  ? 6.981   6.867   -1.058  1.00 13.86 ? 721  PHE A CG  1 
ATOM   141  C CD1 . PHE A 1 19  ? 5.983   7.826   -1.139  1.00 16.15 ? 721  PHE A CD1 1 
ATOM   142  C CD2 . PHE A 1 19  ? 6.840   5.711   -1.817  1.00 14.42 ? 721  PHE A CD2 1 
ATOM   143  C CE1 . PHE A 1 19  ? 4.877   7.652   -1.961  1.00 14.82 ? 721  PHE A CE1 1 
ATOM   144  C CE2 . PHE A 1 19  ? 5.699   5.518   -2.590  1.00 15.16 ? 721  PHE A CE2 1 
ATOM   145  C CZ  . PHE A 1 19  ? 4.745   6.476   -2.675  1.00 15.83 ? 721  PHE A CZ  1 
ATOM   146  N N   . GLU A 1 20  ? 10.429  6.060   1.810   1.00 16.58 ? 722  GLU A N   1 
ATOM   147  C CA  . GLU A 1 20  ? 11.800  6.448   2.121   1.00 18.25 ? 722  GLU A CA  1 
ATOM   148  C C   . GLU A 1 20  ? 12.710  5.733   1.160   1.00 19.05 ? 722  GLU A C   1 
ATOM   149  O O   . GLU A 1 20  ? 12.380  4.673   0.631   1.00 17.76 ? 722  GLU A O   1 
ATOM   150  C CB  . GLU A 1 20  ? 12.194  6.040   3.529   1.00 19.99 ? 722  GLU A CB  1 
ATOM   151  C CG  . GLU A 1 20  ? 11.371  6.704   4.607   1.00 20.90 ? 722  GLU A CG  1 
ATOM   152  C CD  . GLU A 1 20  ? 11.673  8.192   4.834   1.00 21.88 ? 722  GLU A CD  1 
ATOM   153  O OE1 . GLU A 1 20  ? 12.661  8.767   4.279   1.00 26.30 ? 722  GLU A OE1 1 
ATOM   154  O OE2 . GLU A 1 20  ? 10.879  8.795   5.597   1.00 25.83 ? 722  GLU A OE2 1 
ATOM   155  N N   . ARG A 1 21  ? 13.833  6.355   0.841   1.00 18.74 ? 723  ARG A N   1 
ATOM   156  C CA  . ARG A 1 21  ? 14.788  5.668   0.009   1.00 20.42 ? 723  ARG A CA  1 
ATOM   157  C C   . ARG A 1 21  ? 15.716  4.911   0.929   1.00 21.52 ? 723  ARG A C   1 
ATOM   158  O O   . ARG A 1 21  ? 16.035  5.322   2.063   1.00 21.62 ? 723  ARG A O   1 
ATOM   159  C CB  . ARG A 1 21  ? 15.575  6.614   -0.899  1.00 21.59 ? 723  ARG A CB  1 
ATOM   160  C CG  . ARG A 1 21  ? 16.323  5.855   -2.086  1.00 28.37 ? 723  ARG A CG  1 
ATOM   161  C CD  . ARG A 1 21  ? 15.399  5.297   -3.222  1.00 32.44 ? 723  ARG A CD  1 
ATOM   162  N NE  . ARG A 1 21  ? 14.832  6.376   -3.994  1.00 35.99 ? 723  ARG A NE  1 
ATOM   163  C CZ  . ARG A 1 21  ? 14.855  6.494   -5.308  1.00 39.85 ? 723  ARG A CZ  1 
ATOM   164  N NH1 . ARG A 1 21  ? 15.394  5.566   -6.094  1.00 42.97 ? 723  ARG A NH1 1 
ATOM   165  N NH2 . ARG A 1 21  ? 14.300  7.560   -5.854  1.00 41.95 ? 723  ARG A NH2 1 
ATOM   166  N N   . SER A 1 22  ? 16.126  3.746   0.466   1.00 21.14 ? 724  SER A N   1 
ATOM   167  C CA  . SER A 1 22  ? 17.011  2.940   1.254   1.00 22.21 ? 724  SER A CA  1 
ATOM   168  C C   . SER A 1 22  ? 18.389  3.560   1.277   1.00 22.96 ? 724  SER A C   1 
ATOM   169  O O   . SER A 1 22  ? 18.886  4.053   0.270   1.00 22.83 ? 724  SER A O   1 
ATOM   170  C CB  . SER A 1 22  ? 17.128  1.534   0.664   1.00 22.21 ? 724  SER A CB  1 
ATOM   171  O OG  . SER A 1 22  ? 18.232  0.822   1.261   1.00 23.05 ? 724  SER A OG  1 
ATOM   172  N N   . ASN A 1 23  ? 19.021  3.509   2.433   1.00 25.48 ? 725  ASN A N   1 
ATOM   173  C CA  . ASN A 1 23  ? 20.432  3.932   2.514   1.00 27.83 ? 725  ASN A CA  1 
ATOM   174  C C   . ASN A 1 23  ? 21.382  2.733   2.298   1.00 27.65 ? 725  ASN A C   1 
ATOM   175  O O   . ASN A 1 23  ? 22.618  2.904   2.248   1.00 29.34 ? 725  ASN A O   1 
ATOM   176  C CB  . ASN A 1 23  ? 20.739  4.624   3.872   1.00 29.38 ? 725  ASN A CB  1 
ATOM   177  C CG  . ASN A 1 23  ? 20.664  3.673   5.044   1.00 32.46 ? 725  ASN A CG  1 
ATOM   178  O OD1 . ASN A 1 23  ? 19.711  2.916   5.152   1.00 41.27 ? 725  ASN A OD1 1 
ATOM   179  N ND2 . ASN A 1 23  ? 21.667  3.702   5.938   1.00 38.27 ? 725  ASN A ND2 1 
ATOM   180  N N   . THR A 1 24  ? 20.822  1.527   2.194   1.00 26.22 ? 726  THR A N   1 
ATOM   181  C CA  . THR A 1 24  ? 21.622  0.304   1.951   1.00 25.34 ? 726  THR A CA  1 
ATOM   182  C C   . THR A 1 24  ? 21.785  0.119   0.436   1.00 24.03 ? 726  THR A C   1 
ATOM   183  O O   . THR A 1 24  ? 22.867  -0.212  -0.102  1.00 21.65 ? 726  THR A O   1 
ATOM   184  C CB  . THR A 1 24  ? 20.879  -0.906  2.541   1.00 25.91 ? 726  THR A CB  1 
ATOM   185  O OG1 . THR A 1 24  ? 20.868  -0.829  3.979   1.00 26.80 ? 726  THR A OG1 1 
ATOM   186  C CG2 . THR A 1 24  ? 21.568  -2.247  2.198   1.00 27.04 ? 726  THR A CG2 1 
ATOM   187  N N   . ASN A 1 25  ? 20.690  0.333   -0.275  1.00 22.15 ? 727  ASN A N   1 
ATOM   188  C CA  . ASN A 1 25  ? 20.707  0.199   -1.733  1.00 21.33 ? 727  ASN A CA  1 
ATOM   189  C C   . ASN A 1 25  ? 19.872  1.319   -2.346  1.00 22.96 ? 727  ASN A C   1 
ATOM   190  O O   . ASN A 1 25  ? 18.672  1.297   -2.250  1.00 20.26 ? 727  ASN A O   1 
ATOM   191  C CB  . ASN A 1 25  ? 20.112  -1.152  -2.152  1.00 19.09 ? 727  ASN A CB  1 
ATOM   192  C CG  . ASN A 1 25  ? 20.129  -1.363  -3.659  1.00 19.77 ? 727  ASN A CG  1 
ATOM   193  O OD1 . ASN A 1 25  ? 20.379  -0.437  -4.413  1.00 20.03 ? 727  ASN A OD1 1 
ATOM   194  N ND2 . ASN A 1 25  ? 19.853  -2.600  -4.117  1.00 15.64 ? 727  ASN A ND2 1 
ATOM   195  N N   . PRO A 1 26  ? 20.524  2.275   -2.988  1.00 23.77 ? 728  PRO A N   1 
ATOM   196  C CA  . PRO A 1 26  ? 19.846  3.458   -3.559  1.00 24.10 ? 728  PRO A CA  1 
ATOM   197  C C   . PRO A 1 26  ? 18.786  3.151   -4.602  1.00 22.92 ? 728  PRO A C   1 
ATOM   198  O O   . PRO A 1 26  ? 17.976  4.041   -4.964  1.00 24.30 ? 728  PRO A O   1 
ATOM   199  C CB  . PRO A 1 26  ? 21.015  4.238   -4.194  1.00 24.69 ? 728  PRO A CB  1 
ATOM   200  C CG  . PRO A 1 26  ? 22.185  3.761   -3.452  1.00 25.99 ? 728  PRO A CG  1 
ATOM   201  C CD  . PRO A 1 26  ? 21.981  2.308   -3.206  1.00 25.17 ? 728  PRO A CD  1 
ATOM   202  N N   . SER A 1 27  ? 18.765  1.913   -5.071  1.00 20.38 ? 729  SER A N   1 
ATOM   203  C CA  . SER A 1 27  ? 17.810  1.481   -6.064  1.00 19.16 ? 729  SER A CA  1 
ATOM   204  C C   . SER A 1 27  ? 16.524  1.001   -5.395  1.00 15.63 ? 729  SER A C   1 
ATOM   205  O O   . SER A 1 27  ? 15.562  0.635   -6.082  1.00 16.01 ? 729  SER A O   1 
ATOM   206  C CB  . SER A 1 27  ? 18.399  0.326   -6.868  1.00 19.96 ? 729  SER A CB  1 
ATOM   207  O OG  . SER A 1 27  ? 19.439  0.833   -7.731  1.00 22.61 ? 729  SER A OG  1 
ATOM   208  N N   . VAL A 1 28  ? 16.545  0.946   -4.078  1.00 14.23 ? 730  VAL A N   1 
ATOM   209  C CA  . VAL A 1 28  ? 15.361  0.488   -3.332  1.00 12.91 ? 730  VAL A CA  1 
ATOM   210  C C   . VAL A 1 28  ? 14.557  1.632   -2.709  1.00 14.52 ? 730  VAL A C   1 
ATOM   211  O O   . VAL A 1 28  ? 15.097  2.481   -2.034  1.00 16.56 ? 730  VAL A O   1 
ATOM   212  C CB  . VAL A 1 28  ? 15.786  -0.455  -2.198  1.00 13.33 ? 730  VAL A CB  1 
ATOM   213  C CG1 . VAL A 1 28  ? 14.659  -0.807  -1.266  1.00 12.82 ? 730  VAL A CG1 1 
ATOM   214  C CG2 . VAL A 1 28  ? 16.382  -1.687  -2.784  1.00 12.57 ? 730  VAL A CG2 1 
ATOM   215  N N   . THR A 1 29  ? 13.260  1.584   -2.916  1.00 13.05 ? 731  THR A N   1 
ATOM   216  C CA  . THR A 1 29  ? 12.295  2.478   -2.250  1.00 13.81 ? 731  THR A CA  1 
ATOM   217  C C   . THR A 1 29  ? 11.463  1.656   -1.285  1.00 13.04 ? 731  THR A C   1 
ATOM   218  O O   . THR A 1 29  ? 10.949  0.621   -1.634  1.00 11.41 ? 731  THR A O   1 
ATOM   219  C CB  . THR A 1 29  ? 11.448  3.198   -3.267  1.00 14.88 ? 731  THR A CB  1 
ATOM   220  O OG1 . THR A 1 29  ? 12.310  4.028   -4.061  1.00 18.27 ? 731  THR A OG1 1 
ATOM   221  C CG2 . THR A 1 29  ? 10.511  4.194   -2.597  1.00 18.19 ? 731  THR A CG2 1 
ATOM   222  N N   . VAL A 1 30  ? 11.434  2.097   -0.031  1.00 11.45 ? 732  VAL A N   1 
ATOM   223  C CA  . VAL A 1 30  ? 10.677  1.445   0.998   1.00 11.55 ? 732  VAL A CA  1 
ATOM   224  C C   . VAL A 1 30  ? 9.349   2.172   1.123   1.00 11.65 ? 732  VAL A C   1 
ATOM   225  O O   . VAL A 1 30  ? 9.282   3.359   1.486   1.00 13.31 ? 732  VAL A O   1 
ATOM   226  C CB  . VAL A 1 30  ? 11.416  1.506   2.334   1.00 13.40 ? 732  VAL A CB  1 
ATOM   227  C CG1 . VAL A 1 30  ? 10.661  0.791   3.383   1.00 13.04 ? 732  VAL A CG1 1 
ATOM   228  C CG2 . VAL A 1 30  ? 12.812  0.959   2.119   1.00 15.58 ? 732  VAL A CG2 1 
ATOM   229  N N   . ILE A 1 31  ? 8.280   1.413   0.928   1.00 11.52 ? 733  ILE A N   1 
ATOM   230  C CA  . ILE A 1 31  ? 6.956   1.989   0.964   1.00 12.71 ? 733  ILE A CA  1 
ATOM   231  C C   . ILE A 1 31  ? 6.287   1.474   2.209   1.00 12.95 ? 733  ILE A C   1 
ATOM   232  O O   . ILE A 1 31  ? 6.225   0.255   2.495   1.00 14.39 ? 733  ILE A O   1 
ATOM   233  C CB  . ILE A 1 31  ? 6.141   1.579   -0.253  1.00 11.36 ? 733  ILE A CB  1 
ATOM   234  C CG1 . ILE A 1 31  ? 6.923   1.927   -1.483  1.00 13.97 ? 733  ILE A CG1 1 
ATOM   235  C CG2 . ILE A 1 31  ? 4.692   2.160   -0.144  1.00 13.51 ? 733  ILE A CG2 1 
ATOM   236  C CD1 . ILE A 1 31  ? 6.422   1.322   -2.829  1.00 16.44 ? 733  ILE A CD1 1 
ATOM   237  N N   . THR A 1 32  ? 5.808   2.402   3.005   1.00 12.74 ? 734  THR A N   1 
ATOM   238  C CA  . THR A 1 32  ? 5.017   1.999   4.141   1.00 13.73 ? 734  THR A CA  1 
ATOM   239  C C   . THR A 1 32  ? 3.565   2.305   3.821   1.00 14.55 ? 734  THR A C   1 
ATOM   240  O O   . THR A 1 32  ? 3.195   3.427   3.513   1.00 15.41 ? 734  THR A O   1 
ATOM   241  C CB  . THR A 1 32  ? 5.462   2.807   5.383   1.00 14.59 ? 734  THR A CB  1 
ATOM   242  O OG1 . THR A 1 32  ? 6.794   2.454   5.746   1.00 16.47 ? 734  THR A OG1 1 
ATOM   243  C CG2 . THR A 1 32  ? 4.639   2.425   6.596   1.00 15.03 ? 734  THR A CG2 1 
ATOM   244  N N   . ILE A 1 33  ? 2.711   1.318   3.927   1.00 13.51 ? 735  ILE A N   1 
ATOM   245  C CA  . ILE A 1 33  ? 1.333   1.532   3.612   1.00 15.96 ? 735  ILE A CA  1 
ATOM   246  C C   . ILE A 1 33  ? 0.591   1.637   4.934   1.00 15.29 ? 735  ILE A C   1 
ATOM   247  O O   . ILE A 1 33  ? 0.951   0.960   5.916   1.00 16.34 ? 735  ILE A O   1 
ATOM   248  C CB  . ILE A 1 33  ? 0.807   0.369   2.709   1.00 18.64 ? 735  ILE A CB  1 
ATOM   249  C CG1 . ILE A 1 33  ? 0.261   -0.741  3.512   1.00 23.19 ? 735  ILE A CG1 1 
ATOM   250  C CG2 . ILE A 1 33  ? 1.869   -0.102  1.664   1.00 18.29 ? 735  ILE A CG2 1 
ATOM   251  C CD1 . ILE A 1 33  ? -0.680  -1.630  2.765   1.00 29.19 ? 735  ILE A CD1 1 
ATOM   252  N N   . GLN A 1 34  ? -0.408  2.507   4.980   1.00 13.46 ? 736  GLN A N   1 
ATOM   253  C CA  . GLN A 1 34  ? -1.203  2.731   6.163   1.00 12.78 ? 736  GLN A CA  1 
ATOM   254  C C   . GLN A 1 34  ? -2.669  2.599   5.702   1.00 13.16 ? 736  GLN A C   1 
ATOM   255  O O   . GLN A 1 34  ? -3.109  3.378   4.897   1.00 12.67 ? 736  GLN A O   1 
ATOM   256  C CB  . GLN A 1 34  ? -0.987  4.127   6.700   1.00 14.32 ? 736  GLN A CB  1 
ATOM   257  C CG  . GLN A 1 34  ? 0.441   4.454   7.203   1.00 16.66 ? 736  GLN A CG  1 
ATOM   258  C CD  . GLN A 1 34  ? 0.920   3.737   8.460   1.00 21.38 ? 736  GLN A CD  1 
ATOM   259  O OE1 . GLN A 1 34  ? 2.108   3.929   8.865   1.00 22.94 ? 736  GLN A OE1 1 
ATOM   260  N NE2 . GLN A 1 34  ? 0.082   2.921   9.062   1.00 16.94 ? 736  GLN A NE2 1 
ATOM   261  N N   . ALA A 1 35  ? -3.373  1.577   6.187   1.00 14.09 ? 737  ALA A N   1 
ATOM   262  C CA  . ALA A 1 35  ? -4.736  1.383   5.768   1.00 14.95 ? 737  ALA A CA  1 
ATOM   263  C C   . ALA A 1 35  ? -5.625  1.841   6.897   1.00 14.82 ? 737  ALA A C   1 
ATOM   264  O O   . ALA A 1 35  ? -5.393  1.447   8.042   1.00 15.97 ? 737  ALA A O   1 
ATOM   265  C CB  . ALA A 1 35  ? -5.009  -0.027  5.520   1.00 14.74 ? 737  ALA A CB  1 
ATOM   266  N N   . SER A 1 36  ? -6.607  2.682   6.564   1.00 13.20 ? 738  SER A N   1 
ATOM   267  C CA  . SER A 1 36  ? -7.597  3.174   7.525   1.00 14.59 ? 738  SER A CA  1 
ATOM   268  C C   . SER A 1 36  ? -9.068  3.025   7.083   1.00 14.39 ? 738  SER A C   1 
ATOM   269  O O   . SER A 1 36  ? -9.338  2.839   5.929   1.00 14.17 ? 738  SER A O   1 
ATOM   270  C CB  . SER A 1 36  ? -7.263  4.623   7.881   1.00 15.68 ? 738  SER A CB  1 
ATOM   271  O OG  . SER A 1 36  ? -7.337  5.443   6.768   1.00 15.79 ? 738  SER A OG  1 
ATOM   272  N N   . ASN A 1 37  ? -9.989  3.072   8.046   1.00 12.81 ? 739  ASN A N   1 
ATOM   273  C CA  . ASN A 1 37  ? -11.385 2.682   7.844   1.00 13.92 ? 739  ASN A CA  1 
ATOM   274  C C   . ASN A 1 37  ? -12.244 3.735   8.527   1.00 13.71 ? 739  ASN A C   1 
ATOM   275  O O   . ASN A 1 37  ? -12.228 3.843   9.754   1.00 15.30 ? 739  ASN A O   1 
ATOM   276  C CB  . ASN A 1 37  ? -11.595 1.351   8.545   1.00 13.84 ? 739  ASN A CB  1 
ATOM   277  C CG  . ASN A 1 37  ? -13.051 0.881   8.636   1.00 14.73 ? 739  ASN A CG  1 
ATOM   278  O OD1 . ASN A 1 37  ? -14.010 1.469   8.113   1.00 12.51 ? 739  ASN A OD1 1 
ATOM   279  N ND2 . ASN A 1 37  ? -13.195 -0.290  9.301   1.00 11.87 ? 739  ASN A ND2 1 
ATOM   280  N N   . SER A 1 38  ? -12.959 4.482   7.730   1.00 14.61 ? 740  SER A N   1 
ATOM   281  C CA  . SER A 1 38  ? -13.818 5.533   8.270   1.00 15.20 ? 740  SER A CA  1 
ATOM   282  C C   . SER A 1 38  ? -15.242 5.127   8.554   1.00 15.68 ? 740  SER A C   1 
ATOM   283  O O   . SER A 1 38  ? -16.123 5.964   8.823   1.00 15.99 ? 740  SER A O   1 
ATOM   284  C CB  . SER A 1 38  ? -13.811 6.746   7.342   1.00 17.55 ? 740  SER A CB  1 
ATOM   285  O OG  . SER A 1 38  ? -14.328 6.440   6.072   1.00 18.44 ? 740  SER A OG  1 
ATOM   286  N N   . THR A 1 39  ? -15.569 3.832   8.348   1.00 13.17 ? 741  THR A N   1 
ATOM   287  C CA  . THR A 1 39  ? -16.903 3.342   8.586   1.00 12.37 ? 741  THR A CA  1 
ATOM   288  C C   . THR A 1 39  ? -17.115 2.920   10.018  1.00 12.66 ? 741  THR A C   1 
ATOM   289  O O   . THR A 1 39  ? -16.192 2.990   10.850  1.00 12.58 ? 741  THR A O   1 
ATOM   290  C CB  . THR A 1 39  ? -17.184 2.144   7.687   1.00 12.70 ? 741  THR A CB  1 
ATOM   291  O OG1 . THR A 1 39  ? -16.700 0.909   8.273   1.00 12.60 ? 741  THR A OG1 1 
ATOM   292  C CG2 . THR A 1 39  ? -16.496 2.298   6.324   1.00 12.48 ? 741  THR A CG2 1 
ATOM   293  N N   . GLU A 1 40  ? -18.324 2.419   10.282  1.00 12.82 ? 742  GLU A N   1 
ATOM   294  C CA  . GLU A 1 40  ? -18.703 1.966   11.629  1.00 13.41 ? 742  GLU A CA  1 
ATOM   295  C C   . GLU A 1 40  ? -18.369 0.545   11.993  1.00 14.45 ? 742  GLU A C   1 
ATOM   296  O O   . GLU A 1 40  ? -18.589 0.134   13.130  1.00 15.03 ? 742  GLU A O   1 
ATOM   297  C CB  . GLU A 1 40  ? -20.245 2.175   11.825  1.00 13.14 ? 742  GLU A CB  1 
ATOM   298  C CG  . GLU A 1 40  ? -20.687 3.614   11.751  1.00 14.06 ? 742  GLU A CG  1 
ATOM   299  C CD  . GLU A 1 40  ? -22.177 3.770   11.948  1.00 14.42 ? 742  GLU A CD  1 
ATOM   300  O OE1 . GLU A 1 40  ? -22.828 2.795   12.331  1.00 15.39 ? 742  GLU A OE1 1 
ATOM   301  O OE2 . GLU A 1 40  ? -22.676 4.879   11.731  1.00 16.02 ? 742  GLU A OE2 1 
ATOM   302  N N   . LEU A 1 41  ? -17.864 -0.209  11.028  1.00 13.11 ? 743  LEU A N   1 
ATOM   303  C CA  . LEU A 1 41  ? -17.585 -1.613  11.241  1.00 13.49 ? 743  LEU A CA  1 
ATOM   304  C C   . LEU A 1 41  ? -16.192 -1.975  10.812  1.00 13.11 ? 743  LEU A C   1 
ATOM   305  O O   . LEU A 1 41  ? -15.674 -1.455  9.805   1.00 13.07 ? 743  LEU A O   1 
ATOM   306  C CB  . LEU A 1 41  ? -18.572 -2.424  10.454  1.00 11.97 ? 743  LEU A CB  1 
ATOM   307  C CG  . LEU A 1 41  ? -20.036 -2.302  10.912  1.00 16.68 ? 743  LEU A CG  1 
ATOM   308  C CD1 . LEU A 1 41  ? -21.006 -2.862  9.887   1.00 20.08 ? 743  LEU A CD1 1 
ATOM   309  C CD2 . LEU A 1 41  ? -20.199 -2.987  12.261  1.00 16.67 ? 743  LEU A CD2 1 
ATOM   310  N N   . ASP A 1 42  ? -15.573 -2.847  11.576  1.00 12.99 ? 744  ASP A N   1 
ATOM   311  C CA  . ASP A 1 42  ? -14.221 -3.266  11.274  1.00 12.18 ? 744  ASP A CA  1 
ATOM   312  C C   . ASP A 1 42  ? -14.109 -3.950  9.955   1.00 12.26 ? 744  ASP A C   1 
ATOM   313  O O   . ASP A 1 42  ? -15.099 -4.568  9.490   1.00 12.59 ? 744  ASP A O   1 
ATOM   314  C CB  . ASP A 1 42  ? -13.734 -4.264  12.327  1.00 12.90 ? 744  ASP A CB  1 
ATOM   315  C CG  . ASP A 1 42  ? -13.474 -3.665  13.680  1.00 15.37 ? 744  ASP A CG  1 
ATOM   316  O OD1 . ASP A 1 42  ? -13.448 -2.430  13.863  1.00 15.64 ? 744  ASP A OD1 1 
ATOM   317  O OD2 . ASP A 1 42  ? -13.269 -4.469  14.641  1.00 20.36 ? 744  ASP A OD2 1 
ATOM   318  N N   . MET A 1 43  ? -12.924 -3.832  9.328   1.00 10.49 ? 745  MET A N   1 
ATOM   319  C CA  . MET A 1 43  ? -12.625 -4.586  8.072   1.00 10.63 ? 745  MET A CA  1 
ATOM   320  C C   . MET A 1 43  ? -11.678 -5.654  8.520   1.00 12.65 ? 745  MET A C   1 
ATOM   321  O O   . MET A 1 43  ? -10.568 -5.331  8.971   1.00 12.93 ? 745  MET A O   1 
ATOM   322  C CB  . MET A 1 43  ? -12.022 -3.661  6.982   1.00 10.39 ? 745  MET A CB  1 
ATOM   323  C CG  . MET A 1 43  ? -13.001 -2.643  6.493   1.00 11.88 ? 745  MET A CG  1 
ATOM   324  S SD  . MET A 1 43  ? -12.171 -1.295  5.632   1.00 12.07 ? 745  MET A SD  1 
ATOM   325  C CE  . MET A 1 43  ? -13.611 -0.402  5.162   1.00 13.34 ? 745  MET A CE  1 
ATOM   326  N N   . THR A 1 44  ? -12.113 -6.917  8.435   1.00 10.04 ? 746  THR A N   1 
ATOM   327  C CA  . THR A 1 44  ? -11.315 -8.012  8.994   1.00 11.19 ? 746  THR A CA  1 
ATOM   328  C C   . THR A 1 44  ? -10.676 -8.877  7.895   1.00 9.51  ? 746  THR A C   1 
ATOM   329  O O   . THR A 1 44  ? -11.055 -8.862  6.746   1.00 10.25 ? 746  THR A O   1 
ATOM   330  C CB  . THR A 1 44  ? -12.190 -8.904  9.924   1.00 10.44 ? 746  THR A CB  1 
ATOM   331  O OG1 . THR A 1 44  ? -13.287 -9.409  9.161   1.00 13.11 ? 746  THR A OG1 1 
ATOM   332  C CG2 . THR A 1 44  ? -12.846 -8.071  11.000  1.00 13.72 ? 746  THR A CG2 1 
ATOM   333  N N   . ASP A 1 45  ? -9.782  -9.739  8.338   1.00 11.00 ? 747  ASP A N   1 
ATOM   334  C CA  . ASP A 1 45  ? -9.068  -10.634 7.458   1.00 10.60 ? 747  ASP A CA  1 
ATOM   335  C C   . ASP A 1 45  ? -8.540  -9.855  6.262   1.00 11.02 ? 747  ASP A C   1 
ATOM   336  O O   . ASP A 1 45  ? -8.621  -10.313 5.138   1.00 11.34 ? 747  ASP A O   1 
ATOM   337  C CB  . ASP A 1 45  ? -9.927  -11.801 6.960   1.00 9.72  ? 747  ASP A CB  1 
ATOM   338  C CG  . ASP A 1 45  ? -10.395 -12.720 8.088   1.00 15.15 ? 747  ASP A CG  1 
ATOM   339  O OD1 . ASP A 1 45  ? -9.700  -12.880 9.069   1.00 14.26 ? 747  ASP A OD1 1 
ATOM   340  O OD2 . ASP A 1 45  ? -11.468 -13.340 7.992   1.00 18.57 ? 747  ASP A OD2 1 
ATOM   341  N N   . PHE A 1 46  ? -7.989  -8.679  6.580   1.00 10.05 ? 748  PHE A N   1 
ATOM   342  C CA  . PHE A 1 46  ? -7.510  -7.741  5.544   1.00 9.02  ? 748  PHE A CA  1 
ATOM   343  C C   . PHE A 1 46  ? -6.172  -8.203  4.961   1.00 10.10 ? 748  PHE A C   1 
ATOM   344  O O   . PHE A 1 46  ? -5.226  -8.441  5.689   1.00 9.81  ? 748  PHE A O   1 
ATOM   345  C CB  . PHE A 1 46  ? -7.344  -6.383  6.154   1.00 10.10 ? 748  PHE A CB  1 
ATOM   346  C CG  . PHE A 1 46  ? -6.982  -5.341  5.129   1.00 9.15  ? 748  PHE A CG  1 
ATOM   347  C CD1 . PHE A 1 46  ? -7.955  -4.666  4.477   1.00 14.30 ? 748  PHE A CD1 1 
ATOM   348  C CD2 . PHE A 1 46  ? -5.662  -5.062  4.877   1.00 12.38 ? 748  PHE A CD2 1 
ATOM   349  C CE1 . PHE A 1 46  ? -7.640  -3.731  3.522   1.00 17.31 ? 748  PHE A CE1 1 
ATOM   350  C CE2 . PHE A 1 46  ? -5.340  -4.172  3.873   1.00 14.74 ? 748  PHE A CE2 1 
ATOM   351  C CZ  . PHE A 1 46  ? -6.358  -3.467  3.246   1.00 14.50 ? 748  PHE A CZ  1 
ATOM   352  N N   . VAL A 1 47  ? -6.117  -8.316  3.633   1.00 9.84  ? 749  VAL A N   1 
ATOM   353  C CA  . VAL A 1 47  ? -4.898  -8.618  2.890   1.00 10.13 ? 749  VAL A CA  1 
ATOM   354  C C   . VAL A 1 47  ? -4.673  -7.611  1.782   1.00 10.67 ? 749  VAL A C   1 
ATOM   355  O O   . VAL A 1 47  ? -5.598  -7.323  0.998   1.00 10.92 ? 749  VAL A O   1 
ATOM   356  C CB  . VAL A 1 47  ? -4.934  -10.011 2.243   1.00 12.54 ? 749  VAL A CB  1 
ATOM   357  C CG1 . VAL A 1 47  ? -3.627  -10.286 1.525   1.00 12.64 ? 749  VAL A CG1 1 
ATOM   358  C CG2 . VAL A 1 47  ? -5.138  -11.087 3.328   1.00 14.37 ? 749  VAL A CG2 1 
ATOM   359  N N   . PHE A 1 48  ? -3.481  -6.982  1.820   1.00 10.52 ? 750  PHE A N   1 
ATOM   360  C CA  . PHE A 1 48  ? -2.997  -6.129  0.757   1.00 9.66  ? 750  PHE A CA  1 
ATOM   361  C C   . PHE A 1 48  ? -2.035  -6.939  -0.117  1.00 10.35 ? 750  PHE A C   1 
ATOM   362  O O   . PHE A 1 48  ? -1.178  -7.639  0.395   1.00 11.69 ? 750  PHE A O   1 
ATOM   363  C CB  . PHE A 1 48  ? -2.260  -4.930  1.372   1.00 8.30  ? 750  PHE A CB  1 
ATOM   364  C CG  . PHE A 1 48  ? -1.522  -4.059  0.369   1.00 10.98 ? 750  PHE A CG  1 
ATOM   365  C CD1 . PHE A 1 48  ? -2.119  -2.982  -0.201  1.00 10.77 ? 750  PHE A CD1 1 
ATOM   366  C CD2 . PHE A 1 48  ? -0.222  -4.349  0.012   1.00 11.73 ? 750  PHE A CD2 1 
ATOM   367  C CE1 . PHE A 1 48  ? -1.407  -2.146  -1.101  1.00 10.38 ? 750  PHE A CE1 1 
ATOM   368  C CE2 . PHE A 1 48  ? 0.461   -3.581  -0.884  1.00 13.34 ? 750  PHE A CE2 1 
ATOM   369  C CZ  . PHE A 1 48  ? -0.136  -2.500  -1.461  1.00 9.88  ? 750  PHE A CZ  1 
ATOM   370  N N   . GLN A 1 49  ? -2.177  -6.896  -1.432  1.00 9.79  ? 751  GLN A N   1 
ATOM   371  C CA  . GLN A 1 49  ? -1.178  -7.542  -2.278  1.00 11.46 ? 751  GLN A CA  1 
ATOM   372  C C   . GLN A 1 49  ? -0.837  -6.615  -3.406  1.00 12.30 ? 751  GLN A C   1 
ATOM   373  O O   . GLN A 1 49  ? -1.734  -5.993  -3.959  1.00 13.87 ? 751  GLN A O   1 
ATOM   374  C CB  . GLN A 1 49  ? -1.663  -8.848  -2.858  1.00 12.17 ? 751  GLN A CB  1 
ATOM   375  C CG  . GLN A 1 49  ? -1.874  -9.938  -1.837  1.00 13.57 ? 751  GLN A CG  1 
ATOM   376  C CD  . GLN A 1 49  ? -2.676  -11.101 -2.392  1.00 17.81 ? 751  GLN A CD  1 
ATOM   377  O OE1 . GLN A 1 49  ? -3.856  -10.995 -2.720  1.00 16.53 ? 751  GLN A OE1 1 
ATOM   378  N NE2 . GLN A 1 49  ? -2.004  -12.237 -2.486  1.00 26.12 ? 751  GLN A NE2 1 
ATOM   379  N N   . ALA A 1 50  ? 0.442   -6.461  -3.698  1.00 11.23 ? 752  ALA A N   1 
ATOM   380  C CA  . ALA A 1 50  ? 0.880   -5.597  -4.797  1.00 11.41 ? 752  ALA A CA  1 
ATOM   381  C C   . ALA A 1 50  ? 1.531   -6.403  -5.933  1.00 11.22 ? 752  ALA A C   1 
ATOM   382  O O   . ALA A 1 50  ? 2.053   -7.496  -5.730  1.00 12.87 ? 752  ALA A O   1 
ATOM   383  C CB  . ALA A 1 50  ? 1.906   -4.534  -4.268  1.00 12.28 ? 752  ALA A CB  1 
ATOM   384  N N   . ALA A 1 51  ? 1.590   -5.774  -7.114  1.00 10.51 ? 753  ALA A N   1 
ATOM   385  C CA  . ALA A 1 51  ? 2.282   -6.339  -8.268  1.00 11.43 ? 753  ALA A CA  1 
ATOM   386  C C   . ALA A 1 51  ? 2.866   -5.148  -9.008  1.00 9.94  ? 753  ALA A C   1 
ATOM   387  O O   . ALA A 1 51  ? 2.216   -4.117  -9.182  1.00 11.29 ? 753  ALA A O   1 
ATOM   388  C CB  . ALA A 1 51  ? 1.364   -7.116  -9.202  1.00 13.45 ? 753  ALA A CB  1 
ATOM   389  N N   . VAL A 1 52  ? 4.104   -5.309  -9.421  1.00 11.19 ? 754  VAL A N   1 
ATOM   390  C CA  . VAL A 1 52  ? 4.818   -4.253  -10.160 1.00 10.73 ? 754  VAL A CA  1 
ATOM   391  C C   . VAL A 1 52  ? 5.308   -4.781  -11.514 1.00 11.26 ? 754  VAL A C   1 
ATOM   392  O O   . VAL A 1 52  ? 5.381   -5.986  -11.698 1.00 11.48 ? 754  VAL A O   1 
ATOM   393  C CB  . VAL A 1 52  ? 5.965   -3.660  -9.302  1.00 11.06 ? 754  VAL A CB  1 
ATOM   394  C CG1 . VAL A 1 52  ? 5.319   -2.843  -8.133  1.00 13.87 ? 754  VAL A CG1 1 
ATOM   395  C CG2 . VAL A 1 52  ? 6.941   -4.745  -8.859  1.00 12.99 ? 754  VAL A CG2 1 
ATOM   396  N N   . PRO A 1 53  ? 5.641   -3.895  -12.443 1.00 11.83 ? 755  PRO A N   1 
ATOM   397  C CA  . PRO A 1 53  ? 6.078   -4.315  -13.786 1.00 13.97 ? 755  PRO A CA  1 
ATOM   398  C C   . PRO A 1 53  ? 7.375   -5.140  -13.799 1.00 15.59 ? 755  PRO A C   1 
ATOM   399  O O   . PRO A 1 53  ? 8.107   -5.172  -12.826 1.00 14.91 ? 755  PRO A O   1 
ATOM   400  C CB  . PRO A 1 53  ? 6.230   -2.991  -14.520 1.00 14.16 ? 755  PRO A CB  1 
ATOM   401  C CG  . PRO A 1 53  ? 5.415   -2.059  -13.811 1.00 13.89 ? 755  PRO A CG  1 
ATOM   402  C CD  . PRO A 1 53  ? 5.513   -2.430  -12.349 1.00 13.75 ? 755  PRO A CD  1 
ATOM   403  N N   . LYS A 1 54  ? 7.606   -5.822  -14.907 1.00 17.26 ? 756  LYS A N   1 
ATOM   404  C CA  . LYS A 1 54  ? 8.778   -6.678  -15.041 1.00 21.49 ? 756  LYS A CA  1 
ATOM   405  C C   . LYS A 1 54  ? 10.128  -6.110  -14.702 1.00 22.56 ? 756  LYS A C   1 
ATOM   406  O O   . LYS A 1 54  ? 10.993  -6.851  -14.265 1.00 23.53 ? 756  LYS A O   1 
ATOM   407  C CB  . LYS A 1 54  ? 8.875   -7.228  -16.459 1.00 22.83 ? 756  LYS A CB  1 
ATOM   408  C CG  . LYS A 1 54  ? 8.061   -8.464  -16.515 1.00 26.66 ? 756  LYS A CG  1 
ATOM   409  N N   . THR A 1 55  ? 10.401  -4.856  -14.907 1.00 24.25 ? 757  THR A N   1 
ATOM   410  C CA  . THR A 1 55  ? 11.800  -4.552  -14.533 1.00 25.98 ? 757  THR A CA  1 
ATOM   411  C C   . THR A 1 55  ? 11.978  -4.242  -13.044 1.00 24.66 ? 757  THR A C   1 
ATOM   412  O O   . THR A 1 55  ? 13.086  -3.962  -12.549 1.00 26.69 ? 757  THR A O   1 
ATOM   413  C CB  . THR A 1 55  ? 12.340  -3.508  -15.368 1.00 26.40 ? 757  THR A CB  1 
ATOM   414  O OG1 . THR A 1 55  ? 11.542  -2.338  -15.222 1.00 29.78 ? 757  THR A OG1 1 
ATOM   415  C CG2 . THR A 1 55  ? 12.192  -3.932  -16.866 1.00 27.55 ? 757  THR A CG2 1 
ATOM   416  N N   . PHE A 1 56  ? 10.891  -4.334  -12.310 1.00 21.68 ? 758  PHE A N   1 
ATOM   417  C CA  . PHE A 1 56  ? 10.933  -4.086  -10.866 1.00 18.64 ? 758  PHE A CA  1 
ATOM   418  C C   . PHE A 1 56  ? 10.899  -5.375  -10.082 1.00 18.35 ? 758  PHE A C   1 
ATOM   419  O O   . PHE A 1 56  ? 10.372  -6.383  -10.568 1.00 18.27 ? 758  PHE A O   1 
ATOM   420  C CB  . PHE A 1 56  ? 9.687   -3.297  -10.504 1.00 17.81 ? 758  PHE A CB  1 
ATOM   421  C CG  . PHE A 1 56  ? 9.600   -1.964  -11.138 1.00 17.61 ? 758  PHE A CG  1 
ATOM   422  C CD1 . PHE A 1 56  ? 9.188   -1.817  -12.458 1.00 23.21 ? 758  PHE A CD1 1 
ATOM   423  C CD2 . PHE A 1 56  ? 9.843   -0.855  -10.410 1.00 19.85 ? 758  PHE A CD2 1 
ATOM   424  C CE1 . PHE A 1 56  ? 9.071   -0.550  -13.025 1.00 21.67 ? 758  PHE A CE1 1 
ATOM   425  C CE2 . PHE A 1 56  ? 9.757   0.393   -10.964 1.00 19.40 ? 758  PHE A CE2 1 
ATOM   426  C CZ  . PHE A 1 56  ? 9.355   0.555   -12.273 1.00 20.76 ? 758  PHE A CZ  1 
ATOM   427  N N   . GLN A 1 57  ? 11.436  -5.372  -8.852  1.00 16.50 ? 759  GLN A N   1 
ATOM   428  C CA  . GLN A 1 57  ? 11.290  -6.473  -7.930  1.00 16.82 ? 759  GLN A CA  1 
ATOM   429  C C   . GLN A 1 57  ? 10.645  -5.929  -6.659  1.00 15.29 ? 759  GLN A C   1 
ATOM   430  O O   . GLN A 1 57  ? 10.817  -4.783  -6.295  1.00 16.97 ? 759  GLN A O   1 
ATOM   431  C CB  . GLN A 1 57  ? 12.602  -7.131  -7.569  1.00 17.44 ? 759  GLN A CB  1 
ATOM   432  C CG  . GLN A 1 57  ? 13.284  -7.709  -8.736  1.00 23.52 ? 759  GLN A CG  1 
ATOM   433  C CD  . GLN A 1 57  ? 12.512  -8.766  -9.418  1.00 28.26 ? 759  GLN A CD  1 
ATOM   434  O OE1 . GLN A 1 57  ? 11.598  -9.384  -8.865  1.00 33.30 ? 759  GLN A OE1 1 
ATOM   435  N NE2 . GLN A 1 57  ? 12.906  -9.027  -10.652 1.00 37.48 ? 759  GLN A NE2 1 
ATOM   436  N N   . LEU A 1 58  ? 9.884   -6.807  -6.024  1.00 15.95 ? 760  LEU A N   1 
ATOM   437  C CA  . LEU A 1 58  ? 9.064   -6.473  -4.899  1.00 15.22 ? 760  LEU A CA  1 
ATOM   438  C C   . LEU A 1 58  ? 9.272   -7.406  -3.765  1.00 14.54 ? 760  LEU A C   1 
ATOM   439  O O   . LEU A 1 58  ? 9.393   -8.667  -3.960  1.00 15.15 ? 760  LEU A O   1 
ATOM   440  C CB  . LEU A 1 58  ? 7.622   -6.579  -5.383  1.00 17.79 ? 760  LEU A CB  1 
ATOM   441  C CG  . LEU A 1 58  ? 6.523   -6.447  -4.344  1.00 17.69 ? 760  LEU A CG  1 
ATOM   442  C CD1 . LEU A 1 58  ? 6.375   -4.972  -3.917  1.00 22.91 ? 760  LEU A CD1 1 
ATOM   443  C CD2 . LEU A 1 58  ? 5.191   -6.947  -4.979  1.00 21.09 ? 760  LEU A CD2 1 
ATOM   444  N N   . GLN A 1 59  ? 9.332   -6.856  -2.554  1.00 12.70 ? 761  GLN A N   1 
ATOM   445  C CA  . GLN A 1 59  ? 9.346   -7.647  -1.363  1.00 14.12 ? 761  GLN A CA  1 
ATOM   446  C C   . GLN A 1 59  ? 8.305   -7.135  -0.414  1.00 14.88 ? 761  GLN A C   1 
ATOM   447  O O   . GLN A 1 59  ? 8.391   -5.995  0.006   1.00 15.11 ? 761  GLN A O   1 
ATOM   448  C CB  . GLN A 1 59  ? 10.697  -7.570  -0.685  1.00 15.74 ? 761  GLN A CB  1 
ATOM   449  C CG  . GLN A 1 59  ? 10.819  -8.375  0.570   1.00 17.33 ? 761  GLN A CG  1 
ATOM   450  C CD  . GLN A 1 59  ? 12.184  -8.254  1.231   1.00 21.92 ? 761  GLN A CD  1 
ATOM   451  O OE1 . GLN A 1 59  ? 12.567  -7.161  1.757   1.00 26.94 ? 761  GLN A OE1 1 
ATOM   452  N NE2 . GLN A 1 59  ? 12.894  -9.398  1.311   1.00 18.67 ? 761  GLN A NE2 1 
ATOM   453  N N   . GLU A 1 60  ? 7.355   -7.996  -0.056  1.00 14.40 ? 762  GLU A N   1 
ATOM   454  C CA  . GLU A 1 60  ? 6.314   -7.635  0.901   1.00 14.09 ? 762  GLU A CA  1 
ATOM   455  C C   . GLU A 1 60  ? 6.592   -8.205  2.282   1.00 14.45 ? 762  GLU A C   1 
ATOM   456  O O   . GLU A 1 60  ? 6.662   -9.422  2.423   1.00 17.06 ? 762  GLU A O   1 
ATOM   457  C CB  . GLU A 1 60  ? 4.963   -8.117  0.390   1.00 15.52 ? 762  GLU A CB  1 
ATOM   458  C CG  . GLU A 1 60  ? 4.646   -7.502  -0.984  1.00 13.03 ? 762  GLU A CG  1 
ATOM   459  C CD  . GLU A 1 60  ? 3.240   -7.787  -1.500  1.00 17.94 ? 762  GLU A CD  1 
ATOM   460  O OE1 . GLU A 1 60  ? 2.560   -6.864  -1.907  1.00 18.49 ? 762  GLU A OE1 1 
ATOM   461  O OE2 . GLU A 1 60  ? 2.811   -8.943  -1.498  1.00 18.91 ? 762  GLU A OE2 1 
ATOM   462  N N   . LEU A 1 61  ? 6.695   -7.329  3.258   1.00 15.23 ? 763  LEU A N   1 
ATOM   463  C CA  . LEU A 1 61  ? 6.909   -7.724  4.655   1.00 15.67 ? 763  LEU A CA  1 
ATOM   464  C C   . LEU A 1 61  ? 5.589   -7.916  5.379   1.00 17.17 ? 763  LEU A C   1 
ATOM   465  O O   . LEU A 1 61  ? 4.507   -7.639  4.849   1.00 17.05 ? 763  LEU A O   1 
ATOM   466  C CB  . LEU A 1 61  ? 7.750   -6.726  5.370   1.00 15.91 ? 763  LEU A CB  1 
ATOM   467  C CG  . LEU A 1 61  ? 9.149   -6.592  4.727   1.00 17.83 ? 763  LEU A CG  1 
ATOM   468  C CD1 . LEU A 1 61  ? 9.961   -5.552  5.480   1.00 20.82 ? 763  LEU A CD1 1 
ATOM   469  C CD2 . LEU A 1 61  ? 9.874   -7.850  4.646   1.00 19.00 ? 763  LEU A CD2 1 
ATOM   470  N N   . SER A 1 62  ? 5.679   -8.466  6.594   1.00 17.27 ? 764  SER A N   1 
ATOM   471  C CA  . SER A 1 62  ? 4.433   -8.802  7.341   1.00 18.01 ? 764  SER A CA  1 
ATOM   472  C C   . SER A 1 62  ? 3.723   -7.577  7.817   1.00 17.92 ? 764  SER A C   1 
ATOM   473  O O   . SER A 1 62  ? 4.341   -6.635  8.313   1.00 19.22 ? 764  SER A O   1 
ATOM   474  C CB  . SER A 1 62  ? 4.799   -9.696  8.518   1.00 20.15 ? 764  SER A CB  1 
ATOM   475  O OG  . SER A 1 62  ? 5.390   -10.864 8.026   1.00 22.28 ? 764  SER A OG  1 
ATOM   476  N N   . PRO A 1 63  ? 2.406   -7.595  7.681   1.00 16.54 ? 765  PRO A N   1 
ATOM   477  C CA  . PRO A 1 63  ? 1.570   -6.483  8.108   1.00 16.41 ? 765  PRO A CA  1 
ATOM   478  C C   . PRO A 1 63  ? 1.485   -6.438  9.610   1.00 16.97 ? 765  PRO A C   1 
ATOM   479  O O   . PRO A 1 63  ? 1.813   -7.431  10.238  1.00 19.78 ? 765  PRO A O   1 
ATOM   480  C CB  . PRO A 1 63  ? 0.192   -6.831  7.493   1.00 17.36 ? 765  PRO A CB  1 
ATOM   481  C CG  . PRO A 1 63  ? 0.214   -8.271  7.256   1.00 16.06 ? 765  PRO A CG  1 
ATOM   482  C CD  . PRO A 1 63  ? 1.630   -8.622  6.977   1.00 16.28 ? 765  PRO A CD  1 
ATOM   483  N N   . SER A 1 64  ? 1.016   -5.323  10.148  1.00 18.87 ? 766  SER A N   1 
ATOM   484  C CA  . SER A 1 64  ? 0.938   -5.181  11.595  1.00 18.97 ? 766  SER A CA  1 
ATOM   485  C C   . SER A 1 64  ? -0.267  -5.882  12.156  1.00 18.83 ? 766  SER A C   1 
ATOM   486  O O   . SER A 1 64  ? -0.291  -6.234  13.352  1.00 16.86 ? 766  SER A O   1 
ATOM   487  C CB  . SER A 1 64  ? 0.902   -3.704  11.978  1.00 19.77 ? 766  SER A CB  1 
ATOM   488  O OG  . SER A 1 64  ? -0.268  -3.065  11.492  1.00 20.62 ? 766  SER A OG  1 
ATOM   489  N N   . SER A 1 65  ? -1.291  -6.088  11.312  1.00 16.53 ? 767  SER A N   1 
ATOM   490  C CA  . SER A 1 65  ? -2.500  -6.742  11.781  1.00 17.31 ? 767  SER A CA  1 
ATOM   491  C C   . SER A 1 65  ? -3.344  -7.069  10.572  1.00 15.41 ? 767  SER A C   1 
ATOM   492  O O   . SER A 1 65  ? -2.935  -6.731  9.434   1.00 14.70 ? 767  SER A O   1 
ATOM   493  C CB  . SER A 1 65  ? -3.238  -5.860  12.785  1.00 19.97 ? 767  SER A CB  1 
ATOM   494  O OG  . SER A 1 65  ? -4.224  -5.085  12.181  1.00 23.14 ? 767  SER A OG  1 
ATOM   495  N N   . SER A 1 66  ? -4.446  -7.760  10.798  1.00 14.54 ? 768  SER A N   1 
ATOM   496  C CA  . SER A 1 66  ? -5.368  -8.112  9.732   1.00 14.89 ? 768  SER A CA  1 
ATOM   497  C C   . SER A 1 66  ? -6.698  -7.436  9.902   1.00 12.32 ? 768  SER A C   1 
ATOM   498  O O   . SER A 1 66  ? -7.682  -7.837  9.254   1.00 11.73 ? 768  SER A O   1 
ATOM   499  C CB  . SER A 1 66  ? -5.548  -9.606  9.659   1.00 15.47 ? 768  SER A CB  1 
ATOM   500  O OG  . SER A 1 66  ? -4.244  -10.207 9.564   1.00 16.51 ? 768  SER A OG  1 
ATOM   501  N N   . VAL A 1 67  ? -6.761  -6.444  10.772  1.00 12.77 ? 769  VAL A N   1 
ATOM   502  C CA  . VAL A 1 67  ? -8.007  -5.724  10.993  1.00 12.70 ? 769  VAL A CA  1 
ATOM   503  C C   . VAL A 1 67  ? -7.833  -4.226  10.850  1.00 12.55 ? 769  VAL A C   1 
ATOM   504  O O   . VAL A 1 67  ? -6.931  -3.643  11.469  1.00 12.78 ? 769  VAL A O   1 
ATOM   505  C CB  . VAL A 1 67  ? -8.542  -5.919  12.435  1.00 14.43 ? 769  VAL A CB  1 
ATOM   506  C CG1 . VAL A 1 67  ? -9.821  -5.197  12.606  1.00 15.35 ? 769  VAL A CG1 1 
ATOM   507  C CG2 . VAL A 1 67  ? -8.699  -7.398  12.740  1.00 15.71 ? 769  VAL A CG2 1 
ATOM   508  N N   . VAL A 1 68  ? -8.654  -3.596  10.009  1.00 12.46 ? 770  VAL A N   1 
ATOM   509  C CA  . VAL A 1 68  ? -8.647  -2.119  9.920   1.00 11.95 ? 770  VAL A CA  1 
ATOM   510  C C   . VAL A 1 68  ? -9.823  -1.682  10.763  1.00 12.77 ? 770  VAL A C   1 
ATOM   511  O O   . VAL A 1 68  ? -10.966 -1.932  10.407  1.00 10.83 ? 770  VAL A O   1 
ATOM   512  C CB  . VAL A 1 68  ? -8.821  -1.617  8.493   1.00 12.63 ? 770  VAL A CB  1 
ATOM   513  C CG1 . VAL A 1 68  ? -8.341  -0.213  8.374   1.00 14.00 ? 770  VAL A CG1 1 
ATOM   514  C CG2 . VAL A 1 68  ? -8.114  -2.544  7.495   1.00 14.67 ? 770  VAL A CG2 1 
ATOM   515  N N   . PRO A 1 69  ? -9.562  -1.083  11.929  1.00 13.81 ? 771  PRO A N   1 
ATOM   516  C CA  . PRO A 1 69  ? -10.636 -0.833  12.862  1.00 15.25 ? 771  PRO A CA  1 
ATOM   517  C C   . PRO A 1 69  ? -11.532 0.297   12.411  1.00 13.39 ? 771  PRO A C   1 
ATOM   518  O O   . PRO A 1 69  ? -11.069 1.290   11.787  1.00 12.34 ? 771  PRO A O   1 
ATOM   519  C CB  . PRO A 1 69  ? -9.913  -0.417  14.156  1.00 17.23 ? 771  PRO A CB  1 
ATOM   520  C CG  . PRO A 1 69  ? -8.505  -0.548  13.888  1.00 19.65 ? 771  PRO A CG  1 
ATOM   521  C CD  . PRO A 1 69  ? -8.271  -0.603  12.428  1.00 16.13 ? 771  PRO A CD  1 
ATOM   522  N N   . ALA A 1 70  ? -12.772 0.198   12.811  1.00 15.02 ? 772  ALA A N   1 
ATOM   523  C CA  . ALA A 1 70  ? -13.739 1.237   12.565  1.00 14.64 ? 772  ALA A CA  1 
ATOM   524  C C   . ALA A 1 70  ? -13.352 2.570   13.206  1.00 16.40 ? 772  ALA A C   1 
ATOM   525  O O   . ALA A 1 70  ? -12.501 2.623   14.111  1.00 15.10 ? 772  ALA A O   1 
ATOM   526  C CB  . ALA A 1 70  ? -15.074 0.808   13.132  1.00 15.74 ? 772  ALA A CB  1 
ATOM   527  N N   . PHE A 1 71  ? -13.987 3.632   12.710  1.00 17.65 ? 773  PHE A N   1 
ATOM   528  C CA  . PHE A 1 71  ? -13.747 4.995   13.220  1.00 20.92 ? 773  PHE A CA  1 
ATOM   529  C C   . PHE A 1 71  ? -12.316 5.430   13.188  1.00 22.73 ? 773  PHE A C   1 
ATOM   530  O O   . PHE A 1 71  ? -11.904 6.344   13.954  1.00 23.32 ? 773  PHE A O   1 
ATOM   531  C CB  . PHE A 1 71  ? -14.194 5.075   14.665  1.00 20.87 ? 773  PHE A CB  1 
ATOM   532  C CG  . PHE A 1 71  ? -15.675 5.257   14.849  1.00 23.08 ? 773  PHE A CG  1 
ATOM   533  C CD1 . PHE A 1 71  ? -16.142 5.784   15.996  1.00 23.52 ? 773  PHE A CD1 1 
ATOM   534  C CD2 . PHE A 1 71  ? -16.556 4.934   13.860  1.00 30.47 ? 773  PHE A CD2 1 
ATOM   535  C CE1 . PHE A 1 71  ? -17.485 5.998   16.204  1.00 23.37 ? 773  PHE A CE1 1 
ATOM   536  C CE2 . PHE A 1 71  ? -17.948 5.127   14.063  1.00 30.74 ? 773  PHE A CE2 1 
ATOM   537  C CZ  . PHE A 1 71  ? -18.379 5.655   15.247  1.00 25.51 ? 773  PHE A CZ  1 
ATOM   538  N N   . ASN A 1 72  ? -11.486 4.801   12.379  1.00 23.97 ? 774  ASN A N   1 
ATOM   539  C CA  . ASN A 1 72  ? -10.152 5.293   12.185  1.00 27.13 ? 774  ASN A CA  1 
ATOM   540  C C   . ASN A 1 72  ? -9.382  5.294   13.476  1.00 26.91 ? 774  ASN A C   1 
ATOM   541  O O   . ASN A 1 72  ? -8.636  6.247   13.736  1.00 28.20 ? 774  ASN A O   1 
ATOM   542  C CB  . ASN A 1 72  ? -10.206 6.757   11.711  1.00 28.11 ? 774  ASN A CB  1 
ATOM   543  C CG  . ASN A 1 72  ? -10.489 6.907   10.237  1.00 31.18 ? 774  ASN A CG  1 
ATOM   544  O OD1 . ASN A 1 72  ? -11.469 7.547   9.847   1.00 31.38 ? 774  ASN A OD1 1 
ATOM   545  N ND2 . ASN A 1 72  ? -9.632  6.314   9.396   1.00 36.21 ? 774  ASN A ND2 1 
ATOM   546  N N   . THR A 1 73  ? -9.515  4.289   14.316  1.00 27.49 ? 775  THR A N   1 
ATOM   547  C CA  . THR A 1 73  ? -8.809  4.346   15.598  1.00 28.28 ? 775  THR A CA  1 
ATOM   548  C C   . THR A 1 73  ? -7.384  3.815   15.506  1.00 28.25 ? 775  THR A C   1 
ATOM   549  O O   . THR A 1 73  ? -6.644  3.839   16.499  1.00 30.12 ? 775  THR A O   1 
ATOM   550  C CB  . THR A 1 73  ? -9.571  3.562   16.642  1.00 28.58 ? 775  THR A CB  1 
ATOM   551  O OG1 . THR A 1 73  ? -9.561  2.182   16.272  1.00 30.95 ? 775  THR A OG1 1 
ATOM   552  C CG2 . THR A 1 73  ? -11.051 3.918   16.626  1.00 28.14 ? 775  THR A CG2 1 
ATOM   553  N N   . GLY A 1 74  ? -6.995  3.314   14.341  1.00 25.71 ? 776  GLY A N   1 
ATOM   554  C CA  . GLY A 1 74  ? -5.609  2.941   14.137  1.00 23.54 ? 776  GLY A CA  1 
ATOM   555  C C   . GLY A 1 74  ? -5.538  2.581   12.678  1.00 22.65 ? 776  GLY A C   1 
ATOM   556  O O   . GLY A 1 74  ? -6.496  2.856   11.922  1.00 20.63 ? 776  GLY A O   1 
ATOM   557  N N   . THR A 1 75  ? -4.456  1.922   12.316  1.00 20.52 ? 777  THR A N   1 
ATOM   558  C CA  . THR A 1 75  ? -4.260  1.521   10.953  1.00 19.65 ? 777  THR A CA  1 
ATOM   559  C C   . THR A 1 75  ? -3.661  0.166   10.903  1.00 19.10 ? 777  THR A C   1 
ATOM   560  O O   . THR A 1 75  ? -3.118  -0.353  11.905  1.00 18.23 ? 777  THR A O   1 
ATOM   561  C CB  . THR A 1 75  ? -3.315  2.480   10.217  1.00 18.95 ? 777  THR A CB  1 
ATOM   562  O OG1 . THR A 1 75  ? -1.983  2.421   10.771  1.00 20.42 ? 777  THR A OG1 1 
ATOM   563  C CG2 . THR A 1 75  ? -3.712  3.912   10.358  1.00 19.03 ? 777  THR A CG2 1 
ATOM   564  N N   . ILE A 1 76  ? -3.769  -0.462  9.742   1.00 16.62 ? 778  ILE A N   1 
ATOM   565  C CA  . ILE A 1 76  ? -2.828  -1.525  9.425   1.00 16.49 ? 778  ILE A CA  1 
ATOM   566  C C   . ILE A 1 76  ? -1.601  -0.873  8.752   1.00 16.94 ? 778  ILE A C   1 
ATOM   567  O O   . ILE A 1 76  ? -1.751  -0.143  7.758   1.00 17.38 ? 778  ILE A O   1 
ATOM   568  C CB  . ILE A 1 76  ? -3.419  -2.549  8.439   1.00 15.25 ? 778  ILE A CB  1 
ATOM   569  C CG1 . ILE A 1 76  ? -4.542  -3.333  9.158   1.00 16.91 ? 778  ILE A CG1 1 
ATOM   570  C CG2 . ILE A 1 76  ? -2.312  -3.517  7.941   1.00 16.49 ? 778  ILE A CG2 1 
ATOM   571  C CD1 . ILE A 1 76  ? -5.213  -4.415  8.262   1.00 15.29 ? 778  ILE A CD1 1 
ATOM   572  N N   . THR A 1 77  ? -0.416  -1.254  9.197   1.00 16.45 ? 779  THR A N   1 
ATOM   573  C CA  . THR A 1 77  ? 0.832   -0.772  8.646   1.00 17.78 ? 779  THR A CA  1 
ATOM   574  C C   . THR A 1 77  ? 1.548   -1.956  8.016   1.00 18.17 ? 779  THR A C   1 
ATOM   575  O O   . THR A 1 77  ? 1.712   -2.981  8.673   1.00 17.82 ? 779  THR A O   1 
ATOM   576  C CB  . THR A 1 77  ? 1.772   -0.160  9.723   1.00 17.92 ? 779  THR A CB  1 
ATOM   577  O OG1 . THR A 1 77  ? 1.105   0.903   10.423  1.00 16.95 ? 779  THR A OG1 1 
ATOM   578  C CG2 . THR A 1 77  ? 2.967   0.500   9.073   1.00 18.06 ? 779  THR A CG2 1 
ATOM   579  N N   . GLN A 1 78  ? 1.960   -1.809  6.759   1.00 18.00 ? 780  GLN A N   1 
ATOM   580  C CA  . GLN A 1 78  ? 2.719   -2.860  6.087   1.00 15.05 ? 780  GLN A CA  1 
ATOM   581  C C   . GLN A 1 78  ? 3.740   -2.226  5.252   1.00 14.96 ? 780  GLN A C   1 
ATOM   582  O O   . GLN A 1 78  ? 3.534   -1.228  4.517   1.00 15.57 ? 780  GLN A O   1 
ATOM   583  C CB  . GLN A 1 78  ? 1.845   -3.839  5.332   1.00 15.14 ? 780  GLN A CB  1 
ATOM   584  C CG  . GLN A 1 78  ? 2.577   -4.963  4.578   1.00 14.88 ? 780  GLN A CG  1 
ATOM   585  C CD  . GLN A 1 78  ? 1.598   -5.932  3.918   1.00 12.28 ? 780  GLN A CD  1 
ATOM   586  O OE1 . GLN A 1 78  ? 0.434   -5.580  3.741   1.00 13.36 ? 780  GLN A OE1 1 
ATOM   587  N NE2 . GLN A 1 78  ? 2.087   -7.084  3.442   1.00 14.38 ? 780  GLN A NE2 1 
ATOM   588  N N   . VAL A 1 79  ? 4.939   -2.774  5.389   1.00 14.47 ? 781  VAL A N   1 
ATOM   589  C CA  . VAL A 1 79  ? 6.053   -2.291  4.614   1.00 14.56 ? 781  VAL A CA  1 
ATOM   590  C C   . VAL A 1 79  ? 6.218   -3.152  3.379   1.00 14.20 ? 781  VAL A C   1 
ATOM   591  O O   . VAL A 1 79  ? 6.177   -4.375  3.443   1.00 13.13 ? 781  VAL A O   1 
ATOM   592  C CB  . VAL A 1 79  ? 7.361   -2.330  5.404   1.00 14.84 ? 781  VAL A CB  1 
ATOM   593  C CG1 . VAL A 1 79  ? 8.525   -2.030  4.470   1.00 15.28 ? 781  VAL A CG1 1 
ATOM   594  C CG2 . VAL A 1 79  ? 7.315   -1.341  6.569   1.00 17.53 ? 781  VAL A CG2 1 
ATOM   595  N N   . ILE A 1 80  ? 6.409   -2.500  2.256   1.00 13.13 ? 782  ILE A N   1 
ATOM   596  C CA  . ILE A 1 80  ? 6.745   -3.226  1.031   1.00 14.69 ? 782  ILE A CA  1 
ATOM   597  C C   . ILE A 1 80  ? 7.969   -2.560  0.422   1.00 13.60 ? 782  ILE A C   1 
ATOM   598  O O   . ILE A 1 80  ? 8.121   -1.349  0.467   1.00 16.24 ? 782  ILE A O   1 
ATOM   599  C CB  . ILE A 1 80  ? 5.555   -3.309  0.050   1.00 15.24 ? 782  ILE A CB  1 
ATOM   600  C CG1 . ILE A 1 80  ? 5.017   -1.948  -0.318  1.00 18.03 ? 782  ILE A CG1 1 
ATOM   601  C CG2 . ILE A 1 80  ? 4.345   -4.185  0.642   1.00 15.58 ? 782  ILE A CG2 1 
ATOM   602  C CD1 . ILE A 1 80  ? 4.069   -2.055  -1.465  1.00 19.03 ? 782  ILE A CD1 1 
ATOM   603  N N   . LYS A 1 81  ? 8.918   -3.320  -0.077  1.00 11.33 ? 783  LYS A N   1 
ATOM   604  C CA  . LYS A 1 81  ? 10.067  -2.747  -0.757  1.00 11.58 ? 783  LYS A CA  1 
ATOM   605  C C   . LYS A 1 81  ? 10.064  -2.958  -2.261  1.00 10.79 ? 783  LYS A C   1 
ATOM   606  O O   . LYS A 1 81  ? 9.694   -4.035  -2.755  1.00 11.32 ? 783  LYS A O   1 
ATOM   607  C CB  . LYS A 1 81  ? 11.351  -3.336  -0.203  1.00 11.44 ? 783  LYS A CB  1 
ATOM   608  C CG  . LYS A 1 81  ? 11.509  -3.089  1.307   1.00 14.23 ? 783  LYS A CG  1 
ATOM   609  C CD  . LYS A 1 81  ? 12.927  -3.605  1.790   1.00 15.86 ? 783  LYS A CD  1 
ATOM   610  C CE  . LYS A 1 81  ? 13.167  -3.468  3.272   1.00 19.71 ? 783  LYS A CE  1 
ATOM   611  N NZ  . LYS A 1 81  ? 14.541  -4.012  3.545   1.00 18.29 ? 783  LYS A NZ  1 
ATOM   612  N N   . VAL A 1 82  ? 10.490  -1.936  -2.992  1.00 11.94 ? 784  VAL A N   1 
ATOM   613  C CA  . VAL A 1 82  ? 10.558  -2.025  -4.426  1.00 12.80 ? 784  VAL A CA  1 
ATOM   614  C C   . VAL A 1 82  ? 11.983  -1.797  -4.898  1.00 13.01 ? 784  VAL A C   1 
ATOM   615  O O   . VAL A 1 82  ? 12.587  -0.797  -4.549  1.00 14.79 ? 784  VAL A O   1 
ATOM   616  C CB  . VAL A 1 82  ? 9.682   -0.995  -5.086  1.00 14.11 ? 784  VAL A CB  1 
ATOM   617  C CG1 . VAL A 1 82  ? 9.835   -1.005  -6.520  1.00 17.04 ? 784  VAL A CG1 1 
ATOM   618  C CG2 . VAL A 1 82  ? 8.194   -1.285  -4.745  1.00 14.47 ? 784  VAL A CG2 1 
ATOM   619  N N   . LEU A 1 83  ? 12.511  -2.721  -5.705  1.00 14.14 ? 785  LEU A N   1 
ATOM   620  C CA  . LEU A 1 83  ? 13.847  -2.599  -6.298  1.00 15.10 ? 785  LEU A CA  1 
ATOM   621  C C   . LEU A 1 83  ? 13.662  -2.158  -7.739  1.00 15.60 ? 785  LEU A C   1 
ATOM   622  O O   . LEU A 1 83  ? 13.004  -2.861  -8.508  1.00 16.84 ? 785  LEU A O   1 
ATOM   623  C CB  . LEU A 1 83  ? 14.560  -3.949  -6.266  1.00 15.29 ? 785  LEU A CB  1 
ATOM   624  C CG  . LEU A 1 83  ? 15.933  -4.097  -6.885  1.00 17.78 ? 785  LEU A CG  1 
ATOM   625  C CD1 . LEU A 1 83  ? 16.906  -3.089  -6.316  1.00 19.56 ? 785  LEU A CD1 1 
ATOM   626  C CD2 . LEU A 1 83  ? 16.403  -5.516  -6.616  1.00 19.88 ? 785  LEU A CD2 1 
ATOM   627  N N   . ASN A 1 84  ? 14.255  -1.037  -8.095  1.00 16.76 ? 786  ASN A N   1 
ATOM   628  C CA  . ASN A 1 84  ? 14.064  -0.371  -9.394  1.00 18.61 ? 786  ASN A CA  1 
ATOM   629  C C   . ASN A 1 84  ? 15.408  0.070   -9.946  1.00 21.84 ? 786  ASN A C   1 
ATOM   630  O O   . ASN A 1 84  ? 15.789  1.216   -9.835  1.00 23.55 ? 786  ASN A O   1 
ATOM   631  C CB  . ASN A 1 84  ? 13.162  0.832   -9.157  1.00 18.29 ? 786  ASN A CB  1 
ATOM   632  C CG  . ASN A 1 84  ? 12.821  1.595   -10.415 1.00 17.93 ? 786  ASN A CG  1 
ATOM   633  O OD1 . ASN A 1 84  ? 13.182  1.210   -11.518 1.00 16.93 ? 786  ASN A OD1 1 
ATOM   634  N ND2 . ASN A 1 84  ? 12.132  2.727   -10.224 1.00 17.59 ? 786  ASN A ND2 1 
ATOM   635  N N   . PRO A 1 85  ? 16.129  -0.889  -10.489 1.00 26.44 ? 787  PRO A N   1 
ATOM   636  C CA  . PRO A 1 85  ? 17.508  -0.655  -10.934 1.00 28.39 ? 787  PRO A CA  1 
ATOM   637  C C   . PRO A 1 85  ? 17.543  0.290   -12.108 1.00 29.29 ? 787  PRO A C   1 
ATOM   638  O O   . PRO A 1 85  ? 18.413  1.165   -12.175 1.00 29.36 ? 787  PRO A O   1 
ATOM   639  C CB  . PRO A 1 85  ? 18.002  -2.044  -11.367 1.00 28.49 ? 787  PRO A CB  1 
ATOM   640  C CG  . PRO A 1 85  ? 16.933  -3.027  -11.063 1.00 29.40 ? 787  PRO A CG  1 
ATOM   641  C CD  . PRO A 1 85  ? 15.661  -2.252  -10.778 1.00 26.28 ? 787  PRO A CD  1 
ATOM   642  N N   . GLN A 1 86  ? 16.586  0.122   -13.006 1.00 30.37 ? 788  GLN A N   1 
ATOM   643  C CA  . GLN A 1 86  ? 16.543  0.920   -14.216 1.00 31.47 ? 788  GLN A CA  1 
ATOM   644  C C   . GLN A 1 86  ? 15.935  2.316   -14.031 1.00 30.98 ? 788  GLN A C   1 
ATOM   645  O O   . GLN A 1 86  ? 15.868  3.085   -14.976 1.00 32.32 ? 788  GLN A O   1 
ATOM   646  C CB  . GLN A 1 86  ? 15.827  0.110   -15.303 1.00 32.32 ? 788  GLN A CB  1 
ATOM   647  C CG  . GLN A 1 86  ? 16.464  -1.214  -15.596 1.00 35.62 ? 788  GLN A CG  1 
ATOM   648  C CD  . GLN A 1 86  ? 15.797  -1.923  -16.750 1.00 41.07 ? 788  GLN A CD  1 
ATOM   649  O OE1 . GLN A 1 86  ? 15.215  -1.283  -17.633 1.00 44.09 ? 788  GLN A OE1 1 
ATOM   650  N NE2 . GLN A 1 86  ? 15.864  -3.249  -16.750 1.00 45.13 ? 788  GLN A NE2 1 
ATOM   651  N N   . LYS A 1 87  ? 15.562  2.685   -12.813 1.00 29.81 ? 789  LYS A N   1 
ATOM   652  C CA  . LYS A 1 87  ? 14.951  3.973   -12.534 1.00 29.72 ? 789  LYS A CA  1 
ATOM   653  C C   . LYS A 1 87  ? 13.735  4.242   -13.444 1.00 28.00 ? 789  LYS A C   1 
ATOM   654  O O   . LYS A 1 87  ? 13.526  5.368   -13.905 1.00 29.16 ? 789  LYS A O   1 
ATOM   655  C CB  . LYS A 1 87  ? 15.964  5.111   -12.683 1.00 30.30 ? 789  LYS A CB  1 
ATOM   656  C CG  . LYS A 1 87  ? 16.905  5.284   -11.527 1.00 34.18 ? 789  LYS A CG  1 
ATOM   657  C CD  . LYS A 1 87  ? 17.584  6.635   -11.652 1.00 39.01 ? 789  LYS A CD  1 
ATOM   658  C CE  . LYS A 1 87  ? 18.608  6.874   -10.557 1.00 42.08 ? 789  LYS A CE  1 
ATOM   659  N NZ  . LYS A 1 87  ? 18.937  8.344   -10.448 1.00 45.22 ? 789  LYS A NZ  1 
ATOM   660  N N   . GLN A 1 88  ? 12.951  3.215   -13.729 1.00 26.12 ? 790  GLN A N   1 
ATOM   661  C CA  . GLN A 1 88  ? 11.703  3.413   -14.477 1.00 24.61 ? 790  GLN A CA  1 
ATOM   662  C C   . GLN A 1 88  ? 10.638  4.086   -13.568 1.00 22.72 ? 790  GLN A C   1 
ATOM   663  O O   . GLN A 1 88  ? 10.670  4.023   -12.327 1.00 19.40 ? 790  GLN A O   1 
ATOM   664  C CB  . GLN A 1 88  ? 11.144  2.091   -14.999 1.00 25.75 ? 790  GLN A CB  1 
ATOM   665  C CG  . GLN A 1 88  ? 12.094  1.184   -15.793 1.00 30.81 ? 790  GLN A CG  1 
ATOM   666  C CD  . GLN A 1 88  ? 12.338  1.627   -17.220 1.00 37.52 ? 790  GLN A CD  1 
ATOM   667  O OE1 . GLN A 1 88  ? 12.132  2.793   -17.571 1.00 41.86 ? 790  GLN A OE1 1 
ATOM   668  N NE2 . GLN A 1 88  ? 12.792  0.691   -18.053 1.00 42.09 ? 790  GLN A NE2 1 
ATOM   669  N N   . GLN A 1 89  ? 9.674   4.739   -14.196 1.00 21.58 ? 791  GLN A N   1 
ATOM   670  C CA  . GLN A 1 89  ? 8.603   5.341   -13.412 1.00 20.36 ? 791  GLN A CA  1 
ATOM   671  C C   . GLN A 1 89  ? 7.874   4.230   -12.628 1.00 19.10 ? 791  GLN A C   1 
ATOM   672  O O   . GLN A 1 89  ? 7.459   3.240   -13.181 1.00 17.60 ? 791  GLN A O   1 
ATOM   673  C CB  . GLN A 1 89  ? 7.621   6.024   -14.339 1.00 21.98 ? 791  GLN A CB  1 
ATOM   674  C CG  . GLN A 1 89  ? 6.309   6.306   -13.665 1.00 24.56 ? 791  GLN A CG  1 
ATOM   675  C CD  . GLN A 1 89  ? 5.554   7.369   -14.415 1.00 31.88 ? 791  GLN A CD  1 
ATOM   676  O OE1 . GLN A 1 89  ? 4.920   8.220   -13.819 1.00 35.70 ? 791  GLN A OE1 1 
ATOM   677  N NE2 . GLN A 1 89  ? 5.632   7.323   -15.730 1.00 36.49 ? 791  GLN A NE2 1 
ATOM   678  N N   . LEU A 1 90  ? 7.729   4.417   -11.336 1.00 16.57 ? 792  LEU A N   1 
ATOM   679  C CA  . LEU A 1 90  ? 7.129   3.391   -10.484 1.00 16.18 ? 792  LEU A CA  1 
ATOM   680  C C   . LEU A 1 90  ? 5.639   3.425   -10.751 1.00 15.90 ? 792  LEU A C   1 
ATOM   681  O O   . LEU A 1 90  ? 5.045   4.468   -10.840 1.00 14.85 ? 792  LEU A O   1 
ATOM   682  C CB  . LEU A 1 90  ? 7.443   3.690   -9.044  1.00 16.78 ? 792  LEU A CB  1 
ATOM   683  C CG  . LEU A 1 90  ? 6.895   2.694   -8.012  1.00 18.23 ? 792  LEU A CG  1 
ATOM   684  C CD1 . LEU A 1 90  ? 7.169   1.251   -8.356  1.00 21.63 ? 792  LEU A CD1 1 
ATOM   685  C CD2 . LEU A 1 90  ? 7.528   3.025   -6.720  1.00 21.98 ? 792  LEU A CD2 1 
ATOM   686  N N   . ARG A 1 91  ? 5.046   2.250   -10.843 1.00 15.67 ? 793  ARG A N   1 
ATOM   687  C CA  . ARG A 1 91  ? 3.609   2.073   -11.016 1.00 14.58 ? 793  ARG A CA  1 
ATOM   688  C C   . ARG A 1 91  ? 3.284   0.702   -10.463 1.00 13.61 ? 793  ARG A C   1 
ATOM   689  O O   . ARG A 1 91  ? 4.164   -0.156  -10.369 1.00 12.16 ? 793  ARG A O   1 
ATOM   690  C CB  . ARG A 1 91  ? 3.179   2.140   -12.455 1.00 16.53 ? 793  ARG A CB  1 
ATOM   691  C CG  . ARG A 1 91  ? 3.843   1.141   -13.377 1.00 17.46 ? 793  ARG A CG  1 
ATOM   692  C CD  . ARG A 1 91  ? 3.611   1.512   -14.873 1.00 24.84 ? 793  ARG A CD  1 
ATOM   693  N NE  . ARG A 1 91  ? 2.175   1.466   -15.172 1.00 29.68 ? 793  ARG A NE  1 
ATOM   694  C CZ  . ARG A 1 91  ? 1.628   1.628   -16.371 1.00 36.74 ? 793  ARG A CZ  1 
ATOM   695  N NH1 . ARG A 1 91  ? 2.377   1.864   -17.445 1.00 40.95 ? 793  ARG A NH1 1 
ATOM   696  N NH2 . ARG A 1 91  ? 0.307   1.560   -16.495 1.00 34.17 ? 793  ARG A NH2 1 
ATOM   697  N N   . MET A 1 92  ? 2.033   0.493   -10.079 1.00 12.70 ? 794  MET A N   1 
ATOM   698  C CA  . MET A 1 92  ? 1.674   -0.720  -9.334  1.00 12.48 ? 794  MET A CA  1 
ATOM   699  C C   . MET A 1 92  ? 0.173   -1.004  -9.426  1.00 12.51 ? 794  MET A C   1 
ATOM   700  O O   . MET A 1 92  ? -0.665  -0.113  -9.531  1.00 12.60 ? 794  MET A O   1 
ATOM   701  C CB  . MET A 1 92  ? 2.156   -0.565  -7.865  1.00 14.83 ? 794  MET A CB  1 
ATOM   702  C CG  . MET A 1 92  ? 1.670   -1.551  -6.850  1.00 12.39 ? 794  MET A CG  1 
ATOM   703  S SD  . MET A 1 92  ? 2.103   -0.937  -5.186  1.00 13.32 ? 794  MET A SD  1 
ATOM   704  C CE  . MET A 1 92  ? 3.853   -0.904  -5.188  1.00 12.63 ? 794  MET A CE  1 
ATOM   705  N N   . ARG A 1 93  ? -0.145  -2.289  -9.385  1.00 11.41 ? 795  ARG A N   1 
ATOM   706  C CA  . ARG A 1 93  ? -1.522  -2.748  -9.259  1.00 10.86 ? 795  ARG A CA  1 
ATOM   707  C C   . ARG A 1 93  ? -1.707  -3.360  -7.889  1.00 11.40 ? 795  ARG A C   1 
ATOM   708  O O   . ARG A 1 93  ? -0.941  -4.239  -7.535  1.00 13.02 ? 795  ARG A O   1 
ATOM   709  C CB  . ARG A 1 93  ? -1.813  -3.830  -10.273 1.00 12.51 ? 795  ARG A CB  1 
ATOM   710  C CG  . ARG A 1 93  ? -3.278  -4.140  -10.391 1.00 15.84 ? 795  ARG A CG  1 
ATOM   711  C CD  . ARG A 1 93  ? -3.586  -4.842  -11.641 1.00 18.28 ? 795  ARG A CD  1 
ATOM   712  N NE  . ARG A 1 93  ? -4.998  -5.092  -11.880 1.00 17.10 ? 795  ARG A NE  1 
ATOM   713  C CZ  . ARG A 1 93  ? -5.437  -6.255  -12.306 1.00 14.90 ? 795  ARG A CZ  1 
ATOM   714  N NH1 . ARG A 1 93  ? -4.540  -7.152  -12.584 1.00 14.99 ? 795  ARG A NH1 1 
ATOM   715  N NH2 . ARG A 1 93  ? -6.697  -6.435  -12.681 1.00 22.08 ? 795  ARG A NH2 1 
ATOM   716  N N   . ILE A 1 94  ? -2.710  -2.902  -7.157  1.00 10.11 ? 796  ILE A N   1 
ATOM   717  C CA  . ILE A 1 94  ? -2.956  -3.462  -5.824  1.00 10.96 ? 796  ILE A CA  1 
ATOM   718  C C   . ILE A 1 94  ? -4.245  -4.275  -5.798  1.00 11.18 ? 796  ILE A C   1 
ATOM   719  O O   . ILE A 1 94  ? -5.189  -4.026  -6.537  1.00 12.78 ? 796  ILE A O   1 
ATOM   720  C CB  . ILE A 1 94  ? -2.931  -2.360  -4.771  1.00 10.00 ? 796  ILE A CB  1 
ATOM   721  C CG1 . ILE A 1 94  ? -4.085  -1.361  -4.966  1.00 11.38 ? 796  ILE A CG1 1 
ATOM   722  C CG2 . ILE A 1 94  ? -1.540  -1.662  -4.848  1.00 10.88 ? 796  ILE A CG2 1 
ATOM   723  C CD1 . ILE A 1 94  ? -4.218  -0.277  -3.922  1.00 9.96  ? 796  ILE A CD1 1 
ATOM   724  N N   . LYS A 1 95  ? -4.255  -5.266  -4.892  1.00 10.39 ? 797  LYS A N   1 
ATOM   725  C CA  . LYS A 1 95  ? -5.448  -6.073  -4.724  1.00 10.72 ? 797  LYS A CA  1 
ATOM   726  C C   . LYS A 1 95  ? -5.736  -6.100  -3.233  1.00 10.03 ? 797  LYS A C   1 
ATOM   727  O O   . LYS A 1 95  ? -4.838  -6.430  -2.435  1.00 9.45  ? 797  LYS A O   1 
ATOM   728  C CB  . LYS A 1 95  ? -5.176  -7.483  -5.228  1.00 11.89 ? 797  LYS A CB  1 
ATOM   729  C CG  . LYS A 1 95  ? -6.279  -8.482  -5.058  1.00 12.32 ? 797  LYS A CG  1 
ATOM   730  C CD  . LYS A 1 95  ? -5.816  -9.834  -5.588  1.00 15.95 ? 797  LYS A CD  1 
ATOM   731  C CE  . LYS A 1 95  ? -6.959  -10.783 -5.875  1.00 19.37 ? 797  LYS A CE  1 
ATOM   732  N NZ  . LYS A 1 95  ? -6.442  -12.096 -6.376  1.00 16.14 ? 797  LYS A NZ  1 
ATOM   733  N N   . LEU A 1 96  ? -6.969  -5.770  -2.877  1.00 9.24  ? 798  LEU A N   1 
ATOM   734  C CA  . LEU A 1 96  ? -7.363  -5.581  -1.485  1.00 9.78  ? 798  LEU A CA  1 
ATOM   735  C C   . LEU A 1 96  ? -8.465  -6.611  -1.196  1.00 11.08 ? 798  LEU A C   1 
ATOM   736  O O   . LEU A 1 96  ? -9.466  -6.619  -1.895  1.00 12.62 ? 798  LEU A O   1 
ATOM   737  C CB  . LEU A 1 96  ? -7.896  -4.156  -1.248  1.00 10.34 ? 798  LEU A CB  1 
ATOM   738  C CG  . LEU A 1 96  ? -6.946  -3.037  -1.730  1.00 9.37  ? 798  LEU A CG  1 
ATOM   739  C CD1 . LEU A 1 96  ? -7.608  -1.672  -1.623  1.00 15.00 ? 798  LEU A CD1 1 
ATOM   740  C CD2 . LEU A 1 96  ? -5.654  -3.068  -0.972  1.00 9.45  ? 798  LEU A CD2 1 
ATOM   741  N N   . THR A 1 97  ? -8.342  -7.411  -0.131  1.00 10.57 ? 799  THR A N   1 
ATOM   742  C CA  . THR A 1 97  ? -9.333  -8.465  0.132   1.00 10.63 ? 799  THR A CA  1 
ATOM   743  C C   . THR A 1 97  ? -9.631  -8.388  1.605   1.00 9.69  ? 799  THR A C   1 
ATOM   744  O O   . THR A 1 97  ? -8.695  -8.309  2.398   1.00 10.94 ? 799  THR A O   1 
ATOM   745  C CB  . THR A 1 97  ? -8.758  -9.834  -0.128  1.00 11.62 ? 799  THR A CB  1 
ATOM   746  O OG1 . THR A 1 97  ? -8.216  -9.881  -1.462  1.00 13.33 ? 799  THR A OG1 1 
ATOM   747  C CG2 . THR A 1 97  ? -9.837  -10.886 -0.020  1.00 11.16 ? 799  THR A CG2 1 
ATOM   748  N N   . TYR A 1 98  ? -10.905 -8.346  1.982   1.00 10.10 ? 800  TYR A N   1 
ATOM   749  C CA  . TYR A 1 98  ? -11.250 -8.155  3.373   1.00 11.05 ? 800  TYR A CA  1 
ATOM   750  C C   . TYR A 1 98  ? -12.722 -8.448  3.561   1.00 11.58 ? 800  TYR A C   1 
ATOM   751  O O   . TYR A 1 98  ? -13.453 -8.603  2.599   1.00 13.33 ? 800  TYR A O   1 
ATOM   752  C CB  . TYR A 1 98  ? -10.919 -6.737  3.838   1.00 10.39 ? 800  TYR A CB  1 
ATOM   753  C CG  . TYR A 1 98  ? -11.604 -5.632  3.108   1.00 12.18 ? 800  TYR A CG  1 
ATOM   754  C CD1 . TYR A 1 98  ? -12.764 -5.052  3.591   1.00 9.65  ? 800  TYR A CD1 1 
ATOM   755  C CD2 . TYR A 1 98  ? -11.055 -5.117  1.921   1.00 10.09 ? 800  TYR A CD2 1 
ATOM   756  C CE1 . TYR A 1 98  ? -13.410 -4.017  2.923   1.00 10.12 ? 800  TYR A CE1 1 
ATOM   757  C CE2 . TYR A 1 98  ? -11.690 -4.071  1.262   1.00 11.24 ? 800  TYR A CE2 1 
ATOM   758  C CZ  . TYR A 1 98  ? -12.830 -3.513  1.775   1.00 11.95 ? 800  TYR A CZ  1 
ATOM   759  O OH  . TYR A 1 98  ? -13.446 -2.513  1.093   1.00 13.48 ? 800  TYR A OH  1 
ATOM   760  N N   . ASN A 1 99  ? -13.141 -8.589  4.797   1.00 12.27 ? 801  ASN A N   1 
ATOM   761  C CA  . ASN A 1 99  ? -14.504 -8.811  5.101   1.00 13.44 ? 801  ASN A CA  1 
ATOM   762  C C   . ASN A 1 99  ? -15.071 -7.557  5.756   1.00 13.45 ? 801  ASN A C   1 
ATOM   763  O O   . ASN A 1 99  ? -14.419 -6.897  6.567   1.00 13.59 ? 801  ASN A O   1 
ATOM   764  C CB  . ASN A 1 99  ? -14.630 -9.934  6.108   1.00 15.82 ? 801  ASN A CB  1 
ATOM   765  C CG  . ASN A 1 99  ? -14.368 -11.286 5.509   1.00 23.31 ? 801  ASN A CG  1 
ATOM   766  O OD1 . ASN A 1 99  ? -13.843 -12.175 6.203   1.00 30.73 ? 801  ASN A OD1 1 
ATOM   767  N ND2 . ASN A 1 99  ? -14.673 -11.451 4.224   1.00 22.78 ? 801  ASN A ND2 1 
ATOM   768  N N   . HIS A 1 100 ? -16.281 -7.223  5.358   1.00 13.23 ? 802  HIS A N   1 
ATOM   769  C CA  . HIS A 1 100 ? -16.939 -6.039  5.923   1.00 14.09 ? 802  HIS A CA  1 
ATOM   770  C C   . HIS A 1 100 ? -18.433 -6.251  5.857   1.00 16.31 ? 802  HIS A C   1 
ATOM   771  O O   . HIS A 1 100 ? -18.977 -6.597  4.801   1.00 14.95 ? 802  HIS A O   1 
ATOM   772  C CB  . HIS A 1 100 ? -16.528 -4.815  5.113   1.00 13.77 ? 802  HIS A CB  1 
ATOM   773  C CG  . HIS A 1 100 ? -16.878 -3.488  5.738   1.00 14.10 ? 802  HIS A CG  1 
ATOM   774  N ND1 . HIS A 1 100 ? -17.492 -2.473  5.028   1.00 20.84 ? 802  HIS A ND1 1 
ATOM   775  C CD2 . HIS A 1 100 ? -16.613 -2.988  6.962   1.00 15.13 ? 802  HIS A CD2 1 
ATOM   776  C CE1 . HIS A 1 100 ? -17.564 -1.394  5.799   1.00 20.08 ? 802  HIS A CE1 1 
ATOM   777  N NE2 . HIS A 1 100 ? -17.095 -1.696  6.995   1.00 12.67 ? 802  HIS A NE2 1 
ATOM   778  N N   . LYS A 1 101 ? -19.072 -5.896  6.962   1.00 18.26 ? 803  LYS A N   1 
ATOM   779  C CA  . LYS A 1 101 ? -20.534 -5.928  7.061   1.00 21.99 ? 803  LYS A CA  1 
ATOM   780  C C   . LYS A 1 101 ? -21.026 -7.298  6.691   1.00 22.51 ? 803  LYS A C   1 
ATOM   781  O O   . LYS A 1 101 ? -22.070 -7.420  6.038   1.00 24.67 ? 803  LYS A O   1 
ATOM   782  C CB  . LYS A 1 101 ? -21.126 -4.926  6.086   1.00 22.67 ? 803  LYS A CB  1 
ATOM   783  C CG  . LYS A 1 101 ? -20.618 -3.562  6.242   1.00 29.18 ? 803  LYS A CG  1 
ATOM   784  C CD  . LYS A 1 101 ? -21.367 -2.632  5.354   1.00 36.27 ? 803  LYS A CD  1 
ATOM   785  C CE  . LYS A 1 101 ? -20.987 -1.211  5.605   1.00 38.36 ? 803  LYS A CE  1 
ATOM   786  N NZ  . LYS A 1 101 ? -22.030 -0.422  4.877   1.00 40.89 ? 803  LYS A NZ  1 
ATOM   787  N N   . GLY A 1 102 ? -20.231 -8.291  7.054   1.00 21.32 ? 804  GLY A N   1 
ATOM   788  C CA  . GLY A 1 102 ? -20.544 -9.682  6.830   1.00 23.78 ? 804  GLY A CA  1 
ATOM   789  C C   . GLY A 1 102 ? -20.048 -10.288 5.527   1.00 23.71 ? 804  GLY A C   1 
ATOM   790  O O   . GLY A 1 102 ? -19.906 -11.546 5.460   1.00 27.22 ? 804  GLY A O   1 
ATOM   791  N N   . SER A 1 103 ? -19.719 -9.440  4.550   1.00 18.81 ? 805  SER A N   1 
ATOM   792  C CA  . SER A 1 103 ? -19.484 -9.874  3.191   1.00 17.56 ? 805  SER A CA  1 
ATOM   793  C C   . SER A 1 103 ? -18.029 -9.924  2.831   1.00 15.07 ? 805  SER A C   1 
ATOM   794  O O   . SER A 1 103 ? -17.241 -9.134  3.345   1.00 14.84 ? 805  SER A O   1 
ATOM   795  C CB  . SER A 1 103 ? -20.167 -8.962  2.191   1.00 18.69 ? 805  SER A CB  1 
ATOM   796  O OG  . SER A 1 103 ? -21.590 -8.998  2.319   1.00 21.29 ? 805  SER A OG  1 
ATOM   797  N N   . ALA A 1 104 ? -17.714 -10.804 1.911   1.00 12.63 ? 806  ALA A N   1 
ATOM   798  C CA  . ALA A 1 104 ? -16.401 -10.852 1.304   1.00 10.85 ? 806  ALA A CA  1 
ATOM   799  C C   . ALA A 1 104 ? -16.238 -9.686  0.319   1.00 12.44 ? 806  ALA A C   1 
ATOM   800  O O   . ALA A 1 104 ? -16.967 -9.566  -0.676  1.00 13.31 ? 806  ALA A O   1 
ATOM   801  C CB  . ALA A 1 104 ? -16.221 -12.208 0.526   1.00 10.62 ? 806  ALA A CB  1 
ATOM   802  N N   . MET A 1 105 ? -15.240 -8.846  0.545   1.00 10.69 ? 807  MET A N   1 
ATOM   803  C CA  . MET A 1 105 ? -14.945 -7.752  -0.382  1.00 12.62 ? 807  MET A CA  1 
ATOM   804  C C   . MET A 1 105 ? -13.603 -7.951  -1.061  1.00 12.42 ? 807  MET A C   1 
ATOM   805  O O   . MET A 1 105 ? -12.708 -8.512  -0.471  1.00 10.50 ? 807  MET A O   1 
ATOM   806  C CB  . MET A 1 105 ? -14.877 -6.433  0.354   1.00 13.02 ? 807  MET A CB  1 
ATOM   807  C CG  . MET A 1 105 ? -16.051 -6.114  1.202   1.00 18.21 ? 807  MET A CG  1 
ATOM   808  S SD  . MET A 1 105 ? -17.449 -5.724  0.195   1.00 24.84 ? 807  MET A SD  1 
ATOM   809  C CE  . MET A 1 105 ? -16.954 -3.918  -0.448  1.00 24.40 ? 807  MET A CE  1 
ATOM   810  N N   . GLN A 1 106 ? -13.494 -7.520  -2.318  1.00 11.77 ? 808  GLN A N   1 
ATOM   811  C CA  . GLN A 1 106 ? -12.222 -7.551  -2.990  1.00 12.57 ? 808  GLN A CA  1 
ATOM   812  C C   . GLN A 1 106 ? -12.216 -6.479  -4.055  1.00 13.14 ? 808  GLN A C   1 
ATOM   813  O O   . GLN A 1 106 ? -13.192 -6.340  -4.801  1.00 14.74 ? 808  GLN A O   1 
ATOM   814  C CB  . GLN A 1 106 ? -12.001 -8.929  -3.601  1.00 12.32 ? 808  GLN A CB  1 
ATOM   815  C CG  . GLN A 1 106 ? -10.690 -9.097  -4.204  1.00 13.45 ? 808  GLN A CG  1 
ATOM   816  C CD  . GLN A 1 106 ? -10.390 -10.517 -4.513  1.00 15.30 ? 808  GLN A CD  1 
ATOM   817  O OE1 . GLN A 1 106 ? -10.888 -11.044 -5.531  1.00 16.55 ? 808  GLN A OE1 1 
ATOM   818  N NE2 . GLN A 1 106 ? -9.587  -11.175 -3.650  1.00 13.15 ? 808  GLN A NE2 1 
ATOM   819  N N   . ASP A 1 107 ? -11.103 -5.743  -4.194  1.00 11.90 ? 809  ASP A N   1 
ATOM   820  C CA  . ASP A 1 107 ? -11.017 -4.729  -5.246  1.00 13.22 ? 809  ASP A CA  1 
ATOM   821  C C   . ASP A 1 107 ? -9.588  -4.733  -5.740  1.00 12.45 ? 809  ASP A C   1 
ATOM   822  O O   . ASP A 1 107 ? -8.685  -5.033  -4.982  1.00 13.73 ? 809  ASP A O   1 
ATOM   823  C CB  . ASP A 1 107 ? -11.375 -3.341  -4.709  1.00 11.93 ? 809  ASP A CB  1 
ATOM   824  C CG  . ASP A 1 107 ? -11.783 -2.340  -5.785  1.00 15.22 ? 809  ASP A CG  1 
ATOM   825  O OD1 . ASP A 1 107 ? -12.018 -2.782  -6.907  1.00 18.18 ? 809  ASP A OD1 1 
ATOM   826  O OD2 . ASP A 1 107 ? -11.928 -1.113  -5.499  1.00 15.39 ? 809  ASP A OD2 1 
ATOM   827  N N   . LEU A 1 108 ? -9.441  -4.538  -7.055  1.00 13.57 ? 810  LEU A N   1 
ATOM   828  C CA  . LEU A 1 108 ? -8.126  -4.391  -7.715  1.00 15.73 ? 810  LEU A CA  1 
ATOM   829  C C   . LEU A 1 108 ? -8.107  -2.948  -8.220  1.00 15.85 ? 810  LEU A C   1 
ATOM   830  O O   . LEU A 1 108 ? -9.134  -2.393  -8.636  1.00 16.39 ? 810  LEU A O   1 
ATOM   831  C CB  . LEU A 1 108 ? -7.968  -5.345  -8.917  1.00 16.12 ? 810  LEU A CB  1 
ATOM   832  C CG  . LEU A 1 108 ? -7.825  -6.866  -8.787  1.00 20.43 ? 810  LEU A CG  1 
ATOM   833  C CD1 . LEU A 1 108 ? -6.371  -7.289  -8.735  1.00 21.12 ? 810  LEU A CD1 1 
ATOM   834  C CD2 . LEU A 1 108 ? -8.642  -7.416  -7.663  1.00 22.87 ? 810  LEU A CD2 1 
ATOM   835  N N   . ALA A 1 109 ? -6.971  -2.295  -8.119  1.00 13.29 ? 811  ALA A N   1 
ATOM   836  C CA  . ALA A 1 109 ? -6.853  -0.908  -8.503  1.00 13.30 ? 811  ALA A CA  1 
ATOM   837  C C   . ALA A 1 109 ? -5.415  -0.612  -8.910  1.00 15.01 ? 811  ALA A C   1 
ATOM   838  O O   . ALA A 1 109 ? -4.456  -1.330  -8.612  1.00 16.40 ? 811  ALA A O   1 
ATOM   839  C CB  . ALA A 1 109 ? -7.312  0.023   -7.389  1.00 13.81 ? 811  ALA A CB  1 
ATOM   840  N N   . GLU A 1 110 ? -5.282  0.421   -9.700  1.00 15.67 ? 812  GLU A N   1 
ATOM   841  C CA  . GLU A 1 110 ? -3.974  0.795   -10.175 1.00 15.94 ? 812  GLU A CA  1 
ATOM   842  C C   . GLU A 1 110 ? -3.532  1.995   -9.378  1.00 15.21 ? 812  GLU A C   1 
ATOM   843  O O   . GLU A 1 110 ? -4.353  2.833   -8.989  1.00 16.47 ? 812  GLU A O   1 
ATOM   844  C CB  . GLU A 1 110 ? -4.031  1.189   -11.641 1.00 17.04 ? 812  GLU A CB  1 
ATOM   845  C CG  . GLU A 1 110 ? -4.348  0.045   -12.566 1.00 22.47 ? 812  GLU A CG  1 
ATOM   846  C CD  . GLU A 1 110 ? -3.984  0.361   -13.985 1.00 23.32 ? 812  GLU A CD  1 
ATOM   847  O OE1 . GLU A 1 110 ? -3.916  1.579   -14.299 1.00 29.30 ? 812  GLU A OE1 1 
ATOM   848  O OE2 . GLU A 1 110 ? -3.823  -0.581  -14.744 1.00 31.64 ? 812  GLU A OE2 1 
ATOM   849  N N   . VAL A 1 111 ? -2.221  2.103   -9.187  1.00 13.57 ? 813  VAL A N   1 
ATOM   850  C CA  . VAL A 1 111 ? -1.612  3.226   -8.503  1.00 15.02 ? 813  VAL A CA  1 
ATOM   851  C C   . VAL A 1 111 ? -0.605  3.804   -9.497  1.00 15.33 ? 813  VAL A C   1 
ATOM   852  O O   . VAL A 1 111 ? 0.449   3.205   -9.759  1.00 14.98 ? 813  VAL A O   1 
ATOM   853  C CB  . VAL A 1 111 ? -0.926  2.853   -7.185  1.00 14.09 ? 813  VAL A CB  1 
ATOM   854  C CG1 . VAL A 1 111 ? -0.474  4.082   -6.487  1.00 14.48 ? 813  VAL A CG1 1 
ATOM   855  C CG2 . VAL A 1 111 ? -1.875  2.051   -6.303  1.00 15.45 ? 813  VAL A CG2 1 
ATOM   856  N N   . ASN A 1 112 ? -0.992  4.927   -10.090 1.00 17.46 ? 814  ASN A N   1 
ATOM   857  C CA  . ASN A 1 112 ? -0.234  5.564   -11.152 1.00 19.22 ? 814  ASN A CA  1 
ATOM   858  C C   . ASN A 1 112 ? 0.128   6.995   -10.791 1.00 19.57 ? 814  ASN A C   1 
ATOM   859  O O   . ASN A 1 112 ? 0.496   7.777   -11.670 1.00 22.17 ? 814  ASN A O   1 
ATOM   860  C CB  . ASN A 1 112 ? -1.060  5.561   -12.474 1.00 20.45 ? 814  ASN A CB  1 
ATOM   861  C CG  . ASN A 1 112 ? -1.274  4.166   -13.060 1.00 23.05 ? 814  ASN A CG  1 
ATOM   862  O OD1 . ASN A 1 112 ? -0.322  3.431   -13.355 1.00 29.29 ? 814  ASN A OD1 1 
ATOM   863  N ND2 . ASN A 1 112 ? -2.519  3.801   -13.233 1.00 22.67 ? 814  ASN A ND2 1 
ATOM   864  N N   . ASN A 1 113 ? 0.060   7.319   -9.498  1.00 18.54 ? 815  ASN A N   1 
ATOM   865  C CA  . ASN A 1 113 ? 0.313   8.654   -8.948  1.00 19.17 ? 815  ASN A CA  1 
ATOM   866  C C   . ASN A 1 113 ? 1.532   8.714   -8.040  1.00 16.49 ? 815  ASN A C   1 
ATOM   867  O O   . ASN A 1 113 ? 1.591   9.512   -7.208  1.00 17.21 ? 815  ASN A O   1 
ATOM   868  C CB  . ASN A 1 113 ? -0.925  9.241   -8.236  1.00 18.20 ? 815  ASN A CB  1 
ATOM   869  C CG  . ASN A 1 113 ? -1.402  8.448   -7.018  1.00 19.91 ? 815  ASN A CG  1 
ATOM   870  O OD1 . ASN A 1 113 ? -1.327  7.208   -6.989  1.00 21.09 ? 815  ASN A OD1 1 
ATOM   871  N ND2 . ASN A 1 113 ? -1.946  9.175   -6.013  1.00 17.40 ? 815  ASN A ND2 1 
ATOM   872  N N   . PHE A 1 114 ? 2.506   7.859   -8.257  1.00 17.36 ? 816  PHE A N   1 
ATOM   873  C CA  . PHE A 1 114 ? 3.710   7.877   -7.439  1.00 15.87 ? 816  PHE A CA  1 
ATOM   874  C C   . PHE A 1 114 ? 4.471   9.177   -7.698  1.00 17.40 ? 816  PHE A C   1 
ATOM   875  O O   . PHE A 1 114 ? 4.546   9.605   -8.839  1.00 18.91 ? 816  PHE A O   1 
ATOM   876  C CB  . PHE A 1 114 ? 4.614   6.710   -7.841  1.00 15.98 ? 816  PHE A CB  1 
ATOM   877  C CG  . PHE A 1 114 ? 4.110   5.379   -7.339  1.00 12.97 ? 816  PHE A CG  1 
ATOM   878  C CD1 . PHE A 1 114 ? 3.298   4.596   -8.082  1.00 11.61 ? 816  PHE A CD1 1 
ATOM   879  C CD2 . PHE A 1 114 ? 4.499   4.958   -6.078  1.00 14.59 ? 816  PHE A CD2 1 
ATOM   880  C CE1 . PHE A 1 114 ? 2.883   3.329   -7.552  1.00 12.40 ? 816  PHE A CE1 1 
ATOM   881  C CE2 . PHE A 1 114 ? 4.076   3.716   -5.532  1.00 12.72 ? 816  PHE A CE2 1 
ATOM   882  C CZ  . PHE A 1 114 ? 3.246   2.949   -6.289  1.00 12.23 ? 816  PHE A CZ  1 
ATOM   883  N N   . PRO A 1 115 ? 5.034   9.756   -6.661  1.00 17.44 ? 817  PRO A N   1 
ATOM   884  C CA  . PRO A 1 115 ? 5.833   10.984  -6.853  1.00 19.26 ? 817  PRO A CA  1 
ATOM   885  C C   . PRO A 1 115 ? 7.144   10.634  -7.541  1.00 20.19 ? 817  PRO A C   1 
ATOM   886  O O   . PRO A 1 115 ? 7.709   9.592   -7.270  1.00 19.65 ? 817  PRO A O   1 
ATOM   887  C CB  . PRO A 1 115 ? 6.069   11.473  -5.460  1.00 18.78 ? 817  PRO A CB  1 
ATOM   888  C CG  . PRO A 1 115 ? 5.924   10.363  -4.579  1.00 20.42 ? 817  PRO A CG  1 
ATOM   889  C CD  . PRO A 1 115 ? 4.992   9.334   -5.257  1.00 16.28 ? 817  PRO A CD  1 
ATOM   890  N N   . PRO A 1 116 ? 7.650   11.499  -8.406  1.00 22.14 ? 818  PRO A N   1 
ATOM   891  C CA  . PRO A 1 116 ? 8.963   11.269  -9.017  1.00 21.61 ? 818  PRO A CA  1 
ATOM   892  C C   . PRO A 1 116 ? 10.090  10.878  -8.059  1.00 21.43 ? 818  PRO A C   1 
ATOM   893  O O   . PRO A 1 116 ? 10.909  10.062  -8.419  1.00 21.98 ? 818  PRO A O   1 
ATOM   894  C CB  . PRO A 1 116 ? 9.266   12.620  -9.719  1.00 23.05 ? 818  PRO A CB  1 
ATOM   895  C CG  . PRO A 1 116 ? 7.909   13.159  -10.037 1.00 23.90 ? 818  PRO A CG  1 
ATOM   896  C CD  . PRO A 1 116 ? 6.995   12.712  -8.915  1.00 23.49 ? 818  PRO A CD  1 
ATOM   897  N N   . GLN A 1 117 ? 10.143  11.461  -6.883  1.00 21.51 ? 819  GLN A N   1 
ATOM   898  C CA  . GLN A 1 117 ? 11.192  11.202  -5.932  1.00 22.24 ? 819  GLN A CA  1 
ATOM   899  C C   . GLN A 1 117 ? 11.183  9.744   -5.512  1.00 21.85 ? 819  GLN A C   1 
ATOM   900  O O   . GLN A 1 117 ? 12.174  9.234   -4.965  1.00 22.72 ? 819  GLN A O   1 
ATOM   901  C CB  . GLN A 1 117 ? 11.015  12.047  -4.702  1.00 22.94 ? 819  GLN A CB  1 
ATOM   902  C CG  . GLN A 1 117 ? 11.440  13.501  -4.910  1.00 26.45 ? 819  GLN A CG  1 
ATOM   903  C CD  . GLN A 1 117 ? 11.192  14.290  -3.656  1.00 29.65 ? 819  GLN A CD  1 
ATOM   904  O OE1 . GLN A 1 117 ? 10.160  14.930  -3.529  1.00 30.49 ? 819  GLN A OE1 1 
ATOM   905  N NE2 . GLN A 1 117 ? 12.115  14.210  -2.703  1.00 30.53 ? 819  GLN A NE2 1 
ATOM   906  N N   . SER A 1 118 ? 10.037  9.083   -5.674  1.00 19.48 ? 820  SER A N   1 
ATOM   907  C CA  . SER A 1 118 ? 9.919   7.704   -5.251  1.00 19.69 ? 820  SER A CA  1 
ATOM   908  C C   . SER A 1 118 ? 10.590  6.786   -6.243  1.00 20.09 ? 820  SER A C   1 
ATOM   909  O O   . SER A 1 118 ? 10.751  5.593   -5.916  1.00 20.00 ? 820  SER A O   1 
ATOM   910  C CB  . SER A 1 118 ? 8.455   7.257   -5.095  1.00 19.29 ? 820  SER A CB  1 
ATOM   911  O OG  . SER A 1 118 ? 7.843   7.180   -6.357  1.00 19.24 ? 820  SER A OG  1 
ATOM   912  N N   . TRP A 1 119 ? 10.999  7.284   -7.389  1.00 19.97 ? 821  TRP A N   1 
ATOM   913  C CA  . TRP A 1 119 ? 11.612  6.388   -8.346  1.00 22.23 ? 821  TRP A CA  1 
ATOM   914  C C   . TRP A 1 119 ? 12.836  6.936   -9.085  1.00 23.96 ? 821  TRP A C   1 
ATOM   915  O O   . TRP A 1 119 ? 13.592  6.148   -9.653  1.00 25.05 ? 821  TRP A O   1 
ATOM   916  C CB  . TRP A 1 119 ? 10.571  5.856   -9.333  1.00 22.97 ? 821  TRP A CB  1 
ATOM   917  C CG  . TRP A 1 119 ? 9.729   6.954   -9.998  1.00 27.72 ? 821  TRP A CG  1 
ATOM   918  C CD1 . TRP A 1 119 ? 8.527   7.484   -9.581  1.00 29.11 ? 821  TRP A CD1 1 
ATOM   919  C CD2 . TRP A 1 119 ? 10.076  7.609   -11.142 1.00 32.27 ? 821  TRP A CD2 1 
ATOM   920  N NE1 . TRP A 1 119 ? 8.114   8.457   -10.441 1.00 34.18 ? 821  TRP A NE1 1 
ATOM   921  C CE2 . TRP A 1 119 ? 9.074   8.554   -11.417 1.00 33.66 ? 821  TRP A CE2 1 
ATOM   922  C CE3 . TRP A 1 119 ? 11.159  7.499   -11.986 1.00 35.13 ? 821  TRP A CE3 1 
ATOM   923  C CZ2 . TRP A 1 119 ? 9.139   9.363   -12.511 1.00 36.69 ? 821  TRP A CZ2 1 
ATOM   924  C CZ3 . TRP A 1 119 ? 11.223  8.264   -13.041 1.00 37.85 ? 821  TRP A CZ3 1 
ATOM   925  C CH2 . TRP A 1 119 ? 10.229  9.203   -13.310 1.00 38.57 ? 821  TRP A CH2 1 
ATOM   926  N N   . GLN A 1 120 ? 13.027  8.255   -9.064  1.00 24.79 ? 822  GLN A N   1 
ATOM   927  C CA  . GLN A 1 120 ? 14.137  8.863   -9.805  1.00 27.38 ? 822  GLN A CA  1 
ATOM   928  C C   . GLN A 1 120 ? 15.443  8.659   -9.029  1.00 28.45 ? 822  GLN A C   1 
ATOM   929  O O   . GLN A 1 120 ? 16.508  8.741   -9.660  1.00 29.48 ? 822  GLN A O   1 
ATOM   930  C CB  . GLN A 1 120 ? 13.891  10.357  -10.087 1.00 27.99 ? 822  GLN A CB  1 
ATOM   931  C CG  . GLN A 1 120 ? 12.790  10.672  -11.095 1.00 29.04 ? 822  GLN A CG  1 
ATOM   932  C CD  . GLN A 1 120 ? 12.634  12.168  -11.279 1.00 30.00 ? 822  GLN A CD  1 
ATOM   933  O OE1 . GLN A 1 120 ? 12.160  12.628  -12.295 1.00 31.56 ? 822  GLN A OE1 1 
ATOM   934  N NE2 . GLN A 1 120 ? 12.970  12.908  -10.234 1.00 28.97 ? 822  GLN A NE2 1 
ATOM   935  O OXT . GLN A 1 120 ? 15.392  8.428   -7.819  1.00 29.35 ? 822  GLN A OXT 1 
HETATM 936  O O   . HOH B 2 .   ? 16.999  10.345  -0.769  1.00 58.39 ? 2001 HOH A O   1 
HETATM 937  O O   . HOH B 2 .   ? 3.198   13.510  -5.249  1.00 49.45 ? 2002 HOH A O   1 
HETATM 938  O O   . HOH B 2 .   ? -8.026  9.517   -3.623  1.00 65.83 ? 2003 HOH A O   1 
HETATM 939  O O   . HOH B 2 .   ? -8.519  3.720   -7.108  1.00 31.63 ? 2004 HOH A O   1 
HETATM 940  O O   . HOH B 2 .   ? -15.626 7.061   -1.948  1.00 49.60 ? 2005 HOH A O   1 
HETATM 941  O O   . HOH B 2 .   ? -21.247 3.071   3.075   1.00 41.76 ? 2006 HOH A O   1 
HETATM 942  O O   . HOH B 2 .   ? 6.085   4.902   9.106   1.00 45.36 ? 2007 HOH A O   1 
HETATM 943  O O   . HOH B 2 .   ? 25.393  2.998   -1.659  1.00 50.40 ? 2008 HOH A O   1 
HETATM 944  O O   . HOH B 2 .   ? 10.506  3.316   6.173   1.00 24.06 ? 2009 HOH A O   1 
HETATM 945  O O   . HOH B 2 .   ? 7.018   -0.368  10.149  1.00 36.97 ? 2010 HOH A O   1 
HETATM 946  O O   . HOH B 2 .   ? -2.712  7.383   7.178   1.00 46.25 ? 2011 HOH A O   1 
HETATM 947  O O   . HOH B 2 .   ? -9.848  9.759   6.610   1.00 38.71 ? 2012 HOH A O   1 
HETATM 948  O O   . HOH B 2 .   ? -15.844 -8.011  13.592  1.00 49.41 ? 2013 HOH A O   1 
HETATM 949  O O   . HOH B 2 .   ? -15.404 -7.351  17.228  1.00 50.59 ? 2014 HOH A O   1 
HETATM 950  O O   . HOH B 2 .   ? -15.295 -2.844  17.655  1.00 84.41 ? 2015 HOH A O   1 
HETATM 951  O O   . HOH B 2 .   ? -15.376 -2.077  18.265  1.00 64.17 ? 2016 HOH A O   1 
HETATM 952  O O   . HOH B 2 .   ? -15.670 -2.310  18.808  1.00 89.93 ? 2017 HOH A O   1 
HETATM 953  O O   . HOH B 2 .   ? -11.125 -10.905 12.844  1.00 30.85 ? 2018 HOH A O   1 
HETATM 954  O O   . HOH B 2 .   ? -5.657  -12.576 6.794   1.00 37.23 ? 2019 HOH A O   1 
HETATM 955  O O   . HOH B 2 .   ? -1.536  -11.475 5.986   1.00 23.12 ? 2020 HOH A O   1 
HETATM 956  O O   . HOH B 2 .   ? -5.625  -16.054 -4.812  1.00 59.75 ? 2021 HOH A O   1 
HETATM 957  O O   . HOH B 2 .   ? 7.977   -4.368  9.447   1.00 48.90 ? 2022 HOH A O   1 
HETATM 958  O O   . HOH B 2 .   ? 0.304   -11.928 8.155   1.00 38.46 ? 2023 HOH A O   1 
HETATM 959  O O   . HOH B 2 .   ? 2.412   -14.330 4.839   1.00 51.07 ? 2024 HOH A O   1 
HETATM 960  O O   . HOH B 2 .   ? 10.349  -8.814  9.136   1.00 36.65 ? 2025 HOH A O   1 
HETATM 961  O O   . HOH B 2 .   ? 9.414   -10.738 7.700   1.00 45.19 ? 2026 HOH A O   1 
HETATM 962  O O   . HOH B 2 .   ? -9.296  8.250   16.882  1.00 60.83 ? 2027 HOH A O   1 
HETATM 963  O O   . HOH B 2 .   ? -5.741  7.853   9.388   1.00 39.09 ? 2028 HOH A O   1 
HETATM 964  O O   . HOH B 2 .   ? -0.725  -9.898  4.119   1.00 24.39 ? 2029 HOH A O   1 
HETATM 965  O O   . HOH B 2 .   ? 13.667  -7.758  5.863   1.00 42.97 ? 2030 HOH A O   1 
HETATM 966  O O   . HOH B 2 .   ? 20.021  4.662   -8.495  1.00 58.55 ? 2031 HOH A O   1 
HETATM 967  O O   . HOH B 2 .   ? 8.453   10.255  -16.655 1.00 40.42 ? 2032 HOH A O   1 
HETATM 968  O O   . HOH B 2 .   ? 0.445   -1.502  -13.444 1.00 33.00 ? 2033 HOH A O   1 
HETATM 969  O O   . HOH B 2 .   ? -10.860 -6.474  -11.033 1.00 30.28 ? 2034 HOH A O   1 
HETATM 970  O O   . HOH B 2 .   ? -18.949 -11.442 10.151  1.00 51.81 ? 2035 HOH A O   1 
HETATM 971  O O   . HOH B 2 .   ? -18.777 -5.617  -3.067  1.00 29.58 ? 2036 HOH A O   1 
HETATM 972  O O   . HOH B 2 .   ? 1.282   6.939   -15.391 1.00 40.67 ? 2037 HOH A O   1 
HETATM 973  O O   . HOH B 2 .   ? -3.727  8.658   -10.234 1.00 32.06 ? 2038 HOH A O   1 
HETATM 974  O O   . HOH B 2 .   ? -0.231  12.968  -9.378  1.00 43.31 ? 2039 HOH A O   1 
HETATM 975  O O   . HOH B 2 .   ? 16.080  14.637  -3.696  1.00 35.08 ? 2040 HOH A O   1 
HETATM 976  O O   . HOH B 2 .   ? 13.831  15.707  -6.475  1.00 29.15 ? 2041 HOH A O   1 
HETATM 977  O O   . HOH B 2 .   ? -4.821  9.398   7.407   1.00 35.52 ? 2042 HOH A O   1 
HETATM 978  O O   . HOH B 2 .   ? -1.185  -13.705 4.422   1.00 45.61 ? 2043 HOH A O   1 
HETATM 979  O O   . HOH B 2 .   ? 11.864  -6.673  9.166   1.00 37.61 ? 2044 HOH A O   1 
HETATM 980  O O   . HOH B 2 .   ? 12.134  -10.959 5.285   1.00 43.02 ? 2045 HOH A O   1 
HETATM 981  O O   . HOH B 2 .   ? -1.300  -13.130 1.688   1.00 49.02 ? 2046 HOH A O   1 
HETATM 982  O O   . HOH B 2 .   ? 13.014  12.903  4.016   1.00 67.38 ? 2047 HOH A O   1 
HETATM 983  O O   . HOH B 2 .   ? 14.864  12.742  -0.207  1.00 43.23 ? 2048 HOH A O   1 
HETATM 984  O O   . HOH B 2 .   ? 6.517   9.897   2.131   1.00 19.31 ? 2049 HOH A O   1 
HETATM 985  O O   . HOH B 2 .   ? 1.462   14.044  -2.681  1.00 31.45 ? 2050 HOH A O   1 
HETATM 986  O O   . HOH B 2 .   ? 3.932   14.228  1.948   1.00 33.14 ? 2051 HOH A O   1 
HETATM 987  O O   . HOH B 2 .   ? -1.132  10.772  1.788   1.00 46.63 ? 2052 HOH A O   1 
HETATM 988  O O   . HOH B 2 .   ? -2.407  11.645  -3.102  1.00 20.50 ? 2053 HOH A O   1 
HETATM 989  O O   . HOH B 2 .   ? -7.633  11.429  -0.371  1.00 66.15 ? 2054 HOH A O   1 
HETATM 990  O O   . HOH B 2 .   ? -6.029  7.838   -5.802  1.00 45.01 ? 2055 HOH A O   1 
HETATM 991  O O   . HOH B 2 .   ? -6.076  2.990   -6.582  1.00 24.43 ? 2056 HOH A O   1 
HETATM 992  O O   . HOH B 2 .   ? -11.804 6.270   1.973   1.00 25.50 ? 2057 HOH A O   1 
HETATM 993  O O   . HOH B 2 .   ? -9.332  4.991   -5.145  1.00 20.05 ? 2058 HOH A O   1 
HETATM 994  O O   . HOH B 2 .   ? -13.977 7.941   -1.481  1.00 39.82 ? 2059 HOH A O   1 
HETATM 995  O O   . HOH B 2 .   ? -16.481 4.969   -2.313  1.00 23.78 ? 2060 HOH A O   1 
HETATM 996  O O   . HOH B 2 .   ? -17.355 -1.593  -4.862  1.00 49.39 ? 2061 HOH A O   1 
HETATM 997  O O   . HOH B 2 .   ? -14.722 -3.362  -3.490  1.00 28.88 ? 2062 HOH A O   1 
HETATM 998  O O   . HOH B 2 .   ? -18.563 0.663   3.362   1.00 30.75 ? 2063 HOH A O   1 
HETATM 999  O O   . HOH B 2 .   ? -11.581 6.292   4.805   1.00 28.41 ? 2064 HOH A O   1 
HETATM 1000 O O   . HOH B 2 .   ? -14.451 5.993   0.790   1.00 21.78 ? 2065 HOH A O   1 
HETATM 1001 O O   . HOH B 2 .   ? 3.836   5.839   7.488   1.00 21.53 ? 2066 HOH A O   1 
HETATM 1002 O O   . HOH B 2 .   ? 7.684   6.172   5.354   1.00 21.68 ? 2067 HOH A O   1 
HETATM 1003 O O   . HOH B 2 .   ? 10.569  10.698  2.322   1.00 44.77 ? 2068 HOH A O   1 
HETATM 1004 O O   . HOH B 2 .   ? 7.995   9.017   4.754   1.00 30.78 ? 2069 HOH A O   1 
HETATM 1005 O O   . HOH B 2 .   ? 8.809   7.562   7.567   1.00 64.64 ? 2070 HOH A O   1 
HETATM 1006 O O   . HOH B 2 .   ? 15.885  4.688   4.893   1.00 31.59 ? 2071 HOH A O   1 
HETATM 1007 O O   . HOH B 2 .   ? 16.936  7.337   3.745   1.00 40.26 ? 2072 HOH A O   1 
HETATM 1008 O O   . HOH B 2 .   ? 14.489  8.588   1.581   1.00 41.68 ? 2073 HOH A O   1 
HETATM 1009 O O   . HOH B 2 .   ? 14.981  4.075   -8.217  1.00 24.00 ? 2074 HOH A O   1 
HETATM 1010 O O   . HOH B 2 .   ? 20.703  2.434   7.679   1.00 33.55 ? 2075 HOH A O   1 
HETATM 1011 O O   . HOH B 2 .   ? 24.663  0.028   -3.173  1.00 38.88 ? 2076 HOH A O   1 
HETATM 1012 O O   . HOH B 2 .   ? 20.463  -3.260  -6.814  1.00 37.07 ? 2077 HOH A O   1 
HETATM 1013 O O   . HOH B 2 .   ? 22.929  -0.275  -6.383  1.00 50.42 ? 2078 HOH A O   1 
HETATM 1014 O O   . HOH B 2 .   ? 20.350  -5.403  -6.023  1.00 46.44 ? 2079 HOH A O   1 
HETATM 1015 O O   . HOH B 2 .   ? 18.635  7.206   -3.710  1.00 42.28 ? 2080 HOH A O   1 
HETATM 1016 O O   . HOH B 2 .   ? 13.460  2.684   -6.149  1.00 24.57 ? 2081 HOH A O   1 
HETATM 1017 O O   . HOH B 2 .   ? 8.755   3.792   4.234   1.00 16.04 ? 2082 HOH A O   1 
HETATM 1018 O O   . HOH B 2 .   ? 7.640   1.977   8.183   1.00 28.29 ? 2083 HOH A O   1 
HETATM 1019 O O   . HOH B 2 .   ? 1.779   5.693   4.997   1.00 50.86 ? 2084 HOH A O   1 
HETATM 1020 O O   . HOH B 2 .   ? -0.738  6.322   9.505   1.00 50.09 ? 2085 HOH A O   1 
HETATM 1021 O O   . HOH B 2 .   ? 3.284   3.232   11.304  1.00 41.51 ? 2086 HOH A O   1 
HETATM 1022 O O   . HOH B 2 .   ? -4.923  5.515   5.460   1.00 16.68 ? 2087 HOH A O   1 
HETATM 1023 O O   . HOH B 2 .   ? -9.685  6.741   6.692   1.00 27.89 ? 2088 HOH A O   1 
HETATM 1024 O O   . HOH B 2 .   ? -17.087 6.076   5.529   1.00 31.15 ? 2089 HOH A O   1 
HETATM 1025 O O   . HOH B 2 .   ? -20.543 2.856   8.300   1.00 19.59 ? 2090 HOH A O   1 
HETATM 1026 O O   . HOH B 2 .   ? -25.158 5.455   10.882  1.00 31.45 ? 2091 HOH A O   1 
HETATM 1027 O O   . HOH B 2 .   ? -17.572 -5.673  9.545   1.00 16.74 ? 2092 HOH A O   1 
HETATM 1028 O O   . HOH B 2 .   ? -11.336 -3.982  16.555  1.00 45.36 ? 2093 HOH A O   1 
HETATM 1029 O O   . HOH B 2 .   ? -13.574 -7.043  14.690  1.00 26.09 ? 2094 HOH A O   1 
HETATM 1030 O O   . HOH B 2 .   ? -14.399 -1.354  16.134  1.00 29.06 ? 2095 HOH A O   1 
HETATM 1031 O O   . HOH B 2 .   ? -16.754 -3.833  13.861  1.00 18.14 ? 2096 HOH A O   1 
HETATM 1032 O O   . HOH B 2 .   ? -16.030 -7.915  9.414   1.00 36.51 ? 2097 HOH A O   1 
HETATM 1033 O O   . HOH B 2 .   ? -13.250 -13.983 9.671   1.00 30.53 ? 2098 HOH A O   1 
HETATM 1034 O O   . HOH B 2 .   ? -6.833  -13.120 8.949   1.00 26.40 ? 2099 HOH A O   1 
HETATM 1035 O O   . HOH B 2 .   ? -9.133  -10.686 10.988  1.00 16.42 ? 2100 HOH A O   1 
HETATM 1036 O O   . HOH B 2 .   ? -3.029  -7.044  6.473   1.00 15.52 ? 2101 HOH A O   1 
HETATM 1037 O O   . HOH B 2 .   ? -4.102  -10.685 6.790   1.00 21.30 ? 2102 HOH A O   1 
HETATM 1038 O O   . HOH B 2 .   ? 1.087   -9.055  0.933   1.00 25.60 ? 2103 HOH A O   1 
HETATM 1039 O O   . HOH B 2 .   ? -5.641  -13.243 -3.459  1.00 39.11 ? 2104 HOH A O   1 
HETATM 1040 O O   . HOH B 2 .   ? -0.607  -9.785  -6.599  1.00 26.92 ? 2105 HOH A O   1 
HETATM 1041 O O   . HOH B 2 .   ? 1.927   -10.709 -7.393  1.00 48.30 ? 2106 HOH A O   1 
HETATM 1042 O O   . HOH B 2 .   ? 3.417   -9.387  -7.040  1.00 27.40 ? 2107 HOH A O   1 
HETATM 1043 O O   . HOH B 2 .   ? 8.814   -2.972  -17.613 1.00 39.78 ? 2108 HOH A O   1 
HETATM 1044 O O   . HOH B 2 .   ? 8.016   -7.686  -11.236 1.00 13.90 ? 2109 HOH A O   1 
HETATM 1045 O O   . HOH B 2 .   ? 9.692   -9.505  -7.430  1.00 24.09 ? 2110 HOH A O   1 
HETATM 1046 O O   . HOH B 2 .   ? 10.726  -8.951  -12.193 1.00 39.82 ? 2111 HOH A O   1 
HETATM 1047 O O   . HOH B 2 .   ? 9.514   -9.936  -10.092 1.00 44.55 ? 2112 HOH A O   1 
HETATM 1048 O O   . HOH B 2 .   ? 6.156   -10.249 -3.749  1.00 43.70 ? 2113 HOH A O   1 
HETATM 1049 O O   . HOH B 2 .   ? 8.063   -8.378  -8.652  1.00 48.33 ? 2114 HOH A O   1 
HETATM 1050 O O   . HOH B 2 .   ? 14.985  -6.581  2.264   1.00 25.87 ? 2115 HOH A O   1 
HETATM 1051 O O   . HOH B 2 .   ? 7.339   -10.573 -0.968  1.00 21.23 ? 2116 HOH A O   1 
HETATM 1052 O O   . HOH B 2 .   ? 4.136   -11.292 2.918   1.00 41.57 ? 2117 HOH A O   1 
HETATM 1053 O O   . HOH B 2 .   ? 1.738   -9.505  -3.821  1.00 23.91 ? 2118 HOH A O   1 
HETATM 1054 O O   . HOH B 2 .   ? 8.372   -8.763  8.293   1.00 37.64 ? 2119 HOH A O   1 
HETATM 1055 O O   . HOH B 2 .   ? 2.818   -12.258 7.085   1.00 53.29 ? 2120 HOH A O   1 
HETATM 1056 O O   . HOH B 2 .   ? 5.852   -4.802  7.470   1.00 21.84 ? 2121 HOH A O   1 
HETATM 1057 O O   . HOH B 2 .   ? -1.902  -2.534  13.130  1.00 43.04 ? 2122 HOH A O   1 
HETATM 1058 O O   . HOH B 2 .   ? -4.790  -8.800  13.270  1.00 24.78 ? 2123 HOH A O   1 
HETATM 1059 O O   . HOH B 2 .   ? -1.848  -10.215 11.070  1.00 33.48 ? 2124 HOH A O   1 
HETATM 1060 O O   . HOH B 2 .   ? -5.997  -3.418  14.110  1.00 25.03 ? 2125 HOH A O   1 
HETATM 1061 O O   . HOH B 2 .   ? -12.577 0.820   16.444  1.00 21.70 ? 2126 HOH A O   1 
HETATM 1062 O O   . HOH B 2 .   ? -12.018 8.722   14.901  1.00 23.97 ? 2127 HOH A O   1 
HETATM 1063 O O   . HOH B 2 .   ? -6.325  6.547   10.577  1.00 34.54 ? 2128 HOH A O   1 
HETATM 1064 O O   . HOH B 2 .   ? -8.891  2.848   10.809  1.00 19.13 ? 2129 HOH A O   1 
HETATM 1065 O O   . HOH B 2 .   ? -2.283  1.951   14.309  1.00 30.75 ? 2130 HOH A O   1 
HETATM 1066 O O   . HOH B 2 .   ? 4.442   -3.330  9.726   1.00 31.11 ? 2131 HOH A O   1 
HETATM 1067 O O   . HOH B 2 .   ? -0.537  0.798   12.691  1.00 16.73 ? 2132 HOH A O   1 
HETATM 1068 O O   . HOH B 2 .   ? -1.799  -7.327  4.166   1.00 16.39 ? 2133 HOH A O   1 
HETATM 1069 O O   . HOH B 2 .   ? 13.716  -5.260  6.190   1.00 47.70 ? 2134 HOH A O   1 
HETATM 1070 O O   . HOH B 2 .   ? 17.104  -4.815  4.873   1.00 44.36 ? 2135 HOH A O   1 
HETATM 1071 O O   . HOH B 2 .   ? 11.078  2.991   -7.470  1.00 16.93 ? 2136 HOH A O   1 
HETATM 1072 O O   . HOH B 2 .   ? 14.034  -1.123  -12.750 1.00 26.01 ? 2137 HOH A O   1 
HETATM 1073 O O   . HOH B 2 .   ? 18.878  7.549   -7.863  1.00 70.81 ? 2138 HOH A O   1 
HETATM 1074 O O   . HOH B 2 .   ? 9.673   4.717   -17.175 1.00 32.56 ? 2139 HOH A O   1 
HETATM 1075 O O   . HOH B 2 .   ? 7.887   7.569   -17.244 1.00 38.60 ? 2140 HOH A O   1 
HETATM 1076 O O   . HOH B 2 .   ? 7.417   2.298   -15.610 1.00 36.51 ? 2141 HOH A O   1 
HETATM 1077 O O   . HOH B 2 .   ? 3.134   6.292   -11.156 1.00 18.35 ? 2142 HOH A O   1 
HETATM 1078 O O   . HOH B 2 .   ? -1.756  3.397   -17.501 1.00 45.31 ? 2143 HOH A O   1 
HETATM 1079 O O   . HOH B 2 .   ? 1.529   -1.297  -14.410 1.00 32.07 ? 2144 HOH A O   1 
HETATM 1080 O O   . HOH B 2 .   ? -0.961  0.459   -14.191 1.00 29.25 ? 2145 HOH A O   1 
HETATM 1081 O O   . HOH B 2 .   ? -0.411  -0.085  -12.865 1.00 32.62 ? 2146 HOH A O   1 
HETATM 1082 O O   . HOH B 2 .   ? -1.802  -7.034  -6.959  1.00 23.40 ? 2147 HOH A O   1 
HETATM 1083 O O   . HOH B 2 .   ? -8.377  -4.394  -12.488 1.00 27.33 ? 2148 HOH A O   1 
HETATM 1084 O O   . HOH B 2 .   ? -6.251  -2.923  -12.469 1.00 31.34 ? 2149 HOH A O   1 
HETATM 1085 O O   . HOH B 2 .   ? -5.727  -9.160  -1.582  1.00 10.64 ? 2150 HOH A O   1 
HETATM 1086 O O   . HOH B 2 .   ? -15.683 -1.436  2.341   1.00 17.44 ? 2151 HOH A O   1 
HETATM 1087 O O   . HOH B 2 .   ? -13.447 -1.747  -1.527  1.00 17.08 ? 2152 HOH A O   1 
HETATM 1088 O O   . HOH B 2 .   ? -12.485 -14.467 5.529   1.00 29.80 ? 2153 HOH A O   1 
HETATM 1089 O O   . HOH B 2 .   ? -13.037 -11.953 3.335   1.00 33.45 ? 2154 HOH A O   1 
HETATM 1090 O O   . HOH B 2 .   ? -19.767 1.382   5.444   1.00 58.30 ? 2155 HOH A O   1 
HETATM 1091 O O   . HOH B 2 .   ? -17.630 -8.438  8.461   1.00 24.43 ? 2156 HOH A O   1 
HETATM 1092 O O   . HOH B 2 .   ? -17.156 -10.664 7.585   1.00 72.35 ? 2157 HOH A O   1 
HETATM 1093 O O   . HOH B 2 .   ? -20.565 -13.634 4.027   1.00 14.39 ? 2158 HOH A O   1 
HETATM 1094 O O   . HOH B 2 .   ? -22.817 -6.771  3.346   1.00 34.84 ? 2159 HOH A O   1 
HETATM 1095 O O   . HOH B 2 .   ? -15.808 -10.629 -3.212  1.00 25.43 ? 2160 HOH A O   1 
HETATM 1096 O O   . HOH B 2 .   ? -18.940 -8.173  -2.143  1.00 18.70 ? 2161 HOH A O   1 
HETATM 1097 O O   . HOH B 2 .   ? -12.974 -11.319 0.770   1.00 22.11 ? 2162 HOH A O   1 
HETATM 1098 O O   . HOH B 2 .   ? -13.383 -11.570 -1.719  1.00 42.02 ? 2163 HOH A O   1 
HETATM 1099 O O   . HOH B 2 .   ? -15.944 -6.104  -3.261  1.00 22.30 ? 2164 HOH A O   1 
HETATM 1100 O O   . HOH B 2 .   ? -12.847 -7.260  -8.121  1.00 39.63 ? 2165 HOH A O   1 
HETATM 1101 O O   . HOH B 2 .   ? -14.780 -4.670  -6.596  1.00 30.48 ? 2166 HOH A O   1 
HETATM 1102 O O   . HOH B 2 .   ? -12.251 -9.743  -7.428  1.00 40.47 ? 2167 HOH A O   1 
HETATM 1103 O O   . HOH B 2 .   ? -11.901 -4.978  -8.871  1.00 34.31 ? 2168 HOH A O   1 
HETATM 1104 O O   . HOH B 2 .   ? -11.660 0.498   -7.235  1.00 36.33 ? 2169 HOH A O   1 
HETATM 1105 O O   . HOH B 2 .   ? -15.359 -2.395  -5.947  1.00 48.14 ? 2170 HOH A O   1 
HETATM 1106 O O   . HOH B 2 .   ? -11.397 -2.423  -9.657  1.00 45.91 ? 2171 HOH A O   1 
HETATM 1107 O O   . HOH B 2 .   ? -10.186 -0.264  -10.008 1.00 36.61 ? 2172 HOH A O   1 
HETATM 1108 O O   . HOH B 2 .   ? -0.982  -2.387  -14.396 1.00 29.99 ? 2173 HOH A O   1 
HETATM 1109 O O   . HOH B 2 .   ? -3.829  1.900   -16.653 1.00 26.12 ? 2174 HOH A O   1 
HETATM 1110 O O   . HOH B 2 .   ? -7.744  1.647   -10.612 1.00 25.42 ? 2175 HOH A O   1 
HETATM 1111 O O   . HOH B 2 .   ? -2.358  -2.417  -13.895 1.00 33.10 ? 2176 HOH A O   1 
HETATM 1112 O O   . HOH B 2 .   ? -3.445  6.094   -9.892  1.00 27.69 ? 2177 HOH A O   1 
HETATM 1113 O O   . HOH B 2 .   ? -1.326  9.141   -13.891 1.00 34.85 ? 2178 HOH A O   1 
HETATM 1114 O O   . HOH B 2 .   ? -3.207  5.786   -16.184 1.00 32.88 ? 2179 HOH A O   1 
HETATM 1115 O O   . HOH B 2 .   ? 2.025   9.218   -13.605 1.00 30.15 ? 2180 HOH A O   1 
HETATM 1116 O O   . HOH B 2 .   ? -4.446  5.001   -12.303 1.00 34.54 ? 2181 HOH A O   1 
HETATM 1117 O O   . HOH B 2 .   ? 2.201   5.433   -13.930 1.00 30.23 ? 2182 HOH A O   1 
HETATM 1118 O O   . HOH B 2 .   ? 1.515   12.226  -6.790  1.00 31.06 ? 2183 HOH A O   1 
HETATM 1119 O O   . HOH B 2 .   ? -3.690  6.003   -7.004  1.00 20.87 ? 2184 HOH A O   1 
HETATM 1120 O O   . HOH B 2 .   ? -1.533  12.164  -5.485  1.00 43.54 ? 2185 HOH A O   1 
HETATM 1121 O O   . HOH B 2 .   ? 2.438   10.744  -11.077 1.00 31.32 ? 2186 HOH A O   1 
HETATM 1122 O O   . HOH B 2 .   ? 8.525   13.749  -5.844  1.00 22.93 ? 2187 HOH A O   1 
HETATM 1123 O O   . HOH B 2 .   ? 14.465  12.400  -2.449  1.00 36.14 ? 2188 HOH A O   1 
HETATM 1124 O O   . HOH B 2 .   ? 6.294   9.809   -11.170 1.00 41.44 ? 2189 HOH A O   1 
HETATM 1125 O O   . HOH B 2 .   ? 14.855  11.262  -5.899  1.00 63.29 ? 2190 HOH A O   1 
HETATM 1126 O O   . HOH B 2 .   ? 13.028  13.165  -8.098  1.00 43.33 ? 2191 HOH A O   1 
# 
loop_
_pdbx_poly_seq_scheme.asym_id 
_pdbx_poly_seq_scheme.entity_id 
_pdbx_poly_seq_scheme.seq_id 
_pdbx_poly_seq_scheme.mon_id 
_pdbx_poly_seq_scheme.ndb_seq_num 
_pdbx_poly_seq_scheme.pdb_seq_num 
_pdbx_poly_seq_scheme.auth_seq_num 
_pdbx_poly_seq_scheme.pdb_mon_id 
_pdbx_poly_seq_scheme.auth_mon_id 
_pdbx_poly_seq_scheme.pdb_strand_id 
_pdbx_poly_seq_scheme.pdb_ins_code 
_pdbx_poly_seq_scheme.hetero 
A 1 1   MET 1   703 703 MET MET A . n 
A 1 2   ILE 2   704 704 ILE ILE A . n 
A 1 3   PRO 3   705 705 PRO PRO A . n 
A 1 4   SER 4   706 706 SER SER A . n 
A 1 5   ILE 5   707 707 ILE ILE A . n 
A 1 6   THR 6   708 708 THR THR A . n 
A 1 7   ALA 7   709 709 ALA ALA A . n 
A 1 8   TYR 8   710 710 TYR TYR A . n 
A 1 9   SER 9   711 711 SER SER A . n 
A 1 10  LYS 10  712 712 LYS LYS A . n 
A 1 11  ASN 11  713 713 ASN ASN A . n 
A 1 12  GLY 12  714 714 GLY GLY A . n 
A 1 13  LEU 13  715 715 LEU LEU A . n 
A 1 14  LYS 14  716 716 LYS LYS A . n 
A 1 15  ILE 15  717 717 ILE ILE A . n 
A 1 16  GLU 16  718 718 GLU GLU A . n 
A 1 17  PHE 17  719 719 PHE PHE A . n 
A 1 18  THR 18  720 720 THR THR A . n 
A 1 19  PHE 19  721 721 PHE PHE A . n 
A 1 20  GLU 20  722 722 GLU GLU A . n 
A 1 21  ARG 21  723 723 ARG ARG A . n 
A 1 22  SER 22  724 724 SER SER A . n 
A 1 23  ASN 23  725 725 ASN ASN A . n 
A 1 24  THR 24  726 726 THR THR A . n 
A 1 25  ASN 25  727 727 ASN ASN A . n 
A 1 26  PRO 26  728 728 PRO PRO A . n 
A 1 27  SER 27  729 729 SER SER A . n 
A 1 28  VAL 28  730 730 VAL VAL A . n 
A 1 29  THR 29  731 731 THR THR A . n 
A 1 30  VAL 30  732 732 VAL VAL A . n 
A 1 31  ILE 31  733 733 ILE ILE A . n 
A 1 32  THR 32  734 734 THR THR A . n 
A 1 33  ILE 33  735 735 ILE ILE A . n 
A 1 34  GLN 34  736 736 GLN GLN A . n 
A 1 35  ALA 35  737 737 ALA ALA A . n 
A 1 36  SER 36  738 738 SER SER A . n 
A 1 37  ASN 37  739 739 ASN ASN A . n 
A 1 38  SER 38  740 740 SER SER A . n 
A 1 39  THR 39  741 741 THR THR A . n 
A 1 40  GLU 40  742 742 GLU GLU A . n 
A 1 41  LEU 41  743 743 LEU LEU A . n 
A 1 42  ASP 42  744 744 ASP ASP A . n 
A 1 43  MET 43  745 745 MET MET A . n 
A 1 44  THR 44  746 746 THR THR A . n 
A 1 45  ASP 45  747 747 ASP ASP A . n 
A 1 46  PHE 46  748 748 PHE PHE A . n 
A 1 47  VAL 47  749 749 VAL VAL A . n 
A 1 48  PHE 48  750 750 PHE PHE A . n 
A 1 49  GLN 49  751 751 GLN GLN A . n 
A 1 50  ALA 50  752 752 ALA ALA A . n 
A 1 51  ALA 51  753 753 ALA ALA A . n 
A 1 52  VAL 52  754 754 VAL VAL A . n 
A 1 53  PRO 53  755 755 PRO PRO A . n 
A 1 54  LYS 54  756 756 LYS LYS A . n 
A 1 55  THR 55  757 757 THR THR A . n 
A 1 56  PHE 56  758 758 PHE PHE A . n 
A 1 57  GLN 57  759 759 GLN GLN A . n 
A 1 58  LEU 58  760 760 LEU LEU A . n 
A 1 59  GLN 59  761 761 GLN GLN A . n 
A 1 60  GLU 60  762 762 GLU GLU A . n 
A 1 61  LEU 61  763 763 LEU LEU A . n 
A 1 62  SER 62  764 764 SER SER A . n 
A 1 63  PRO 63  765 765 PRO PRO A . n 
A 1 64  SER 64  766 766 SER SER A . n 
A 1 65  SER 65  767 767 SER SER A . n 
A 1 66  SER 66  768 768 SER SER A . n 
A 1 67  VAL 67  769 769 VAL VAL A . n 
A 1 68  VAL 68  770 770 VAL VAL A . n 
A 1 69  PRO 69  771 771 PRO PRO A . n 
A 1 70  ALA 70  772 772 ALA ALA A . n 
A 1 71  PHE 71  773 773 PHE PHE A . n 
A 1 72  ASN 72  774 774 ASN ASN A . n 
A 1 73  THR 73  775 775 THR THR A . n 
A 1 74  GLY 74  776 776 GLY GLY A . n 
A 1 75  THR 75  777 777 THR THR A . n 
A 1 76  ILE 76  778 778 ILE ILE A . n 
A 1 77  THR 77  779 779 THR THR A . n 
A 1 78  GLN 78  780 780 GLN GLN A . n 
A 1 79  VAL 79  781 781 VAL VAL A . n 
A 1 80  ILE 80  782 782 ILE ILE A . n 
A 1 81  LYS 81  783 783 LYS LYS A . n 
A 1 82  VAL 82  784 784 VAL VAL A . n 
A 1 83  LEU 83  785 785 LEU LEU A . n 
A 1 84  ASN 84  786 786 ASN ASN A . n 
A 1 85  PRO 85  787 787 PRO PRO A . n 
A 1 86  GLN 86  788 788 GLN GLN A . n 
A 1 87  LYS 87  789 789 LYS LYS A . n 
A 1 88  GLN 88  790 790 GLN GLN A . n 
A 1 89  GLN 89  791 791 GLN GLN A . n 
A 1 90  LEU 90  792 792 LEU LEU A . n 
A 1 91  ARG 91  793 793 ARG ARG A . n 
A 1 92  MET 92  794 794 MET MET A . n 
A 1 93  ARG 93  795 795 ARG ARG A . n 
A 1 94  ILE 94  796 796 ILE ILE A . n 
A 1 95  LYS 95  797 797 LYS LYS A . n 
A 1 96  LEU 96  798 798 LEU LEU A . n 
A 1 97  THR 97  799 799 THR THR A . n 
A 1 98  TYR 98  800 800 TYR TYR A . n 
A 1 99  ASN 99  801 801 ASN ASN A . n 
A 1 100 HIS 100 802 802 HIS HIS A . n 
A 1 101 LYS 101 803 803 LYS LYS A . n 
A 1 102 GLY 102 804 804 GLY GLY A . n 
A 1 103 SER 103 805 805 SER SER A . n 
A 1 104 ALA 104 806 806 ALA ALA A . n 
A 1 105 MET 105 807 807 MET MET A . n 
A 1 106 GLN 106 808 808 GLN GLN A . n 
A 1 107 ASP 107 809 809 ASP ASP A . n 
A 1 108 LEU 108 810 810 LEU LEU A . n 
A 1 109 ALA 109 811 811 ALA ALA A . n 
A 1 110 GLU 110 812 812 GLU GLU A . n 
A 1 111 VAL 111 813 813 VAL VAL A . n 
A 1 112 ASN 112 814 814 ASN ASN A . n 
A 1 113 ASN 113 815 815 ASN ASN A . n 
A 1 114 PHE 114 816 816 PHE PHE A . n 
A 1 115 PRO 115 817 817 PRO PRO A . n 
A 1 116 PRO 116 818 818 PRO PRO A . n 
A 1 117 GLN 117 819 819 GLN GLN A . n 
A 1 118 SER 118 820 820 SER SER A . n 
A 1 119 TRP 119 821 821 TRP TRP A . n 
A 1 120 GLN 120 822 822 GLN GLN A . n 
# 
loop_
_pdbx_nonpoly_scheme.asym_id 
_pdbx_nonpoly_scheme.entity_id 
_pdbx_nonpoly_scheme.mon_id 
_pdbx_nonpoly_scheme.ndb_seq_num 
_pdbx_nonpoly_scheme.pdb_seq_num 
_pdbx_nonpoly_scheme.auth_seq_num 
_pdbx_nonpoly_scheme.pdb_mon_id 
_pdbx_nonpoly_scheme.auth_mon_id 
_pdbx_nonpoly_scheme.pdb_strand_id 
_pdbx_nonpoly_scheme.pdb_ins_code 
B 2 HOH 1   2001 2001 HOH HOH A . 
B 2 HOH 2   2002 2002 HOH HOH A . 
B 2 HOH 3   2003 2003 HOH HOH A . 
B 2 HOH 4   2004 2004 HOH HOH A . 
B 2 HOH 5   2005 2005 HOH HOH A . 
B 2 HOH 6   2006 2006 HOH HOH A . 
B 2 HOH 7   2007 2007 HOH HOH A . 
B 2 HOH 8   2008 2008 HOH HOH A . 
B 2 HOH 9   2009 2009 HOH HOH A . 
B 2 HOH 10  2010 2010 HOH HOH A . 
B 2 HOH 11  2011 2011 HOH HOH A . 
B 2 HOH 12  2012 2012 HOH HOH A . 
B 2 HOH 13  2013 2013 HOH HOH A . 
B 2 HOH 14  2014 2014 HOH HOH A . 
B 2 HOH 15  2015 2015 HOH HOH A . 
B 2 HOH 16  2016 2016 HOH HOH A . 
B 2 HOH 17  2017 2017 HOH HOH A . 
B 2 HOH 18  2018 2018 HOH HOH A . 
B 2 HOH 19  2019 2019 HOH HOH A . 
B 2 HOH 20  2020 2020 HOH HOH A . 
B 2 HOH 21  2021 2021 HOH HOH A . 
B 2 HOH 22  2022 2022 HOH HOH A . 
B 2 HOH 23  2023 2023 HOH HOH A . 
B 2 HOH 24  2024 2024 HOH HOH A . 
B 2 HOH 25  2025 2025 HOH HOH A . 
B 2 HOH 26  2026 2026 HOH HOH A . 
B 2 HOH 27  2027 2027 HOH HOH A . 
B 2 HOH 28  2028 2028 HOH HOH A . 
B 2 HOH 29  2029 2029 HOH HOH A . 
B 2 HOH 30  2030 2030 HOH HOH A . 
B 2 HOH 31  2031 2031 HOH HOH A . 
B 2 HOH 32  2032 2032 HOH HOH A . 
B 2 HOH 33  2033 2033 HOH HOH A . 
B 2 HOH 34  2034 2034 HOH HOH A . 
B 2 HOH 35  2035 2035 HOH HOH A . 
B 2 HOH 36  2036 2036 HOH HOH A . 
B 2 HOH 37  2037 2037 HOH HOH A . 
B 2 HOH 38  2038 2038 HOH HOH A . 
B 2 HOH 39  2039 2039 HOH HOH A . 
B 2 HOH 40  2040 2040 HOH HOH A . 
B 2 HOH 41  2041 2041 HOH HOH A . 
B 2 HOH 42  2042 2042 HOH HOH A . 
B 2 HOH 43  2043 2043 HOH HOH A . 
B 2 HOH 44  2044 2044 HOH HOH A . 
B 2 HOH 45  2045 2045 HOH HOH A . 
B 2 HOH 46  2046 2046 HOH HOH A . 
B 2 HOH 47  2047 2047 HOH HOH A . 
B 2 HOH 48  2048 2048 HOH HOH A . 
B 2 HOH 49  2049 2049 HOH HOH A . 
B 2 HOH 50  2050 2050 HOH HOH A . 
B 2 HOH 51  2051 2051 HOH HOH A . 
B 2 HOH 52  2052 2052 HOH HOH A . 
B 2 HOH 53  2053 2053 HOH HOH A . 
B 2 HOH 54  2054 2054 HOH HOH A . 
B 2 HOH 55  2055 2055 HOH HOH A . 
B 2 HOH 56  2056 2056 HOH HOH A . 
B 2 HOH 57  2057 2057 HOH HOH A . 
B 2 HOH 58  2058 2058 HOH HOH A . 
B 2 HOH 59  2059 2059 HOH HOH A . 
B 2 HOH 60  2060 2060 HOH HOH A . 
B 2 HOH 61  2061 2061 HOH HOH A . 
B 2 HOH 62  2062 2062 HOH HOH A . 
B 2 HOH 63  2063 2063 HOH HOH A . 
B 2 HOH 64  2064 2064 HOH HOH A . 
B 2 HOH 65  2065 2065 HOH HOH A . 
B 2 HOH 66  2066 2066 HOH HOH A . 
B 2 HOH 67  2067 2067 HOH HOH A . 
B 2 HOH 68  2068 2068 HOH HOH A . 
B 2 HOH 69  2069 2069 HOH HOH A . 
B 2 HOH 70  2070 2070 HOH HOH A . 
B 2 HOH 71  2071 2071 HOH HOH A . 
B 2 HOH 72  2072 2072 HOH HOH A . 
B 2 HOH 73  2073 2073 HOH HOH A . 
B 2 HOH 74  2074 2074 HOH HOH A . 
B 2 HOH 75  2075 2075 HOH HOH A . 
B 2 HOH 76  2076 2076 HOH HOH A . 
B 2 HOH 77  2077 2077 HOH HOH A . 
B 2 HOH 78  2078 2078 HOH HOH A . 
B 2 HOH 79  2079 2079 HOH HOH A . 
B 2 HOH 80  2080 2080 HOH HOH A . 
B 2 HOH 81  2081 2081 HOH HOH A . 
B 2 HOH 82  2082 2082 HOH HOH A . 
B 2 HOH 83  2083 2083 HOH HOH A . 
B 2 HOH 84  2084 2084 HOH HOH A . 
B 2 HOH 85  2085 2085 HOH HOH A . 
B 2 HOH 86  2086 2086 HOH HOH A . 
B 2 HOH 87  2087 2087 HOH HOH A . 
B 2 HOH 88  2088 2088 HOH HOH A . 
B 2 HOH 89  2089 2089 HOH HOH A . 
B 2 HOH 90  2090 2090 HOH HOH A . 
B 2 HOH 91  2091 2091 HOH HOH A . 
B 2 HOH 92  2092 2092 HOH HOH A . 
B 2 HOH 93  2093 2093 HOH HOH A . 
B 2 HOH 94  2094 2094 HOH HOH A . 
B 2 HOH 95  2095 2095 HOH HOH A . 
B 2 HOH 96  2096 2096 HOH HOH A . 
B 2 HOH 97  2097 2097 HOH HOH A . 
B 2 HOH 98  2098 2098 HOH HOH A . 
B 2 HOH 99  2099 2099 HOH HOH A . 
B 2 HOH 100 2100 2100 HOH HOH A . 
B 2 HOH 101 2101 2101 HOH HOH A . 
B 2 HOH 102 2102 2102 HOH HOH A . 
B 2 HOH 103 2103 2103 HOH HOH A . 
B 2 HOH 104 2104 2104 HOH HOH A . 
B 2 HOH 105 2105 2105 HOH HOH A . 
B 2 HOH 106 2106 2106 HOH HOH A . 
B 2 HOH 107 2107 2107 HOH HOH A . 
B 2 HOH 108 2108 2108 HOH HOH A . 
B 2 HOH 109 2109 2109 HOH HOH A . 
B 2 HOH 110 2110 2110 HOH HOH A . 
B 2 HOH 111 2111 2111 HOH HOH A . 
B 2 HOH 112 2112 2112 HOH HOH A . 
B 2 HOH 113 2113 2113 HOH HOH A . 
B 2 HOH 114 2114 2114 HOH HOH A . 
B 2 HOH 115 2115 2115 HOH HOH A . 
B 2 HOH 116 2116 2116 HOH HOH A . 
B 2 HOH 117 2117 2117 HOH HOH A . 
B 2 HOH 118 2118 2118 HOH HOH A . 
B 2 HOH 119 2119 2119 HOH HOH A . 
B 2 HOH 120 2120 2120 HOH HOH A . 
B 2 HOH 121 2121 2121 HOH HOH A . 
B 2 HOH 122 2122 2122 HOH HOH A . 
B 2 HOH 123 2123 2123 HOH HOH A . 
B 2 HOH 124 2124 2124 HOH HOH A . 
B 2 HOH 125 2125 2125 HOH HOH A . 
B 2 HOH 126 2126 2126 HOH HOH A . 
B 2 HOH 127 2127 2127 HOH HOH A . 
B 2 HOH 128 2128 2128 HOH HOH A . 
B 2 HOH 129 2129 2129 HOH HOH A . 
B 2 HOH 130 2130 2130 HOH HOH A . 
B 2 HOH 131 2131 2131 HOH HOH A . 
B 2 HOH 132 2132 2132 HOH HOH A . 
B 2 HOH 133 2133 2133 HOH HOH A . 
B 2 HOH 134 2134 2134 HOH HOH A . 
B 2 HOH 135 2135 2135 HOH HOH A . 
B 2 HOH 136 2136 2136 HOH HOH A . 
B 2 HOH 137 2137 2137 HOH HOH A . 
B 2 HOH 138 2138 2138 HOH HOH A . 
B 2 HOH 139 2139 2139 HOH HOH A . 
B 2 HOH 140 2140 2140 HOH HOH A . 
B 2 HOH 141 2141 2141 HOH HOH A . 
B 2 HOH 142 2142 2142 HOH HOH A . 
B 2 HOH 143 2143 2143 HOH HOH A . 
B 2 HOH 144 2144 2144 HOH HOH A . 
B 2 HOH 145 2145 2145 HOH HOH A . 
B 2 HOH 146 2146 2146 HOH HOH A . 
B 2 HOH 147 2147 2147 HOH HOH A . 
B 2 HOH 148 2148 2148 HOH HOH A . 
B 2 HOH 149 2149 2149 HOH HOH A . 
B 2 HOH 150 2150 2150 HOH HOH A . 
B 2 HOH 151 2151 2151 HOH HOH A . 
B 2 HOH 152 2152 2152 HOH HOH A . 
B 2 HOH 153 2153 2153 HOH HOH A . 
B 2 HOH 154 2154 2154 HOH HOH A . 
B 2 HOH 155 2155 2155 HOH HOH A . 
B 2 HOH 156 2156 2156 HOH HOH A . 
B 2 HOH 157 2157 2157 HOH HOH A . 
B 2 HOH 158 2158 2158 HOH HOH A . 
B 2 HOH 159 2159 2159 HOH HOH A . 
B 2 HOH 160 2160 2160 HOH HOH A . 
B 2 HOH 161 2161 2161 HOH HOH A . 
B 2 HOH 162 2162 2162 HOH HOH A . 
B 2 HOH 163 2163 2163 HOH HOH A . 
B 2 HOH 164 2164 2164 HOH HOH A . 
B 2 HOH 165 2165 2165 HOH HOH A . 
B 2 HOH 166 2166 2166 HOH HOH A . 
B 2 HOH 167 2167 2167 HOH HOH A . 
B 2 HOH 168 2168 2168 HOH HOH A . 
B 2 HOH 169 2169 2169 HOH HOH A . 
B 2 HOH 170 2170 2170 HOH HOH A . 
B 2 HOH 171 2171 2171 HOH HOH A . 
B 2 HOH 172 2172 2172 HOH HOH A . 
B 2 HOH 173 2173 2173 HOH HOH A . 
B 2 HOH 174 2174 2174 HOH HOH A . 
B 2 HOH 175 2175 2175 HOH HOH A . 
B 2 HOH 176 2176 2176 HOH HOH A . 
B 2 HOH 177 2177 2177 HOH HOH A . 
B 2 HOH 178 2178 2178 HOH HOH A . 
B 2 HOH 179 2179 2179 HOH HOH A . 
B 2 HOH 180 2180 2180 HOH HOH A . 
B 2 HOH 181 2181 2181 HOH HOH A . 
B 2 HOH 182 2182 2182 HOH HOH A . 
B 2 HOH 183 2183 2183 HOH HOH A . 
B 2 HOH 184 2184 2184 HOH HOH A . 
B 2 HOH 185 2185 2185 HOH HOH A . 
B 2 HOH 186 2186 2186 HOH HOH A . 
B 2 HOH 187 2187 2187 HOH HOH A . 
B 2 HOH 188 2188 2188 HOH HOH A . 
B 2 HOH 189 2189 2189 HOH HOH A . 
B 2 HOH 190 2190 2190 HOH HOH A . 
B 2 HOH 191 2191 2191 HOH HOH A . 
# 
_pdbx_struct_assembly.id                   1 
_pdbx_struct_assembly.details              author_and_software_defined_assembly 
_pdbx_struct_assembly.method_details       PQS 
_pdbx_struct_assembly.oligomeric_details   monomeric 
_pdbx_struct_assembly.oligomeric_count     1 
# 
_pdbx_struct_assembly_gen.assembly_id       1 
_pdbx_struct_assembly_gen.oper_expression   1 
_pdbx_struct_assembly_gen.asym_id_list      A,B 
# 
_pdbx_struct_oper_list.id                   1 
_pdbx_struct_oper_list.type                 'identity operation' 
_pdbx_struct_oper_list.name                 1_555 
_pdbx_struct_oper_list.symmetry_operation   x,y,z 
_pdbx_struct_oper_list.matrix[1][1]         1.0000000000 
_pdbx_struct_oper_list.matrix[1][2]         0.0000000000 
_pdbx_struct_oper_list.matrix[1][3]         0.0000000000 
_pdbx_struct_oper_list.vector[1]            0.0000000000 
_pdbx_struct_oper_list.matrix[2][1]         0.0000000000 
_pdbx_struct_oper_list.matrix[2][2]         1.0000000000 
_pdbx_struct_oper_list.matrix[2][3]         0.0000000000 
_pdbx_struct_oper_list.vector[2]            0.0000000000 
_pdbx_struct_oper_list.matrix[3][1]         0.0000000000 
_pdbx_struct_oper_list.matrix[3][2]         0.0000000000 
_pdbx_struct_oper_list.matrix[3][3]         1.0000000000 
_pdbx_struct_oper_list.vector[3]            0.0000000000 
# 
loop_
_pdbx_audit_revision_history.ordinal 
_pdbx_audit_revision_history.data_content_type 
_pdbx_audit_revision_history.major_revision 
_pdbx_audit_revision_history.minor_revision 
_pdbx_audit_revision_history.revision_date 
1 'Structure model' 1 0 2002-08-22 
2 'Structure model' 1 1 2011-05-08 
3 'Structure model' 1 2 2011-07-13 
4 'Structure model' 1 3 2018-02-28 
5 'Structure model' 1 4 2019-10-09 
6 'Structure model' 1 5 2023-12-13 
# 
_pdbx_audit_revision_details.ordinal             1 
_pdbx_audit_revision_details.revision_ordinal    1 
_pdbx_audit_revision_details.data_content_type   'Structure model' 
_pdbx_audit_revision_details.provider            repository 
_pdbx_audit_revision_details.type                'Initial release' 
_pdbx_audit_revision_details.description         ? 
_pdbx_audit_revision_details.details             ? 
# 
loop_
_pdbx_audit_revision_group.ordinal 
_pdbx_audit_revision_group.revision_ordinal 
_pdbx_audit_revision_group.data_content_type 
_pdbx_audit_revision_group.group 
1  2 'Structure model' 'Version format compliance' 
2  3 'Structure model' 'Version format compliance' 
3  4 'Structure model' 'Database references'       
4  4 'Structure model' 'Source and taxonomy'       
5  5 'Structure model' 'Data collection'           
6  5 'Structure model' 'Database references'       
7  5 'Structure model' Other                       
8  6 'Structure model' 'Data collection'           
9  6 'Structure model' 'Database references'       
10 6 'Structure model' 'Refinement description'    
# 
loop_
_pdbx_audit_revision_category.ordinal 
_pdbx_audit_revision_category.revision_ordinal 
_pdbx_audit_revision_category.data_content_type 
_pdbx_audit_revision_category.category 
1 4 'Structure model' citation                      
2 4 'Structure model' citation_author               
3 4 'Structure model' entity_src_gen                
4 5 'Structure model' citation                      
5 5 'Structure model' pdbx_database_status          
6 6 'Structure model' chem_comp_atom                
7 6 'Structure model' chem_comp_bond                
8 6 'Structure model' database_2                    
9 6 'Structure model' pdbx_initial_refinement_model 
# 
loop_
_pdbx_audit_revision_item.ordinal 
_pdbx_audit_revision_item.revision_ordinal 
_pdbx_audit_revision_item.data_content_type 
_pdbx_audit_revision_item.item 
1  4 'Structure model' '_citation.page_last'                            
2  4 'Structure model' '_citation.pdbx_database_id_DOI'                 
3  4 'Structure model' '_citation.title'                                
4  4 'Structure model' '_citation_author.name'                          
5  4 'Structure model' '_entity_src_gen.pdbx_host_org_ncbi_taxonomy_id' 
6  4 'Structure model' '_entity_src_gen.pdbx_host_org_scientific_name'  
7  4 'Structure model' '_entity_src_gen.pdbx_host_org_strain'           
8  5 'Structure model' '_citation.pdbx_database_id_DOI'                 
9  5 'Structure model' '_pdbx_database_status.status_code_sf'           
10 6 'Structure model' '_database_2.pdbx_DOI'                           
11 6 'Structure model' '_database_2.pdbx_database_accession'            
# 
loop_
_software.name 
_software.classification 
_software.version 
_software.citation_id 
_software.pdbx_ordinal 
REFMAC refinement       5.0 ? 1 
MOSFLM 'data reduction' .   ? 2 
SCALA  'data scaling'   .   ? 3 
# 
loop_
_pdbx_validate_close_contact.id 
_pdbx_validate_close_contact.PDB_model_num 
_pdbx_validate_close_contact.auth_atom_id_1 
_pdbx_validate_close_contact.auth_asym_id_1 
_pdbx_validate_close_contact.auth_comp_id_1 
_pdbx_validate_close_contact.auth_seq_id_1 
_pdbx_validate_close_contact.PDB_ins_code_1 
_pdbx_validate_close_contact.label_alt_id_1 
_pdbx_validate_close_contact.auth_atom_id_2 
_pdbx_validate_close_contact.auth_asym_id_2 
_pdbx_validate_close_contact.auth_comp_id_2 
_pdbx_validate_close_contact.auth_seq_id_2 
_pdbx_validate_close_contact.PDB_ins_code_2 
_pdbx_validate_close_contact.label_alt_id_2 
_pdbx_validate_close_contact.dist 
1  1 O   A HOH 2016 ? ? O A HOH 2017 ? ? 0.66 
2  1 O   A HOH 2015 ? ? O A HOH 2016 ? ? 0.98 
3  1 O   A HOH 2015 ? ? O A HOH 2017 ? ? 1.32 
4  1 O   A HOH 2173 ? ? O A HOH 2176 ? ? 1.46 
5  1 O   A HOH 2033 ? ? O A HOH 2144 ? ? 1.47 
6  1 O   A HOH 2145 ? ? O A HOH 2146 ? ? 1.54 
7  1 O   A HOH 2033 ? ? O A HOH 2146 ? ? 1.75 
8  1 O   A HOH 2028 ? ? O A HOH 2128 ? ? 1.86 
9  1 O   A HOH 2005 ? ? O A HOH 2059 ? ? 1.93 
10 1 ND2 A ASN 801  ? ? O A HOH 2154 ? ? 1.93 
11 1 O   A HOH 2033 ? ? O A HOH 2173 ? ? 1.93 
12 1 O   A HOH 2097 ? ? O A HOH 2156 ? ? 1.93 
13 1 O   A HOH 2106 ? ? O A HOH 2107 ? ? 2.02 
14 1 O   A HOH 2025 ? ? O A HOH 2119 ? ? 2.15 
15 1 NE2 A GLN 822  ? ? O A HOH 2191 ? ? 2.15 
# 
_pdbx_validate_symm_contact.id                1 
_pdbx_validate_symm_contact.PDB_model_num     1 
_pdbx_validate_symm_contact.auth_atom_id_1    O 
_pdbx_validate_symm_contact.auth_asym_id_1    A 
_pdbx_validate_symm_contact.auth_comp_id_1    HOH 
_pdbx_validate_symm_contact.auth_seq_id_1     2163 
_pdbx_validate_symm_contact.PDB_ins_code_1    ? 
_pdbx_validate_symm_contact.label_alt_id_1    ? 
_pdbx_validate_symm_contact.site_symmetry_1   1_555 
_pdbx_validate_symm_contact.auth_atom_id_2    O 
_pdbx_validate_symm_contact.auth_asym_id_2    A 
_pdbx_validate_symm_contact.auth_comp_id_2    HOH 
_pdbx_validate_symm_contact.auth_seq_id_2     2173 
_pdbx_validate_symm_contact.PDB_ins_code_2    ? 
_pdbx_validate_symm_contact.label_alt_id_2    ? 
_pdbx_validate_symm_contact.site_symmetry_2   4_555 
_pdbx_validate_symm_contact.dist              1.42 
# 
_pdbx_validate_rmsd_angle.id                         1 
_pdbx_validate_rmsd_angle.PDB_model_num              1 
_pdbx_validate_rmsd_angle.auth_atom_id_1             NE 
_pdbx_validate_rmsd_angle.auth_asym_id_1             A 
_pdbx_validate_rmsd_angle.auth_comp_id_1             ARG 
_pdbx_validate_rmsd_angle.auth_seq_id_1              795 
_pdbx_validate_rmsd_angle.PDB_ins_code_1             ? 
_pdbx_validate_rmsd_angle.label_alt_id_1             ? 
_pdbx_validate_rmsd_angle.auth_atom_id_2             CZ 
_pdbx_validate_rmsd_angle.auth_asym_id_2             A 
_pdbx_validate_rmsd_angle.auth_comp_id_2             ARG 
_pdbx_validate_rmsd_angle.auth_seq_id_2              795 
_pdbx_validate_rmsd_angle.PDB_ins_code_2             ? 
_pdbx_validate_rmsd_angle.label_alt_id_2             ? 
_pdbx_validate_rmsd_angle.auth_atom_id_3             NH1 
_pdbx_validate_rmsd_angle.auth_asym_id_3             A 
_pdbx_validate_rmsd_angle.auth_comp_id_3             ARG 
_pdbx_validate_rmsd_angle.auth_seq_id_3              795 
_pdbx_validate_rmsd_angle.PDB_ins_code_3             ? 
_pdbx_validate_rmsd_angle.label_alt_id_3             ? 
_pdbx_validate_rmsd_angle.angle_value                116.73 
_pdbx_validate_rmsd_angle.angle_target_value         120.30 
_pdbx_validate_rmsd_angle.angle_deviation            -3.57 
_pdbx_validate_rmsd_angle.angle_standard_deviation   0.50 
_pdbx_validate_rmsd_angle.linker_flag                N 
# 
loop_
_pdbx_distant_solvent_atoms.id 
_pdbx_distant_solvent_atoms.PDB_model_num 
_pdbx_distant_solvent_atoms.auth_atom_id 
_pdbx_distant_solvent_atoms.label_alt_id 
_pdbx_distant_solvent_atoms.auth_asym_id 
_pdbx_distant_solvent_atoms.auth_comp_id 
_pdbx_distant_solvent_atoms.auth_seq_id 
_pdbx_distant_solvent_atoms.PDB_ins_code 
_pdbx_distant_solvent_atoms.neighbor_macromolecule_distance 
_pdbx_distant_solvent_atoms.neighbor_ligand_distance 
1 1 O ? A HOH 2043 ? 6.76 . 
2 1 O ? A HOH 2044 ? 6.77 . 
# 
loop_
_pdbx_unobs_or_zero_occ_atoms.id 
_pdbx_unobs_or_zero_occ_atoms.PDB_model_num 
_pdbx_unobs_or_zero_occ_atoms.polymer_flag 
_pdbx_unobs_or_zero_occ_atoms.occupancy_flag 
_pdbx_unobs_or_zero_occ_atoms.auth_asym_id 
_pdbx_unobs_or_zero_occ_atoms.auth_comp_id 
_pdbx_unobs_or_zero_occ_atoms.auth_seq_id 
_pdbx_unobs_or_zero_occ_atoms.PDB_ins_code 
_pdbx_unobs_or_zero_occ_atoms.auth_atom_id 
_pdbx_unobs_or_zero_occ_atoms.label_alt_id 
_pdbx_unobs_or_zero_occ_atoms.label_asym_id 
_pdbx_unobs_or_zero_occ_atoms.label_comp_id 
_pdbx_unobs_or_zero_occ_atoms.label_seq_id 
_pdbx_unobs_or_zero_occ_atoms.label_atom_id 
1 1 Y 1 A LYS 712 ? CE  ? A LYS 10 CE  
2 1 Y 1 A LYS 712 ? NZ  ? A LYS 10 NZ  
3 1 Y 1 A GLU 718 ? CG  ? A GLU 16 CG  
4 1 Y 1 A GLU 718 ? CD  ? A GLU 16 CD  
5 1 Y 1 A GLU 718 ? OE1 ? A GLU 16 OE1 
6 1 Y 1 A GLU 718 ? OE2 ? A GLU 16 OE2 
7 1 Y 1 A LYS 756 ? CD  ? A LYS 54 CD  
8 1 Y 1 A LYS 756 ? CE  ? A LYS 54 CE  
9 1 Y 1 A LYS 756 ? NZ  ? A LYS 54 NZ  
# 
loop_
_chem_comp_atom.comp_id 
_chem_comp_atom.atom_id 
_chem_comp_atom.type_symbol 
_chem_comp_atom.pdbx_aromatic_flag 
_chem_comp_atom.pdbx_stereo_config 
_chem_comp_atom.pdbx_ordinal 
ALA N    N N N 1   
ALA CA   C N S 2   
ALA C    C N N 3   
ALA O    O N N 4   
ALA CB   C N N 5   
ALA OXT  O N N 6   
ALA H    H N N 7   
ALA H2   H N N 8   
ALA HA   H N N 9   
ALA HB1  H N N 10  
ALA HB2  H N N 11  
ALA HB3  H N N 12  
ALA HXT  H N N 13  
ARG N    N N N 14  
ARG CA   C N S 15  
ARG C    C N N 16  
ARG O    O N N 17  
ARG CB   C N N 18  
ARG CG   C N N 19  
ARG CD   C N N 20  
ARG NE   N N N 21  
ARG CZ   C N N 22  
ARG NH1  N N N 23  
ARG NH2  N N N 24  
ARG OXT  O N N 25  
ARG H    H N N 26  
ARG H2   H N N 27  
ARG HA   H N N 28  
ARG HB2  H N N 29  
ARG HB3  H N N 30  
ARG HG2  H N N 31  
ARG HG3  H N N 32  
ARG HD2  H N N 33  
ARG HD3  H N N 34  
ARG HE   H N N 35  
ARG HH11 H N N 36  
ARG HH12 H N N 37  
ARG HH21 H N N 38  
ARG HH22 H N N 39  
ARG HXT  H N N 40  
ASN N    N N N 41  
ASN CA   C N S 42  
ASN C    C N N 43  
ASN O    O N N 44  
ASN CB   C N N 45  
ASN CG   C N N 46  
ASN OD1  O N N 47  
ASN ND2  N N N 48  
ASN OXT  O N N 49  
ASN H    H N N 50  
ASN H2   H N N 51  
ASN HA   H N N 52  
ASN HB2  H N N 53  
ASN HB3  H N N 54  
ASN HD21 H N N 55  
ASN HD22 H N N 56  
ASN HXT  H N N 57  
ASP N    N N N 58  
ASP CA   C N S 59  
ASP C    C N N 60  
ASP O    O N N 61  
ASP CB   C N N 62  
ASP CG   C N N 63  
ASP OD1  O N N 64  
ASP OD2  O N N 65  
ASP OXT  O N N 66  
ASP H    H N N 67  
ASP H2   H N N 68  
ASP HA   H N N 69  
ASP HB2  H N N 70  
ASP HB3  H N N 71  
ASP HD2  H N N 72  
ASP HXT  H N N 73  
GLN N    N N N 74  
GLN CA   C N S 75  
GLN C    C N N 76  
GLN O    O N N 77  
GLN CB   C N N 78  
GLN CG   C N N 79  
GLN CD   C N N 80  
GLN OE1  O N N 81  
GLN NE2  N N N 82  
GLN OXT  O N N 83  
GLN H    H N N 84  
GLN H2   H N N 85  
GLN HA   H N N 86  
GLN HB2  H N N 87  
GLN HB3  H N N 88  
GLN HG2  H N N 89  
GLN HG3  H N N 90  
GLN HE21 H N N 91  
GLN HE22 H N N 92  
GLN HXT  H N N 93  
GLU N    N N N 94  
GLU CA   C N S 95  
GLU C    C N N 96  
GLU O    O N N 97  
GLU CB   C N N 98  
GLU CG   C N N 99  
GLU CD   C N N 100 
GLU OE1  O N N 101 
GLU OE2  O N N 102 
GLU OXT  O N N 103 
GLU H    H N N 104 
GLU H2   H N N 105 
GLU HA   H N N 106 
GLU HB2  H N N 107 
GLU HB3  H N N 108 
GLU HG2  H N N 109 
GLU HG3  H N N 110 
GLU HE2  H N N 111 
GLU HXT  H N N 112 
GLY N    N N N 113 
GLY CA   C N N 114 
GLY C    C N N 115 
GLY O    O N N 116 
GLY OXT  O N N 117 
GLY H    H N N 118 
GLY H2   H N N 119 
GLY HA2  H N N 120 
GLY HA3  H N N 121 
GLY HXT  H N N 122 
HIS N    N N N 123 
HIS CA   C N S 124 
HIS C    C N N 125 
HIS O    O N N 126 
HIS CB   C N N 127 
HIS CG   C Y N 128 
HIS ND1  N Y N 129 
HIS CD2  C Y N 130 
HIS CE1  C Y N 131 
HIS NE2  N Y N 132 
HIS OXT  O N N 133 
HIS H    H N N 134 
HIS H2   H N N 135 
HIS HA   H N N 136 
HIS HB2  H N N 137 
HIS HB3  H N N 138 
HIS HD1  H N N 139 
HIS HD2  H N N 140 
HIS HE1  H N N 141 
HIS HE2  H N N 142 
HIS HXT  H N N 143 
HOH O    O N N 144 
HOH H1   H N N 145 
HOH H2   H N N 146 
ILE N    N N N 147 
ILE CA   C N S 148 
ILE C    C N N 149 
ILE O    O N N 150 
ILE CB   C N S 151 
ILE CG1  C N N 152 
ILE CG2  C N N 153 
ILE CD1  C N N 154 
ILE OXT  O N N 155 
ILE H    H N N 156 
ILE H2   H N N 157 
ILE HA   H N N 158 
ILE HB   H N N 159 
ILE HG12 H N N 160 
ILE HG13 H N N 161 
ILE HG21 H N N 162 
ILE HG22 H N N 163 
ILE HG23 H N N 164 
ILE HD11 H N N 165 
ILE HD12 H N N 166 
ILE HD13 H N N 167 
ILE HXT  H N N 168 
LEU N    N N N 169 
LEU CA   C N S 170 
LEU C    C N N 171 
LEU O    O N N 172 
LEU CB   C N N 173 
LEU CG   C N N 174 
LEU CD1  C N N 175 
LEU CD2  C N N 176 
LEU OXT  O N N 177 
LEU H    H N N 178 
LEU H2   H N N 179 
LEU HA   H N N 180 
LEU HB2  H N N 181 
LEU HB3  H N N 182 
LEU HG   H N N 183 
LEU HD11 H N N 184 
LEU HD12 H N N 185 
LEU HD13 H N N 186 
LEU HD21 H N N 187 
LEU HD22 H N N 188 
LEU HD23 H N N 189 
LEU HXT  H N N 190 
LYS N    N N N 191 
LYS CA   C N S 192 
LYS C    C N N 193 
LYS O    O N N 194 
LYS CB   C N N 195 
LYS CG   C N N 196 
LYS CD   C N N 197 
LYS CE   C N N 198 
LYS NZ   N N N 199 
LYS OXT  O N N 200 
LYS H    H N N 201 
LYS H2   H N N 202 
LYS HA   H N N 203 
LYS HB2  H N N 204 
LYS HB3  H N N 205 
LYS HG2  H N N 206 
LYS HG3  H N N 207 
LYS HD2  H N N 208 
LYS HD3  H N N 209 
LYS HE2  H N N 210 
LYS HE3  H N N 211 
LYS HZ1  H N N 212 
LYS HZ2  H N N 213 
LYS HZ3  H N N 214 
LYS HXT  H N N 215 
MET N    N N N 216 
MET CA   C N S 217 
MET C    C N N 218 
MET O    O N N 219 
MET CB   C N N 220 
MET CG   C N N 221 
MET SD   S N N 222 
MET CE   C N N 223 
MET OXT  O N N 224 
MET H    H N N 225 
MET H2   H N N 226 
MET HA   H N N 227 
MET HB2  H N N 228 
MET HB3  H N N 229 
MET HG2  H N N 230 
MET HG3  H N N 231 
MET HE1  H N N 232 
MET HE2  H N N 233 
MET HE3  H N N 234 
MET HXT  H N N 235 
PHE N    N N N 236 
PHE CA   C N S 237 
PHE C    C N N 238 
PHE O    O N N 239 
PHE CB   C N N 240 
PHE CG   C Y N 241 
PHE CD1  C Y N 242 
PHE CD2  C Y N 243 
PHE CE1  C Y N 244 
PHE CE2  C Y N 245 
PHE CZ   C Y N 246 
PHE OXT  O N N 247 
PHE H    H N N 248 
PHE H2   H N N 249 
PHE HA   H N N 250 
PHE HB2  H N N 251 
PHE HB3  H N N 252 
PHE HD1  H N N 253 
PHE HD2  H N N 254 
PHE HE1  H N N 255 
PHE HE2  H N N 256 
PHE HZ   H N N 257 
PHE HXT  H N N 258 
PRO N    N N N 259 
PRO CA   C N S 260 
PRO C    C N N 261 
PRO O    O N N 262 
PRO CB   C N N 263 
PRO CG   C N N 264 
PRO CD   C N N 265 
PRO OXT  O N N 266 
PRO H    H N N 267 
PRO HA   H N N 268 
PRO HB2  H N N 269 
PRO HB3  H N N 270 
PRO HG2  H N N 271 
PRO HG3  H N N 272 
PRO HD2  H N N 273 
PRO HD3  H N N 274 
PRO HXT  H N N 275 
SER N    N N N 276 
SER CA   C N S 277 
SER C    C N N 278 
SER O    O N N 279 
SER CB   C N N 280 
SER OG   O N N 281 
SER OXT  O N N 282 
SER H    H N N 283 
SER H2   H N N 284 
SER HA   H N N 285 
SER HB2  H N N 286 
SER HB3  H N N 287 
SER HG   H N N 288 
SER HXT  H N N 289 
THR N    N N N 290 
THR CA   C N S 291 
THR C    C N N 292 
THR O    O N N 293 
THR CB   C N R 294 
THR OG1  O N N 295 
THR CG2  C N N 296 
THR OXT  O N N 297 
THR H    H N N 298 
THR H2   H N N 299 
THR HA   H N N 300 
THR HB   H N N 301 
THR HG1  H N N 302 
THR HG21 H N N 303 
THR HG22 H N N 304 
THR HG23 H N N 305 
THR HXT  H N N 306 
TRP N    N N N 307 
TRP CA   C N S 308 
TRP C    C N N 309 
TRP O    O N N 310 
TRP CB   C N N 311 
TRP CG   C Y N 312 
TRP CD1  C Y N 313 
TRP CD2  C Y N 314 
TRP NE1  N Y N 315 
TRP CE2  C Y N 316 
TRP CE3  C Y N 317 
TRP CZ2  C Y N 318 
TRP CZ3  C Y N 319 
TRP CH2  C Y N 320 
TRP OXT  O N N 321 
TRP H    H N N 322 
TRP H2   H N N 323 
TRP HA   H N N 324 
TRP HB2  H N N 325 
TRP HB3  H N N 326 
TRP HD1  H N N 327 
TRP HE1  H N N 328 
TRP HE3  H N N 329 
TRP HZ2  H N N 330 
TRP HZ3  H N N 331 
TRP HH2  H N N 332 
TRP HXT  H N N 333 
TYR N    N N N 334 
TYR CA   C N S 335 
TYR C    C N N 336 
TYR O    O N N 337 
TYR CB   C N N 338 
TYR CG   C Y N 339 
TYR CD1  C Y N 340 
TYR CD2  C Y N 341 
TYR CE1  C Y N 342 
TYR CE2  C Y N 343 
TYR CZ   C Y N 344 
TYR OH   O N N 345 
TYR OXT  O N N 346 
TYR H    H N N 347 
TYR H2   H N N 348 
TYR HA   H N N 349 
TYR HB2  H N N 350 
TYR HB3  H N N 351 
TYR HD1  H N N 352 
TYR HD2  H N N 353 
TYR HE1  H N N 354 
TYR HE2  H N N 355 
TYR HH   H N N 356 
TYR HXT  H N N 357 
VAL N    N N N 358 
VAL CA   C N S 359 
VAL C    C N N 360 
VAL O    O N N 361 
VAL CB   C N N 362 
VAL CG1  C N N 363 
VAL CG2  C N N 364 
VAL OXT  O N N 365 
VAL H    H N N 366 
VAL H2   H N N 367 
VAL HA   H N N 368 
VAL HB   H N N 369 
VAL HG11 H N N 370 
VAL HG12 H N N 371 
VAL HG13 H N N 372 
VAL HG21 H N N 373 
VAL HG22 H N N 374 
VAL HG23 H N N 375 
VAL HXT  H N N 376 
# 
loop_
_chem_comp_bond.comp_id 
_chem_comp_bond.atom_id_1 
_chem_comp_bond.atom_id_2 
_chem_comp_bond.value_order 
_chem_comp_bond.pdbx_aromatic_flag 
_chem_comp_bond.pdbx_stereo_config 
_chem_comp_bond.pdbx_ordinal 
ALA N   CA   sing N N 1   
ALA N   H    sing N N 2   
ALA N   H2   sing N N 3   
ALA CA  C    sing N N 4   
ALA CA  CB   sing N N 5   
ALA CA  HA   sing N N 6   
ALA C   O    doub N N 7   
ALA C   OXT  sing N N 8   
ALA CB  HB1  sing N N 9   
ALA CB  HB2  sing N N 10  
ALA CB  HB3  sing N N 11  
ALA OXT HXT  sing N N 12  
ARG N   CA   sing N N 13  
ARG N   H    sing N N 14  
ARG N   H2   sing N N 15  
ARG CA  C    sing N N 16  
ARG CA  CB   sing N N 17  
ARG CA  HA   sing N N 18  
ARG C   O    doub N N 19  
ARG C   OXT  sing N N 20  
ARG CB  CG   sing N N 21  
ARG CB  HB2  sing N N 22  
ARG CB  HB3  sing N N 23  
ARG CG  CD   sing N N 24  
ARG CG  HG2  sing N N 25  
ARG CG  HG3  sing N N 26  
ARG CD  NE   sing N N 27  
ARG CD  HD2  sing N N 28  
ARG CD  HD3  sing N N 29  
ARG NE  CZ   sing N N 30  
ARG NE  HE   sing N N 31  
ARG CZ  NH1  sing N N 32  
ARG CZ  NH2  doub N N 33  
ARG NH1 HH11 sing N N 34  
ARG NH1 HH12 sing N N 35  
ARG NH2 HH21 sing N N 36  
ARG NH2 HH22 sing N N 37  
ARG OXT HXT  sing N N 38  
ASN N   CA   sing N N 39  
ASN N   H    sing N N 40  
ASN N   H2   sing N N 41  
ASN CA  C    sing N N 42  
ASN CA  CB   sing N N 43  
ASN CA  HA   sing N N 44  
ASN C   O    doub N N 45  
ASN C   OXT  sing N N 46  
ASN CB  CG   sing N N 47  
ASN CB  HB2  sing N N 48  
ASN CB  HB3  sing N N 49  
ASN CG  OD1  doub N N 50  
ASN CG  ND2  sing N N 51  
ASN ND2 HD21 sing N N 52  
ASN ND2 HD22 sing N N 53  
ASN OXT HXT  sing N N 54  
ASP N   CA   sing N N 55  
ASP N   H    sing N N 56  
ASP N   H2   sing N N 57  
ASP CA  C    sing N N 58  
ASP CA  CB   sing N N 59  
ASP CA  HA   sing N N 60  
ASP C   O    doub N N 61  
ASP C   OXT  sing N N 62  
ASP CB  CG   sing N N 63  
ASP CB  HB2  sing N N 64  
ASP CB  HB3  sing N N 65  
ASP CG  OD1  doub N N 66  
ASP CG  OD2  sing N N 67  
ASP OD2 HD2  sing N N 68  
ASP OXT HXT  sing N N 69  
GLN N   CA   sing N N 70  
GLN N   H    sing N N 71  
GLN N   H2   sing N N 72  
GLN CA  C    sing N N 73  
GLN CA  CB   sing N N 74  
GLN CA  HA   sing N N 75  
GLN C   O    doub N N 76  
GLN C   OXT  sing N N 77  
GLN CB  CG   sing N N 78  
GLN CB  HB2  sing N N 79  
GLN CB  HB3  sing N N 80  
GLN CG  CD   sing N N 81  
GLN CG  HG2  sing N N 82  
GLN CG  HG3  sing N N 83  
GLN CD  OE1  doub N N 84  
GLN CD  NE2  sing N N 85  
GLN NE2 HE21 sing N N 86  
GLN NE2 HE22 sing N N 87  
GLN OXT HXT  sing N N 88  
GLU N   CA   sing N N 89  
GLU N   H    sing N N 90  
GLU N   H2   sing N N 91  
GLU CA  C    sing N N 92  
GLU CA  CB   sing N N 93  
GLU CA  HA   sing N N 94  
GLU C   O    doub N N 95  
GLU C   OXT  sing N N 96  
GLU CB  CG   sing N N 97  
GLU CB  HB2  sing N N 98  
GLU CB  HB3  sing N N 99  
GLU CG  CD   sing N N 100 
GLU CG  HG2  sing N N 101 
GLU CG  HG3  sing N N 102 
GLU CD  OE1  doub N N 103 
GLU CD  OE2  sing N N 104 
GLU OE2 HE2  sing N N 105 
GLU OXT HXT  sing N N 106 
GLY N   CA   sing N N 107 
GLY N   H    sing N N 108 
GLY N   H2   sing N N 109 
GLY CA  C    sing N N 110 
GLY CA  HA2  sing N N 111 
GLY CA  HA3  sing N N 112 
GLY C   O    doub N N 113 
GLY C   OXT  sing N N 114 
GLY OXT HXT  sing N N 115 
HIS N   CA   sing N N 116 
HIS N   H    sing N N 117 
HIS N   H2   sing N N 118 
HIS CA  C    sing N N 119 
HIS CA  CB   sing N N 120 
HIS CA  HA   sing N N 121 
HIS C   O    doub N N 122 
HIS C   OXT  sing N N 123 
HIS CB  CG   sing N N 124 
HIS CB  HB2  sing N N 125 
HIS CB  HB3  sing N N 126 
HIS CG  ND1  sing Y N 127 
HIS CG  CD2  doub Y N 128 
HIS ND1 CE1  doub Y N 129 
HIS ND1 HD1  sing N N 130 
HIS CD2 NE2  sing Y N 131 
HIS CD2 HD2  sing N N 132 
HIS CE1 NE2  sing Y N 133 
HIS CE1 HE1  sing N N 134 
HIS NE2 HE2  sing N N 135 
HIS OXT HXT  sing N N 136 
HOH O   H1   sing N N 137 
HOH O   H2   sing N N 138 
ILE N   CA   sing N N 139 
ILE N   H    sing N N 140 
ILE N   H2   sing N N 141 
ILE CA  C    sing N N 142 
ILE CA  CB   sing N N 143 
ILE CA  HA   sing N N 144 
ILE C   O    doub N N 145 
ILE C   OXT  sing N N 146 
ILE CB  CG1  sing N N 147 
ILE CB  CG2  sing N N 148 
ILE CB  HB   sing N N 149 
ILE CG1 CD1  sing N N 150 
ILE CG1 HG12 sing N N 151 
ILE CG1 HG13 sing N N 152 
ILE CG2 HG21 sing N N 153 
ILE CG2 HG22 sing N N 154 
ILE CG2 HG23 sing N N 155 
ILE CD1 HD11 sing N N 156 
ILE CD1 HD12 sing N N 157 
ILE CD1 HD13 sing N N 158 
ILE OXT HXT  sing N N 159 
LEU N   CA   sing N N 160 
LEU N   H    sing N N 161 
LEU N   H2   sing N N 162 
LEU CA  C    sing N N 163 
LEU CA  CB   sing N N 164 
LEU CA  HA   sing N N 165 
LEU C   O    doub N N 166 
LEU C   OXT  sing N N 167 
LEU CB  CG   sing N N 168 
LEU CB  HB2  sing N N 169 
LEU CB  HB3  sing N N 170 
LEU CG  CD1  sing N N 171 
LEU CG  CD2  sing N N 172 
LEU CG  HG   sing N N 173 
LEU CD1 HD11 sing N N 174 
LEU CD1 HD12 sing N N 175 
LEU CD1 HD13 sing N N 176 
LEU CD2 HD21 sing N N 177 
LEU CD2 HD22 sing N N 178 
LEU CD2 HD23 sing N N 179 
LEU OXT HXT  sing N N 180 
LYS N   CA   sing N N 181 
LYS N   H    sing N N 182 
LYS N   H2   sing N N 183 
LYS CA  C    sing N N 184 
LYS CA  CB   sing N N 185 
LYS CA  HA   sing N N 186 
LYS C   O    doub N N 187 
LYS C   OXT  sing N N 188 
LYS CB  CG   sing N N 189 
LYS CB  HB2  sing N N 190 
LYS CB  HB3  sing N N 191 
LYS CG  CD   sing N N 192 
LYS CG  HG2  sing N N 193 
LYS CG  HG3  sing N N 194 
LYS CD  CE   sing N N 195 
LYS CD  HD2  sing N N 196 
LYS CD  HD3  sing N N 197 
LYS CE  NZ   sing N N 198 
LYS CE  HE2  sing N N 199 
LYS CE  HE3  sing N N 200 
LYS NZ  HZ1  sing N N 201 
LYS NZ  HZ2  sing N N 202 
LYS NZ  HZ3  sing N N 203 
LYS OXT HXT  sing N N 204 
MET N   CA   sing N N 205 
MET N   H    sing N N 206 
MET N   H2   sing N N 207 
MET CA  C    sing N N 208 
MET CA  CB   sing N N 209 
MET CA  HA   sing N N 210 
MET C   O    doub N N 211 
MET C   OXT  sing N N 212 
MET CB  CG   sing N N 213 
MET CB  HB2  sing N N 214 
MET CB  HB3  sing N N 215 
MET CG  SD   sing N N 216 
MET CG  HG2  sing N N 217 
MET CG  HG3  sing N N 218 
MET SD  CE   sing N N 219 
MET CE  HE1  sing N N 220 
MET CE  HE2  sing N N 221 
MET CE  HE3  sing N N 222 
MET OXT HXT  sing N N 223 
PHE N   CA   sing N N 224 
PHE N   H    sing N N 225 
PHE N   H2   sing N N 226 
PHE CA  C    sing N N 227 
PHE CA  CB   sing N N 228 
PHE CA  HA   sing N N 229 
PHE C   O    doub N N 230 
PHE C   OXT  sing N N 231 
PHE CB  CG   sing N N 232 
PHE CB  HB2  sing N N 233 
PHE CB  HB3  sing N N 234 
PHE CG  CD1  doub Y N 235 
PHE CG  CD2  sing Y N 236 
PHE CD1 CE1  sing Y N 237 
PHE CD1 HD1  sing N N 238 
PHE CD2 CE2  doub Y N 239 
PHE CD2 HD2  sing N N 240 
PHE CE1 CZ   doub Y N 241 
PHE CE1 HE1  sing N N 242 
PHE CE2 CZ   sing Y N 243 
PHE CE2 HE2  sing N N 244 
PHE CZ  HZ   sing N N 245 
PHE OXT HXT  sing N N 246 
PRO N   CA   sing N N 247 
PRO N   CD   sing N N 248 
PRO N   H    sing N N 249 
PRO CA  C    sing N N 250 
PRO CA  CB   sing N N 251 
PRO CA  HA   sing N N 252 
PRO C   O    doub N N 253 
PRO C   OXT  sing N N 254 
PRO CB  CG   sing N N 255 
PRO CB  HB2  sing N N 256 
PRO CB  HB3  sing N N 257 
PRO CG  CD   sing N N 258 
PRO CG  HG2  sing N N 259 
PRO CG  HG3  sing N N 260 
PRO CD  HD2  sing N N 261 
PRO CD  HD3  sing N N 262 
PRO OXT HXT  sing N N 263 
SER N   CA   sing N N 264 
SER N   H    sing N N 265 
SER N   H2   sing N N 266 
SER CA  C    sing N N 267 
SER CA  CB   sing N N 268 
SER CA  HA   sing N N 269 
SER C   O    doub N N 270 
SER C   OXT  sing N N 271 
SER CB  OG   sing N N 272 
SER CB  HB2  sing N N 273 
SER CB  HB3  sing N N 274 
SER OG  HG   sing N N 275 
SER OXT HXT  sing N N 276 
THR N   CA   sing N N 277 
THR N   H    sing N N 278 
THR N   H2   sing N N 279 
THR CA  C    sing N N 280 
THR CA  CB   sing N N 281 
THR CA  HA   sing N N 282 
THR C   O    doub N N 283 
THR C   OXT  sing N N 284 
THR CB  OG1  sing N N 285 
THR CB  CG2  sing N N 286 
THR CB  HB   sing N N 287 
THR OG1 HG1  sing N N 288 
THR CG2 HG21 sing N N 289 
THR CG2 HG22 sing N N 290 
THR CG2 HG23 sing N N 291 
THR OXT HXT  sing N N 292 
TRP N   CA   sing N N 293 
TRP N   H    sing N N 294 
TRP N   H2   sing N N 295 
TRP CA  C    sing N N 296 
TRP CA  CB   sing N N 297 
TRP CA  HA   sing N N 298 
TRP C   O    doub N N 299 
TRP C   OXT  sing N N 300 
TRP CB  CG   sing N N 301 
TRP CB  HB2  sing N N 302 
TRP CB  HB3  sing N N 303 
TRP CG  CD1  doub Y N 304 
TRP CG  CD2  sing Y N 305 
TRP CD1 NE1  sing Y N 306 
TRP CD1 HD1  sing N N 307 
TRP CD2 CE2  doub Y N 308 
TRP CD2 CE3  sing Y N 309 
TRP NE1 CE2  sing Y N 310 
TRP NE1 HE1  sing N N 311 
TRP CE2 CZ2  sing Y N 312 
TRP CE3 CZ3  doub Y N 313 
TRP CE3 HE3  sing N N 314 
TRP CZ2 CH2  doub Y N 315 
TRP CZ2 HZ2  sing N N 316 
TRP CZ3 CH2  sing Y N 317 
TRP CZ3 HZ3  sing N N 318 
TRP CH2 HH2  sing N N 319 
TRP OXT HXT  sing N N 320 
TYR N   CA   sing N N 321 
TYR N   H    sing N N 322 
TYR N   H2   sing N N 323 
TYR CA  C    sing N N 324 
TYR CA  CB   sing N N 325 
TYR CA  HA   sing N N 326 
TYR C   O    doub N N 327 
TYR C   OXT  sing N N 328 
TYR CB  CG   sing N N 329 
TYR CB  HB2  sing N N 330 
TYR CB  HB3  sing N N 331 
TYR CG  CD1  doub Y N 332 
TYR CG  CD2  sing Y N 333 
TYR CD1 CE1  sing Y N 334 
TYR CD1 HD1  sing N N 335 
TYR CD2 CE2  doub Y N 336 
TYR CD2 HD2  sing N N 337 
TYR CE1 CZ   doub Y N 338 
TYR CE1 HE1  sing N N 339 
TYR CE2 CZ   sing Y N 340 
TYR CE2 HE2  sing N N 341 
TYR CZ  OH   sing N N 342 
TYR OH  HH   sing N N 343 
TYR OXT HXT  sing N N 344 
VAL N   CA   sing N N 345 
VAL N   H    sing N N 346 
VAL N   H2   sing N N 347 
VAL CA  C    sing N N 348 
VAL CA  CB   sing N N 349 
VAL CA  HA   sing N N 350 
VAL C   O    doub N N 351 
VAL C   OXT  sing N N 352 
VAL CB  CG1  sing N N 353 
VAL CB  CG2  sing N N 354 
VAL CB  HB   sing N N 355 
VAL CG1 HG11 sing N N 356 
VAL CG1 HG12 sing N N 357 
VAL CG1 HG13 sing N N 358 
VAL CG2 HG21 sing N N 359 
VAL CG2 HG22 sing N N 360 
VAL CG2 HG23 sing N N 361 
VAL OXT HXT  sing N N 362 
# 
_pdbx_entity_nonpoly.entity_id   2 
_pdbx_entity_nonpoly.name        water 
_pdbx_entity_nonpoly.comp_id     HOH 
# 
_pdbx_initial_refinement_model.id               1 
_pdbx_initial_refinement_model.entity_id_list   ? 
_pdbx_initial_refinement_model.type             'experimental model' 
_pdbx_initial_refinement_model.source_name      PDB 
_pdbx_initial_refinement_model.accession_code   1GYU 
_pdbx_initial_refinement_model.details          ? 
# 
